data_5FHW
# 
_entry.id   5FHW 
# 
_audit_conform.dict_name       mmcif_pdbx.dic 
_audit_conform.dict_version    5.399 
_audit_conform.dict_location   http://mmcif.pdb.org/dictionaries/ascii/mmcif_pdbx.dic 
# 
loop_
_database_2.database_id 
_database_2.database_code 
_database_2.pdbx_database_accession 
_database_2.pdbx_DOI 
PDB   5FHW         pdb_00005fhw 10.2210/pdb5fhw/pdb 
WWPDB D_1000216374 ?            ?                   
# 
loop_
_pdbx_audit_revision_history.ordinal 
_pdbx_audit_revision_history.data_content_type 
_pdbx_audit_revision_history.major_revision 
_pdbx_audit_revision_history.minor_revision 
_pdbx_audit_revision_history.revision_date 
1 'Structure model' 1 0 2017-01-11 
2 'Structure model' 1 1 2018-12-05 
3 'Structure model' 1 2 2024-01-10 
4 'Structure model' 1 3 2024-11-20 
# 
_pdbx_audit_revision_details.ordinal             1 
_pdbx_audit_revision_details.revision_ordinal    1 
_pdbx_audit_revision_details.data_content_type   'Structure model' 
_pdbx_audit_revision_details.provider            repository 
_pdbx_audit_revision_details.type                'Initial release' 
_pdbx_audit_revision_details.description         ? 
_pdbx_audit_revision_details.details             ? 
# 
loop_
_pdbx_audit_revision_group.ordinal 
_pdbx_audit_revision_group.revision_ordinal 
_pdbx_audit_revision_group.data_content_type 
_pdbx_audit_revision_group.group 
1 2 'Structure model' 'Data collection'        
2 2 'Structure model' 'Derived calculations'   
3 2 'Structure model' 'Source and taxonomy'    
4 2 'Structure model' 'Structure summary'      
5 3 'Structure model' 'Data collection'        
6 3 'Structure model' 'Database references'    
7 3 'Structure model' 'Refinement description' 
8 4 'Structure model' 'Structure summary'      
# 
loop_
_pdbx_audit_revision_category.ordinal 
_pdbx_audit_revision_category.revision_ordinal 
_pdbx_audit_revision_category.data_content_type 
_pdbx_audit_revision_category.category 
1  2 'Structure model' entity                        
2  2 'Structure model' entity_src_nat                
3  2 'Structure model' pdbx_entity_src_syn           
4  2 'Structure model' pdbx_struct_special_symmetry  
5  3 'Structure model' chem_comp_atom                
6  3 'Structure model' chem_comp_bond                
7  3 'Structure model' database_2                    
8  3 'Structure model' pdbx_initial_refinement_model 
9  4 'Structure model' pdbx_entry_details            
10 4 'Structure model' pdbx_modification_feature     
# 
loop_
_pdbx_audit_revision_item.ordinal 
_pdbx_audit_revision_item.revision_ordinal 
_pdbx_audit_revision_item.data_content_type 
_pdbx_audit_revision_item.item 
1 2 'Structure model' '_entity.src_method'                  
2 3 'Structure model' '_database_2.pdbx_DOI'                
3 3 'Structure model' '_database_2.pdbx_database_accession' 
# 
_pdbx_database_status.status_code                     REL 
_pdbx_database_status.status_code_sf                  REL 
_pdbx_database_status.status_code_mr                  ? 
_pdbx_database_status.entry_id                        5FHW 
_pdbx_database_status.recvd_initial_deposition_date   2015-12-22 
_pdbx_database_status.SG_entry                        N 
_pdbx_database_status.deposit_site                    RCSB 
_pdbx_database_status.process_site                    PDBE 
_pdbx_database_status.status_code_cs                  ? 
_pdbx_database_status.methods_development_category    ? 
_pdbx_database_status.pdb_format_compatible           Y 
_pdbx_database_status.status_code_nmr_data            ? 
# 
_pdbx_database_related.db_name        PDB 
_pdbx_database_related.details        
'4XYY contains the same protein, Hen Egg-White Lysozyme (HEWL), complexed with Zr(IV)-substituted Keggin-type polyoxometalate.' 
_pdbx_database_related.db_id          4XYY 
_pdbx_database_related.content_type   unspecified 
# 
loop_
_audit_author.name 
_audit_author.pdbx_ordinal 
'Vandebroek, L.'   1 
'De Zitter, E.'    2 
'Van Meervelt, L.' 3 
# 
_citation.abstract                  ? 
_citation.abstract_id_CAS           ? 
_citation.book_id_ISBN              ? 
_citation.book_publisher            ? 
_citation.book_publisher_city       ? 
_citation.book_title                ? 
_citation.coordinate_linkage        ? 
_citation.country                   ? 
_citation.database_id_Medline       ? 
_citation.details                   ? 
_citation.id                        primary 
_citation.journal_abbrev            'To Be Published' 
_citation.journal_id_ASTM           ? 
_citation.journal_id_CSD            0353 
_citation.journal_id_ISSN           ? 
_citation.journal_full              ? 
_citation.journal_issue             ? 
_citation.journal_volume            ? 
_citation.language                  ? 
_citation.page_first                ? 
_citation.page_last                 ? 
_citation.title                     
;Structural Characterization of the Complex between Hen Egg- White Lysozyme and HfIV-Substituted Wells Dawson Polyoxometalate as Artificial Protease
;
_citation.year                      ? 
_citation.database_id_CSD           ? 
_citation.pdbx_database_id_DOI      ? 
_citation.pdbx_database_id_PubMed   ? 
_citation.unpublished_flag          ? 
# 
loop_
_citation_author.citation_id 
_citation_author.name 
_citation_author.ordinal 
_citation_author.identifier_ORCID 
primary 'Vandebroek, L.'   1 ? 
primary 'De Zitter, E.'    2 ? 
primary 'Van Meervelt, L.' 3 ? 
primary 'Parac-Vogt, T.N.' 4 ? 
# 
loop_
_entity.id 
_entity.type 
_entity.src_method 
_entity.pdbx_description 
_entity.formula_weight 
_entity.pdbx_number_of_molecules 
_entity.pdbx_ec 
_entity.pdbx_mutation 
_entity.pdbx_fragment 
_entity.details 
1 polymer     nat 'Lysozyme C'                  14331.160 1   3.2.1.17 ? ? ? 
2 non-polymer syn 'Dawson-type polyoxometalate' 4343.697  1   ?        ? ? ? 
3 non-polymer syn 'POTASSIUM ION'               39.098    2   ?        ? ? ? 
4 water       nat water                         18.015    172 ?        ? ? ? 
# 
_entity_name_com.entity_id   1 
_entity_name_com.name        '1,4-beta-N-acetylmuramidase C,Allergen Gal d IV' 
# 
_entity_poly.entity_id                      1 
_entity_poly.type                           'polypeptide(L)' 
_entity_poly.nstd_linkage                   no 
_entity_poly.nstd_monomer                   no 
_entity_poly.pdbx_seq_one_letter_code       
;KVFGRCELAAAMKRHGLDNYRGYSLGNWVCAAKFESNFNTQATNRNTDGSTDYGILQINSRWWCNDGRTPGSRNLCNIPC
SALLSSDITASVNCAKKIVSDGNGMNAWVAWRNRCKGTDVQAWIRGCRL
;
_entity_poly.pdbx_seq_one_letter_code_can   
;KVFGRCELAAAMKRHGLDNYRGYSLGNWVCAAKFESNFNTQATNRNTDGSTDYGILQINSRWWCNDGRTPGSRNLCNIPC
SALLSSDITASVNCAKKIVSDGNGMNAWVAWRNRCKGTDVQAWIRGCRL
;
_entity_poly.pdbx_strand_id                 A 
_entity_poly.pdbx_target_identifier         ? 
# 
loop_
_pdbx_entity_nonpoly.entity_id 
_pdbx_entity_nonpoly.name 
_pdbx_entity_nonpoly.comp_id 
2 'Dawson-type polyoxometalate' HFW 
3 'POTASSIUM ION'               K   
4 water                         HOH 
# 
loop_
_entity_poly_seq.entity_id 
_entity_poly_seq.num 
_entity_poly_seq.mon_id 
_entity_poly_seq.hetero 
1 1   LYS n 
1 2   VAL n 
1 3   PHE n 
1 4   GLY n 
1 5   ARG n 
1 6   CYS n 
1 7   GLU n 
1 8   LEU n 
1 9   ALA n 
1 10  ALA n 
1 11  ALA n 
1 12  MET n 
1 13  LYS n 
1 14  ARG n 
1 15  HIS n 
1 16  GLY n 
1 17  LEU n 
1 18  ASP n 
1 19  ASN n 
1 20  TYR n 
1 21  ARG n 
1 22  GLY n 
1 23  TYR n 
1 24  SER n 
1 25  LEU n 
1 26  GLY n 
1 27  ASN n 
1 28  TRP n 
1 29  VAL n 
1 30  CYS n 
1 31  ALA n 
1 32  ALA n 
1 33  LYS n 
1 34  PHE n 
1 35  GLU n 
1 36  SER n 
1 37  ASN n 
1 38  PHE n 
1 39  ASN n 
1 40  THR n 
1 41  GLN n 
1 42  ALA n 
1 43  THR n 
1 44  ASN n 
1 45  ARG n 
1 46  ASN n 
1 47  THR n 
1 48  ASP n 
1 49  GLY n 
1 50  SER n 
1 51  THR n 
1 52  ASP n 
1 53  TYR n 
1 54  GLY n 
1 55  ILE n 
1 56  LEU n 
1 57  GLN n 
1 58  ILE n 
1 59  ASN n 
1 60  SER n 
1 61  ARG n 
1 62  TRP n 
1 63  TRP n 
1 64  CYS n 
1 65  ASN n 
1 66  ASP n 
1 67  GLY n 
1 68  ARG n 
1 69  THR n 
1 70  PRO n 
1 71  GLY n 
1 72  SER n 
1 73  ARG n 
1 74  ASN n 
1 75  LEU n 
1 76  CYS n 
1 77  ASN n 
1 78  ILE n 
1 79  PRO n 
1 80  CYS n 
1 81  SER n 
1 82  ALA n 
1 83  LEU n 
1 84  LEU n 
1 85  SER n 
1 86  SER n 
1 87  ASP n 
1 88  ILE n 
1 89  THR n 
1 90  ALA n 
1 91  SER n 
1 92  VAL n 
1 93  ASN n 
1 94  CYS n 
1 95  ALA n 
1 96  LYS n 
1 97  LYS n 
1 98  ILE n 
1 99  VAL n 
1 100 SER n 
1 101 ASP n 
1 102 GLY n 
1 103 ASN n 
1 104 GLY n 
1 105 MET n 
1 106 ASN n 
1 107 ALA n 
1 108 TRP n 
1 109 VAL n 
1 110 ALA n 
1 111 TRP n 
1 112 ARG n 
1 113 ASN n 
1 114 ARG n 
1 115 CYS n 
1 116 LYS n 
1 117 GLY n 
1 118 THR n 
1 119 ASP n 
1 120 VAL n 
1 121 GLN n 
1 122 ALA n 
1 123 TRP n 
1 124 ILE n 
1 125 ARG n 
1 126 GLY n 
1 127 CYS n 
1 128 ARG n 
1 129 LEU n 
# 
_entity_src_nat.entity_id                  1 
_entity_src_nat.pdbx_src_id                1 
_entity_src_nat.pdbx_alt_source_flag       sample 
_entity_src_nat.pdbx_beg_seq_num           1 
_entity_src_nat.pdbx_end_seq_num           129 
_entity_src_nat.common_name                Chicken 
_entity_src_nat.pdbx_organism_scientific   'Gallus gallus' 
_entity_src_nat.pdbx_ncbi_taxonomy_id      9031 
_entity_src_nat.genus                      ? 
_entity_src_nat.species                    ? 
_entity_src_nat.strain                     ? 
_entity_src_nat.tissue                     ? 
_entity_src_nat.tissue_fraction            ? 
_entity_src_nat.pdbx_secretion             ? 
_entity_src_nat.pdbx_fragment              ? 
_entity_src_nat.pdbx_variant               ? 
_entity_src_nat.pdbx_cell_line             ? 
_entity_src_nat.pdbx_atcc                  ? 
_entity_src_nat.pdbx_cellular_location     ? 
_entity_src_nat.pdbx_organ                 ? 
_entity_src_nat.pdbx_organelle             ? 
_entity_src_nat.pdbx_cell                  ? 
_entity_src_nat.pdbx_plasmid_name          ? 
_entity_src_nat.pdbx_plasmid_details       ? 
_entity_src_nat.details                    ? 
# 
loop_
_chem_comp.id 
_chem_comp.type 
_chem_comp.mon_nstd_flag 
_chem_comp.name 
_chem_comp.pdbx_synonyms 
_chem_comp.formula 
_chem_comp.formula_weight 
ALA 'L-peptide linking' y ALANINE                       ? 'C3 H7 N O2'     89.093   
ARG 'L-peptide linking' y ARGININE                      ? 'C6 H15 N4 O2 1' 175.209  
ASN 'L-peptide linking' y ASPARAGINE                    ? 'C4 H8 N2 O3'    132.118  
ASP 'L-peptide linking' y 'ASPARTIC ACID'               ? 'C4 H7 N O4'     133.103  
CYS 'L-peptide linking' y CYSTEINE                      ? 'C3 H7 N O2 S'   121.158  
GLN 'L-peptide linking' y GLUTAMINE                     ? 'C5 H10 N2 O3'   146.144  
GLU 'L-peptide linking' y 'GLUTAMIC ACID'               ? 'C5 H9 N O4'     147.129  
GLY 'peptide linking'   y GLYCINE                       ? 'C2 H5 N O2'     75.067   
HFW non-polymer         . 'Dawson-type polyoxometalate' ? 'Hf O61 P2 W17'  4343.697 
HIS 'L-peptide linking' y HISTIDINE                     ? 'C6 H10 N3 O2 1' 156.162  
HOH non-polymer         . WATER                         ? 'H2 O'           18.015   
ILE 'L-peptide linking' y ISOLEUCINE                    ? 'C6 H13 N O2'    131.173  
K   non-polymer         . 'POTASSIUM ION'               ? 'K 1'            39.098   
LEU 'L-peptide linking' y LEUCINE                       ? 'C6 H13 N O2'    131.173  
LYS 'L-peptide linking' y LYSINE                        ? 'C6 H15 N2 O2 1' 147.195  
MET 'L-peptide linking' y METHIONINE                    ? 'C5 H11 N O2 S'  149.211  
PHE 'L-peptide linking' y PHENYLALANINE                 ? 'C9 H11 N O2'    165.189  
PRO 'L-peptide linking' y PROLINE                       ? 'C5 H9 N O2'     115.130  
SER 'L-peptide linking' y SERINE                        ? 'C3 H7 N O3'     105.093  
THR 'L-peptide linking' y THREONINE                     ? 'C4 H9 N O3'     119.119  
TRP 'L-peptide linking' y TRYPTOPHAN                    ? 'C11 H12 N2 O2'  204.225  
TYR 'L-peptide linking' y TYROSINE                      ? 'C9 H11 N O3'    181.189  
VAL 'L-peptide linking' y VALINE                        ? 'C5 H11 N O2'    117.146  
# 
loop_
_pdbx_poly_seq_scheme.asym_id 
_pdbx_poly_seq_scheme.entity_id 
_pdbx_poly_seq_scheme.seq_id 
_pdbx_poly_seq_scheme.mon_id 
_pdbx_poly_seq_scheme.ndb_seq_num 
_pdbx_poly_seq_scheme.pdb_seq_num 
_pdbx_poly_seq_scheme.auth_seq_num 
_pdbx_poly_seq_scheme.pdb_mon_id 
_pdbx_poly_seq_scheme.auth_mon_id 
_pdbx_poly_seq_scheme.pdb_strand_id 
_pdbx_poly_seq_scheme.pdb_ins_code 
_pdbx_poly_seq_scheme.hetero 
A 1 1   LYS 1   1   1   LYS LYS A . n 
A 1 2   VAL 2   2   2   VAL VAL A . n 
A 1 3   PHE 3   3   3   PHE PHE A . n 
A 1 4   GLY 4   4   4   GLY GLY A . n 
A 1 5   ARG 5   5   5   ARG ARG A . n 
A 1 6   CYS 6   6   6   CYS CYS A . n 
A 1 7   GLU 7   7   7   GLU GLU A . n 
A 1 8   LEU 8   8   8   LEU LEU A . n 
A 1 9   ALA 9   9   9   ALA ALA A . n 
A 1 10  ALA 10  10  10  ALA ALA A . n 
A 1 11  ALA 11  11  11  ALA ALA A . n 
A 1 12  MET 12  12  12  MET MET A . n 
A 1 13  LYS 13  13  13  LYS LYS A . n 
A 1 14  ARG 14  14  14  ARG ARG A . n 
A 1 15  HIS 15  15  15  HIS HIS A . n 
A 1 16  GLY 16  16  16  GLY GLY A . n 
A 1 17  LEU 17  17  17  LEU LEU A . n 
A 1 18  ASP 18  18  18  ASP ASP A . n 
A 1 19  ASN 19  19  19  ASN ASN A . n 
A 1 20  TYR 20  20  20  TYR TYR A . n 
A 1 21  ARG 21  21  21  ARG ARG A . n 
A 1 22  GLY 22  22  22  GLY GLY A . n 
A 1 23  TYR 23  23  23  TYR TYR A . n 
A 1 24  SER 24  24  24  SER SER A . n 
A 1 25  LEU 25  25  25  LEU LEU A . n 
A 1 26  GLY 26  26  26  GLY GLY A . n 
A 1 27  ASN 27  27  27  ASN ASN A . n 
A 1 28  TRP 28  28  28  TRP TRP A . n 
A 1 29  VAL 29  29  29  VAL VAL A . n 
A 1 30  CYS 30  30  30  CYS CYS A . n 
A 1 31  ALA 31  31  31  ALA ALA A . n 
A 1 32  ALA 32  32  32  ALA ALA A . n 
A 1 33  LYS 33  33  33  LYS LYS A . n 
A 1 34  PHE 34  34  34  PHE PHE A . n 
A 1 35  GLU 35  35  35  GLU GLU A . n 
A 1 36  SER 36  36  36  SER SER A . n 
A 1 37  ASN 37  37  37  ASN ASN A . n 
A 1 38  PHE 38  38  38  PHE PHE A . n 
A 1 39  ASN 39  39  39  ASN ASN A . n 
A 1 40  THR 40  40  40  THR THR A . n 
A 1 41  GLN 41  41  41  GLN GLN A . n 
A 1 42  ALA 42  42  42  ALA ALA A . n 
A 1 43  THR 43  43  43  THR THR A . n 
A 1 44  ASN 44  44  44  ASN ASN A . n 
A 1 45  ARG 45  45  45  ARG ARG A . n 
A 1 46  ASN 46  46  46  ASN ASN A . n 
A 1 47  THR 47  47  47  THR THR A . n 
A 1 48  ASP 48  48  48  ASP ASP A . n 
A 1 49  GLY 49  49  49  GLY GLY A . n 
A 1 50  SER 50  50  50  SER SER A . n 
A 1 51  THR 51  51  51  THR THR A . n 
A 1 52  ASP 52  52  52  ASP ASP A . n 
A 1 53  TYR 53  53  53  TYR TYR A . n 
A 1 54  GLY 54  54  54  GLY GLY A . n 
A 1 55  ILE 55  55  55  ILE ILE A . n 
A 1 56  LEU 56  56  56  LEU LEU A . n 
A 1 57  GLN 57  57  57  GLN GLN A . n 
A 1 58  ILE 58  58  58  ILE ILE A . n 
A 1 59  ASN 59  59  59  ASN ASN A . n 
A 1 60  SER 60  60  60  SER SER A . n 
A 1 61  ARG 61  61  61  ARG ARG A . n 
A 1 62  TRP 62  62  62  TRP TRP A . n 
A 1 63  TRP 63  63  63  TRP TRP A . n 
A 1 64  CYS 64  64  64  CYS CYS A . n 
A 1 65  ASN 65  65  65  ASN ASN A . n 
A 1 66  ASP 66  66  66  ASP ASP A . n 
A 1 67  GLY 67  67  67  GLY GLY A . n 
A 1 68  ARG 68  68  68  ARG ARG A . n 
A 1 69  THR 69  69  69  THR THR A . n 
A 1 70  PRO 70  70  70  PRO PRO A . n 
A 1 71  GLY 71  71  71  GLY GLY A . n 
A 1 72  SER 72  72  72  SER SER A . n 
A 1 73  ARG 73  73  73  ARG ARG A . n 
A 1 74  ASN 74  74  74  ASN ASN A . n 
A 1 75  LEU 75  75  75  LEU LEU A . n 
A 1 76  CYS 76  76  76  CYS CYS A . n 
A 1 77  ASN 77  77  77  ASN ASN A . n 
A 1 78  ILE 78  78  78  ILE ILE A . n 
A 1 79  PRO 79  79  79  PRO PRO A . n 
A 1 80  CYS 80  80  80  CYS CYS A . n 
A 1 81  SER 81  81  81  SER SER A . n 
A 1 82  ALA 82  82  82  ALA ALA A . n 
A 1 83  LEU 83  83  83  LEU LEU A . n 
A 1 84  LEU 84  84  84  LEU LEU A . n 
A 1 85  SER 85  85  85  SER SER A . n 
A 1 86  SER 86  86  86  SER SER A . n 
A 1 87  ASP 87  87  87  ASP ASP A . n 
A 1 88  ILE 88  88  88  ILE ILE A . n 
A 1 89  THR 89  89  89  THR THR A . n 
A 1 90  ALA 90  90  90  ALA ALA A . n 
A 1 91  SER 91  91  91  SER SER A . n 
A 1 92  VAL 92  92  92  VAL VAL A . n 
A 1 93  ASN 93  93  93  ASN ASN A . n 
A 1 94  CYS 94  94  94  CYS CYS A . n 
A 1 95  ALA 95  95  95  ALA ALA A . n 
A 1 96  LYS 96  96  96  LYS LYS A . n 
A 1 97  LYS 97  97  97  LYS LYS A . n 
A 1 98  ILE 98  98  98  ILE ILE A . n 
A 1 99  VAL 99  99  99  VAL VAL A . n 
A 1 100 SER 100 100 100 SER SER A . n 
A 1 101 ASP 101 101 101 ASP ASP A . n 
A 1 102 GLY 102 102 102 GLY GLY A . n 
A 1 103 ASN 103 103 103 ASN ASN A . n 
A 1 104 GLY 104 104 104 GLY GLY A . n 
A 1 105 MET 105 105 105 MET MET A . n 
A 1 106 ASN 106 106 106 ASN ASN A . n 
A 1 107 ALA 107 107 107 ALA ALA A . n 
A 1 108 TRP 108 108 108 TRP TRP A . n 
A 1 109 VAL 109 109 109 VAL VAL A . n 
A 1 110 ALA 110 110 110 ALA ALA A . n 
A 1 111 TRP 111 111 111 TRP TRP A . n 
A 1 112 ARG 112 112 112 ARG ARG A . n 
A 1 113 ASN 113 113 113 ASN ASN A . n 
A 1 114 ARG 114 114 114 ARG ARG A . n 
A 1 115 CYS 115 115 115 CYS CYS A . n 
A 1 116 LYS 116 116 116 LYS LYS A . n 
A 1 117 GLY 117 117 117 GLY GLY A . n 
A 1 118 THR 118 118 118 THR THR A . n 
A 1 119 ASP 119 119 119 ASP ASP A . n 
A 1 120 VAL 120 120 120 VAL VAL A . n 
A 1 121 GLN 121 121 121 GLN GLN A . n 
A 1 122 ALA 122 122 122 ALA ALA A . n 
A 1 123 TRP 123 123 123 TRP TRP A . n 
A 1 124 ILE 124 124 124 ILE ILE A . n 
A 1 125 ARG 125 125 125 ARG ARG A . n 
A 1 126 GLY 126 126 126 GLY GLY A . n 
A 1 127 CYS 127 127 127 CYS CYS A . n 
A 1 128 ARG 128 128 128 ARG ARG A . n 
A 1 129 LEU 129 129 129 LEU LEU A . n 
# 
loop_
_pdbx_nonpoly_scheme.asym_id 
_pdbx_nonpoly_scheme.entity_id 
_pdbx_nonpoly_scheme.mon_id 
_pdbx_nonpoly_scheme.ndb_seq_num 
_pdbx_nonpoly_scheme.pdb_seq_num 
_pdbx_nonpoly_scheme.auth_seq_num 
_pdbx_nonpoly_scheme.pdb_mon_id 
_pdbx_nonpoly_scheme.auth_mon_id 
_pdbx_nonpoly_scheme.pdb_strand_id 
_pdbx_nonpoly_scheme.pdb_ins_code 
B 2 HFW 1   201 1   HFW HFW A . 
C 3 K   1   202 1   K   K   A . 
D 3 K   1   203 2   K   K   A . 
E 4 HOH 1   301 171 HOH HOH A . 
E 4 HOH 2   302 135 HOH HOH A . 
E 4 HOH 3   303 57  HOH HOH A . 
E 4 HOH 4   304 60  HOH HOH A . 
E 4 HOH 5   305 108 HOH HOH A . 
E 4 HOH 6   306 165 HOH HOH A . 
E 4 HOH 7   307 124 HOH HOH A . 
E 4 HOH 8   308 134 HOH HOH A . 
E 4 HOH 9   309 96  HOH HOH A . 
E 4 HOH 10  310 125 HOH HOH A . 
E 4 HOH 11  311 50  HOH HOH A . 
E 4 HOH 12  312 149 HOH HOH A . 
E 4 HOH 13  313 120 HOH HOH A . 
E 4 HOH 14  314 116 HOH HOH A . 
E 4 HOH 15  315 133 HOH HOH A . 
E 4 HOH 16  316 115 HOH HOH A . 
E 4 HOH 17  317 9   HOH HOH A . 
E 4 HOH 18  318 6   HOH HOH A . 
E 4 HOH 19  319 24  HOH HOH A . 
E 4 HOH 20  320 66  HOH HOH A . 
E 4 HOH 21  321 8   HOH HOH A . 
E 4 HOH 22  322 148 HOH HOH A . 
E 4 HOH 23  323 127 HOH HOH A . 
E 4 HOH 24  324 103 HOH HOH A . 
E 4 HOH 25  325 83  HOH HOH A . 
E 4 HOH 26  326 29  HOH HOH A . 
E 4 HOH 27  327 81  HOH HOH A . 
E 4 HOH 28  328 110 HOH HOH A . 
E 4 HOH 29  329 114 HOH HOH A . 
E 4 HOH 30  330 41  HOH HOH A . 
E 4 HOH 31  331 5   HOH HOH A . 
E 4 HOH 32  332 169 HOH HOH A . 
E 4 HOH 33  333 72  HOH HOH A . 
E 4 HOH 34  334 17  HOH HOH A . 
E 4 HOH 35  335 46  HOH HOH A . 
E 4 HOH 36  336 10  HOH HOH A . 
E 4 HOH 37  337 142 HOH HOH A . 
E 4 HOH 38  338 67  HOH HOH A . 
E 4 HOH 39  339 95  HOH HOH A . 
E 4 HOH 40  340 167 HOH HOH A . 
E 4 HOH 41  341 44  HOH HOH A . 
E 4 HOH 42  342 1   HOH HOH A . 
E 4 HOH 43  343 161 HOH HOH A . 
E 4 HOH 44  344 137 HOH HOH A . 
E 4 HOH 45  345 141 HOH HOH A . 
E 4 HOH 46  346 55  HOH HOH A . 
E 4 HOH 47  347 45  HOH HOH A . 
E 4 HOH 48  348 74  HOH HOH A . 
E 4 HOH 49  349 35  HOH HOH A . 
E 4 HOH 50  350 87  HOH HOH A . 
E 4 HOH 51  351 119 HOH HOH A . 
E 4 HOH 52  352 59  HOH HOH A . 
E 4 HOH 53  353 27  HOH HOH A . 
E 4 HOH 54  354 7   HOH HOH A . 
E 4 HOH 55  355 143 HOH HOH A . 
E 4 HOH 56  356 3   HOH HOH A . 
E 4 HOH 57  357 14  HOH HOH A . 
E 4 HOH 58  358 61  HOH HOH A . 
E 4 HOH 59  359 18  HOH HOH A . 
E 4 HOH 60  360 34  HOH HOH A . 
E 4 HOH 61  361 39  HOH HOH A . 
E 4 HOH 62  362 68  HOH HOH A . 
E 4 HOH 63  363 107 HOH HOH A . 
E 4 HOH 64  364 11  HOH HOH A . 
E 4 HOH 65  365 13  HOH HOH A . 
E 4 HOH 66  366 109 HOH HOH A . 
E 4 HOH 67  367 30  HOH HOH A . 
E 4 HOH 68  368 146 HOH HOH A . 
E 4 HOH 69  369 106 HOH HOH A . 
E 4 HOH 70  370 4   HOH HOH A . 
E 4 HOH 71  371 22  HOH HOH A . 
E 4 HOH 72  372 63  HOH HOH A . 
E 4 HOH 73  373 77  HOH HOH A . 
E 4 HOH 74  374 144 HOH HOH A . 
E 4 HOH 75  375 62  HOH HOH A . 
E 4 HOH 76  376 166 HOH HOH A . 
E 4 HOH 77  377 89  HOH HOH A . 
E 4 HOH 78  378 79  HOH HOH A . 
E 4 HOH 79  379 64  HOH HOH A . 
E 4 HOH 80  380 168 HOH HOH A . 
E 4 HOH 81  381 92  HOH HOH A . 
E 4 HOH 82  382 97  HOH HOH A . 
E 4 HOH 83  383 162 HOH HOH A . 
E 4 HOH 84  384 56  HOH HOH A . 
E 4 HOH 85  385 73  HOH HOH A . 
E 4 HOH 86  386 51  HOH HOH A . 
E 4 HOH 87  387 131 HOH HOH A . 
E 4 HOH 88  388 26  HOH HOH A . 
E 4 HOH 89  389 80  HOH HOH A . 
E 4 HOH 90  390 82  HOH HOH A . 
E 4 HOH 91  391 36  HOH HOH A . 
E 4 HOH 92  392 33  HOH HOH A . 
E 4 HOH 93  393 52  HOH HOH A . 
E 4 HOH 94  394 54  HOH HOH A . 
E 4 HOH 95  395 84  HOH HOH A . 
E 4 HOH 96  396 16  HOH HOH A . 
E 4 HOH 97  397 138 HOH HOH A . 
E 4 HOH 98  398 20  HOH HOH A . 
E 4 HOH 99  399 43  HOH HOH A . 
E 4 HOH 100 400 164 HOH HOH A . 
E 4 HOH 101 401 154 HOH HOH A . 
E 4 HOH 102 402 25  HOH HOH A . 
E 4 HOH 103 403 31  HOH HOH A . 
E 4 HOH 104 404 104 HOH HOH A . 
E 4 HOH 105 405 90  HOH HOH A . 
E 4 HOH 106 406 2   HOH HOH A . 
E 4 HOH 107 407 129 HOH HOH A . 
E 4 HOH 108 408 19  HOH HOH A . 
E 4 HOH 109 409 100 HOH HOH A . 
E 4 HOH 110 410 12  HOH HOH A . 
E 4 HOH 111 411 21  HOH HOH A . 
E 4 HOH 112 412 101 HOH HOH A . 
E 4 HOH 113 413 42  HOH HOH A . 
E 4 HOH 114 414 70  HOH HOH A . 
E 4 HOH 115 415 75  HOH HOH A . 
E 4 HOH 116 416 38  HOH HOH A . 
E 4 HOH 117 417 78  HOH HOH A . 
E 4 HOH 118 418 105 HOH HOH A . 
E 4 HOH 119 419 150 HOH HOH A . 
E 4 HOH 120 420 159 HOH HOH A . 
E 4 HOH 121 421 139 HOH HOH A . 
E 4 HOH 122 422 69  HOH HOH A . 
E 4 HOH 123 423 48  HOH HOH A . 
E 4 HOH 124 424 156 HOH HOH A . 
E 4 HOH 125 425 128 HOH HOH A . 
E 4 HOH 126 426 47  HOH HOH A . 
E 4 HOH 127 427 15  HOH HOH A . 
E 4 HOH 128 428 126 HOH HOH A . 
E 4 HOH 129 429 28  HOH HOH A . 
E 4 HOH 130 430 102 HOH HOH A . 
E 4 HOH 131 431 152 HOH HOH A . 
E 4 HOH 132 432 160 HOH HOH A . 
E 4 HOH 133 433 86  HOH HOH A . 
E 4 HOH 134 434 76  HOH HOH A . 
E 4 HOH 135 435 155 HOH HOH A . 
E 4 HOH 136 436 123 HOH HOH A . 
E 4 HOH 137 437 130 HOH HOH A . 
E 4 HOH 138 438 151 HOH HOH A . 
E 4 HOH 139 439 112 HOH HOH A . 
E 4 HOH 140 440 37  HOH HOH A . 
E 4 HOH 141 441 172 HOH HOH A . 
E 4 HOH 142 442 117 HOH HOH A . 
E 4 HOH 143 443 145 HOH HOH A . 
E 4 HOH 144 444 113 HOH HOH A . 
E 4 HOH 145 445 65  HOH HOH A . 
E 4 HOH 146 446 94  HOH HOH A . 
E 4 HOH 147 447 32  HOH HOH A . 
E 4 HOH 148 448 49  HOH HOH A . 
E 4 HOH 149 449 153 HOH HOH A . 
E 4 HOH 150 450 91  HOH HOH A . 
E 4 HOH 151 451 53  HOH HOH A . 
E 4 HOH 152 452 132 HOH HOH A . 
E 4 HOH 153 453 40  HOH HOH A . 
E 4 HOH 154 454 88  HOH HOH A . 
E 4 HOH 155 455 121 HOH HOH A . 
E 4 HOH 156 456 140 HOH HOH A . 
E 4 HOH 157 457 136 HOH HOH A . 
E 4 HOH 158 458 98  HOH HOH A . 
E 4 HOH 159 459 85  HOH HOH A . 
E 4 HOH 160 460 163 HOH HOH A . 
E 4 HOH 161 461 71  HOH HOH A . 
E 4 HOH 162 462 111 HOH HOH A . 
E 4 HOH 163 463 157 HOH HOH A . 
E 4 HOH 164 464 58  HOH HOH A . 
E 4 HOH 165 465 170 HOH HOH A . 
E 4 HOH 166 466 93  HOH HOH A . 
E 4 HOH 167 467 118 HOH HOH A . 
E 4 HOH 168 468 99  HOH HOH A . 
E 4 HOH 169 469 122 HOH HOH A . 
E 4 HOH 170 470 158 HOH HOH A . 
E 4 HOH 171 471 23  HOH HOH A . 
E 4 HOH 172 472 147 HOH HOH A . 
# 
loop_
_software.citation_id 
_software.classification 
_software.compiler_name 
_software.compiler_version 
_software.contact_author 
_software.contact_author_email 
_software.date 
_software.description 
_software.dependencies 
_software.hardware 
_software.language 
_software.location 
_software.mods 
_software.name 
_software.os 
_software.os_version 
_software.type 
_software.version 
_software.pdbx_ordinal 
? 'data scaling'    ? ? ? ? ? ? ? ? ? ? ? Aimless     ? ? ? 0.5.15 1 
? phasing           ? ? ? ? ? ? ? ? ? ? ? PHASER      ? ? ? 2.6.0  2 
? refinement        ? ? ? ? ? ? ? ? ? ? ? PHENIX      ? ? ? 1.10   3 
? 'data extraction' ? ? ? ? ? ? ? ? ? ? ? PDB_EXTRACT ? ? ? 3.15   4 
? 'data reduction'  ? ? ? ? ? ? ? ? ? ? ? XDS         ? ? ? 13.4.0 5 
# 
_cell.angle_alpha                  90.000 
_cell.angle_alpha_esd              ? 
_cell.angle_beta                   90.000 
_cell.angle_beta_esd               ? 
_cell.angle_gamma                  90.000 
_cell.angle_gamma_esd              ? 
_cell.entry_id                     5FHW 
_cell.details                      ? 
_cell.formula_units_Z              ? 
_cell.length_a                     78.951 
_cell.length_a_esd                 ? 
_cell.length_b                     78.951 
_cell.length_b_esd                 ? 
_cell.length_c                     36.756 
_cell.length_c_esd                 ? 
_cell.volume                       ? 
_cell.volume_esd                   ? 
_cell.Z_PDB                        8 
_cell.reciprocal_angle_alpha       ? 
_cell.reciprocal_angle_beta        ? 
_cell.reciprocal_angle_gamma       ? 
_cell.reciprocal_angle_alpha_esd   ? 
_cell.reciprocal_angle_beta_esd    ? 
_cell.reciprocal_angle_gamma_esd   ? 
_cell.reciprocal_length_a          ? 
_cell.reciprocal_length_b          ? 
_cell.reciprocal_length_c          ? 
_cell.reciprocal_length_a_esd      ? 
_cell.reciprocal_length_b_esd      ? 
_cell.reciprocal_length_c_esd      ? 
_cell.pdbx_unique_axis             ? 
# 
_symmetry.entry_id                         5FHW 
_symmetry.cell_setting                     ? 
_symmetry.Int_Tables_number                96 
_symmetry.space_group_name_Hall            ? 
_symmetry.space_group_name_H-M             'P 43 21 2' 
_symmetry.pdbx_full_space_group_name_H-M   ? 
# 
_exptl.absorpt_coefficient_mu     ? 
_exptl.absorpt_correction_T_max   ? 
_exptl.absorpt_correction_T_min   ? 
_exptl.absorpt_correction_type    ? 
_exptl.absorpt_process_details    ? 
_exptl.entry_id                   5FHW 
_exptl.crystals_number            1 
_exptl.details                    ? 
_exptl.method                     'X-RAY DIFFRACTION' 
_exptl.method_details             ? 
# 
_exptl_crystal.colour                      ? 
_exptl_crystal.density_diffrn              ? 
_exptl_crystal.density_Matthews            2.00 
_exptl_crystal.density_method              ? 
_exptl_crystal.density_percent_sol         38.45 
_exptl_crystal.description                 ? 
_exptl_crystal.F_000                       ? 
_exptl_crystal.id                          1 
_exptl_crystal.preparation                 ? 
_exptl_crystal.size_max                    ? 
_exptl_crystal.size_mid                    ? 
_exptl_crystal.size_min                    ? 
_exptl_crystal.size_rad                    ? 
_exptl_crystal.colour_lustre               ? 
_exptl_crystal.colour_modifier             ? 
_exptl_crystal.colour_primary              ? 
_exptl_crystal.density_meas                ? 
_exptl_crystal.density_meas_esd            ? 
_exptl_crystal.density_meas_gt             ? 
_exptl_crystal.density_meas_lt             ? 
_exptl_crystal.density_meas_temp           ? 
_exptl_crystal.density_meas_temp_esd       ? 
_exptl_crystal.density_meas_temp_gt        ? 
_exptl_crystal.density_meas_temp_lt        ? 
_exptl_crystal.pdbx_crystal_image_url      ? 
_exptl_crystal.pdbx_crystal_image_format   ? 
_exptl_crystal.pdbx_mosaicity              ? 
_exptl_crystal.pdbx_mosaicity_esd          ? 
# 
_exptl_crystal_grow.apparatus       ? 
_exptl_crystal_grow.atmosphere      ? 
_exptl_crystal_grow.crystal_id      1 
_exptl_crystal_grow.details         ? 
_exptl_crystal_grow.method          'VAPOR DIFFUSION, SITTING DROP' 
_exptl_crystal_grow.method_ref      ? 
_exptl_crystal_grow.pH              6.5 
_exptl_crystal_grow.pressure        ? 
_exptl_crystal_grow.pressure_esd    ? 
_exptl_crystal_grow.seeding         ? 
_exptl_crystal_grow.seeding_ref     ? 
_exptl_crystal_grow.temp            289 
_exptl_crystal_grow.temp_details    ? 
_exptl_crystal_grow.temp_esd        ? 
_exptl_crystal_grow.time            ? 
_exptl_crystal_grow.pdbx_details    
;25 mg/mL Lysozyme C, 1.45 mM 1:2 Hf-Wells Dawson, 2.0 M sodium chloride, 0.1 M potassium phosphate monobasic, 0.1 M sodium phosphate monobasic monohydrate, 0.1 M MES pH = 6.5
;
_exptl_crystal_grow.pdbx_pH_range   ? 
# 
_diffrn.ambient_environment    ? 
_diffrn.ambient_temp           100 
_diffrn.ambient_temp_details   ? 
_diffrn.ambient_temp_esd       ? 
_diffrn.crystal_id             1 
_diffrn.crystal_support        ? 
_diffrn.crystal_treatment      ? 
_diffrn.details                ? 
_diffrn.id                     1 
_diffrn.ambient_pressure       ? 
_diffrn.ambient_pressure_esd   ? 
_diffrn.ambient_pressure_gt    ? 
_diffrn.ambient_pressure_lt    ? 
_diffrn.ambient_temp_gt        ? 
_diffrn.ambient_temp_lt        ? 
# 
_diffrn_detector.details                      ? 
_diffrn_detector.detector                     PIXEL 
_diffrn_detector.diffrn_id                    1 
_diffrn_detector.type                         'DECTRIS PILATUS 2M' 
_diffrn_detector.area_resol_mean              ? 
_diffrn_detector.dtime                        ? 
_diffrn_detector.pdbx_frames_total            ? 
_diffrn_detector.pdbx_collection_time_total   ? 
_diffrn_detector.pdbx_collection_date         2015-05-23 
# 
_diffrn_radiation.collimation                      ? 
_diffrn_radiation.diffrn_id                        1 
_diffrn_radiation.filter_edge                      ? 
_diffrn_radiation.inhomogeneity                    ? 
_diffrn_radiation.monochromator                    ? 
_diffrn_radiation.polarisn_norm                    ? 
_diffrn_radiation.polarisn_ratio                   ? 
_diffrn_radiation.probe                            ? 
_diffrn_radiation.type                             ? 
_diffrn_radiation.xray_symbol                      ? 
_diffrn_radiation.wavelength_id                    1 
_diffrn_radiation.pdbx_monochromatic_or_laue_m_l   M 
_diffrn_radiation.pdbx_wavelength_list             ? 
_diffrn_radiation.pdbx_wavelength                  ? 
_diffrn_radiation.pdbx_diffrn_protocol             'SINGLE WAVELENGTH' 
_diffrn_radiation.pdbx_analyzer                    ? 
_diffrn_radiation.pdbx_scattering_type             x-ray 
# 
_diffrn_radiation_wavelength.id           1 
_diffrn_radiation_wavelength.wavelength   1.0 
_diffrn_radiation_wavelength.wt           1.0 
# 
_diffrn_source.current                     ? 
_diffrn_source.details                     ? 
_diffrn_source.diffrn_id                   1 
_diffrn_source.power                       ? 
_diffrn_source.size                        ? 
_diffrn_source.source                      SYNCHROTRON 
_diffrn_source.target                      ? 
_diffrn_source.type                        'SLS BEAMLINE X06SA' 
_diffrn_source.voltage                     ? 
_diffrn_source.take-off_angle              ? 
_diffrn_source.pdbx_wavelength_list        1.0 
_diffrn_source.pdbx_wavelength             ? 
_diffrn_source.pdbx_synchrotron_beamline   X06SA 
_diffrn_source.pdbx_synchrotron_site       SLS 
# 
_reflns.B_iso_Wilson_estimate            10.300 
_reflns.entry_id                         5FHW 
_reflns.data_reduction_details           ? 
_reflns.data_reduction_method            ? 
_reflns.d_resolution_high                1.520 
_reflns.d_resolution_low                 39.480 
_reflns.details                          ? 
_reflns.limit_h_max                      ? 
_reflns.limit_h_min                      ? 
_reflns.limit_k_max                      ? 
_reflns.limit_k_min                      ? 
_reflns.limit_l_max                      ? 
_reflns.limit_l_min                      ? 
_reflns.number_all                       130169 
_reflns.number_obs                       18463 
_reflns.observed_criterion               ? 
_reflns.observed_criterion_F_max         ? 
_reflns.observed_criterion_F_min         ? 
_reflns.observed_criterion_I_max         ? 
_reflns.observed_criterion_I_min         ? 
_reflns.observed_criterion_sigma_F       ? 
_reflns.observed_criterion_sigma_I       ? 
_reflns.percent_possible_obs             100.000 
_reflns.R_free_details                   ? 
_reflns.Rmerge_F_all                     ? 
_reflns.Rmerge_F_obs                     ? 
_reflns.Friedel_coverage                 ? 
_reflns.number_gt                        ? 
_reflns.threshold_expression             ? 
_reflns.pdbx_redundancy                  7.100 
_reflns.pdbx_Rmerge_I_obs                0.120 
_reflns.pdbx_Rmerge_I_all                ? 
_reflns.pdbx_Rsym_value                  ? 
_reflns.pdbx_netI_over_av_sigmaI         ? 
_reflns.pdbx_netI_over_sigmaI            17.300 
_reflns.pdbx_res_netI_over_av_sigmaI_2   ? 
_reflns.pdbx_res_netI_over_sigmaI_2      ? 
_reflns.pdbx_chi_squared                 ? 
_reflns.pdbx_scaling_rejects             ? 
_reflns.pdbx_d_res_high_opt              ? 
_reflns.pdbx_d_res_low_opt               ? 
_reflns.pdbx_d_res_opt_method            ? 
_reflns.phase_calculation_details        ? 
_reflns.pdbx_Rrim_I_all                  ? 
_reflns.pdbx_Rpim_I_all                  0.048 
_reflns.pdbx_d_opt                       ? 
_reflns.pdbx_number_measured_all         130169 
_reflns.pdbx_diffrn_id                   1 
_reflns.pdbx_ordinal                     1 
_reflns.pdbx_CC_half                     0.998 
_reflns.pdbx_R_split                     ? 
# 
loop_
_reflns_shell.d_res_high 
_reflns_shell.d_res_low 
_reflns_shell.meanI_over_sigI_all 
_reflns_shell.meanI_over_sigI_obs 
_reflns_shell.number_measured_all 
_reflns_shell.number_measured_obs 
_reflns_shell.number_possible 
_reflns_shell.number_unique_all 
_reflns_shell.number_unique_obs 
_reflns_shell.percent_possible_all 
_reflns_shell.percent_possible_obs 
_reflns_shell.Rmerge_F_all 
_reflns_shell.Rmerge_F_obs 
_reflns_shell.Rmerge_I_all 
_reflns_shell.Rmerge_I_obs 
_reflns_shell.meanI_over_sigI_gt 
_reflns_shell.meanI_over_uI_all 
_reflns_shell.meanI_over_uI_gt 
_reflns_shell.number_measured_gt 
_reflns_shell.number_unique_gt 
_reflns_shell.percent_possible_gt 
_reflns_shell.Rmerge_F_gt 
_reflns_shell.Rmerge_I_gt 
_reflns_shell.pdbx_redundancy 
_reflns_shell.pdbx_Rsym_value 
_reflns_shell.pdbx_chi_squared 
_reflns_shell.pdbx_netI_over_sigmaI_all 
_reflns_shell.pdbx_netI_over_sigmaI_obs 
_reflns_shell.pdbx_Rrim_I_all 
_reflns_shell.pdbx_Rpim_I_all 
_reflns_shell.pdbx_rejects 
_reflns_shell.pdbx_ordinal 
_reflns_shell.pdbx_diffrn_id 
_reflns_shell.pdbx_CC_half 
_reflns_shell.pdbx_R_split 
1.520 1.550  ? 3.300  6404 ? ? 883 ? 100.000 ? ? ? ? 0.599 ? ? ? ? ? ? ? ? 7.300 ? ? ? ? ? 0.237 0 1 1 0.927 ? 
8.330 39.480 ? 61.700 849  ? ? 152 ? 99.400  ? ? ? ? 0.051 ? ? ? ? ? ? ? ? 5.600 ? ? ? ? ? 0.021 0 2 1 0.998 ? 
# 
_refine.aniso_B[1][1]                            ? 
_refine.aniso_B[1][2]                            ? 
_refine.aniso_B[1][3]                            ? 
_refine.aniso_B[2][2]                            ? 
_refine.aniso_B[2][3]                            ? 
_refine.aniso_B[3][3]                            ? 
_refine.B_iso_max                                47.970 
_refine.B_iso_mean                               19.2414 
_refine.B_iso_min                                9.100 
_refine.correlation_coeff_Fo_to_Fc               ? 
_refine.correlation_coeff_Fo_to_Fc_free          ? 
_refine.details                                  ? 
_refine.diff_density_max                         ? 
_refine.diff_density_max_esd                     ? 
_refine.diff_density_min                         ? 
_refine.diff_density_min_esd                     ? 
_refine.diff_density_rms                         ? 
_refine.diff_density_rms_esd                     ? 
_refine.entry_id                                 5FHW 
_refine.pdbx_refine_id                           'X-RAY DIFFRACTION' 
_refine.ls_abs_structure_details                 ? 
_refine.ls_abs_structure_Flack                   ? 
_refine.ls_abs_structure_Flack_esd               ? 
_refine.ls_abs_structure_Rogers                  ? 
_refine.ls_abs_structure_Rogers_esd              ? 
_refine.ls_d_res_high                            1.5200 
_refine.ls_d_res_low                             35.3080 
_refine.ls_extinction_coef                       ? 
_refine.ls_extinction_coef_esd                   ? 
_refine.ls_extinction_expression                 ? 
_refine.ls_extinction_method                     ? 
_refine.ls_goodness_of_fit_all                   ? 
_refine.ls_goodness_of_fit_all_esd               ? 
_refine.ls_goodness_of_fit_obs                   ? 
_refine.ls_goodness_of_fit_obs_esd               ? 
_refine.ls_hydrogen_treatment                    ? 
_refine.ls_matrix_type                           ? 
_refine.ls_number_constraints                    ? 
_refine.ls_number_parameters                     ? 
_refine.ls_number_reflns_all                     ? 
_refine.ls_number_reflns_obs                     18386 
_refine.ls_number_reflns_R_free                  889 
_refine.ls_number_reflns_R_work                  17497 
_refine.ls_number_restraints                     ? 
_refine.ls_percent_reflns_obs                    99.7600 
_refine.ls_percent_reflns_R_free                 4.8400 
_refine.ls_R_factor_all                          ? 
_refine.ls_R_factor_obs                          0.1617 
_refine.ls_R_factor_R_free                       0.1886 
_refine.ls_R_factor_R_free_error                 ? 
_refine.ls_R_factor_R_free_error_details         ? 
_refine.ls_R_factor_R_work                       0.1603 
_refine.ls_R_Fsqd_factor_obs                     ? 
_refine.ls_R_I_factor_obs                        ? 
_refine.ls_redundancy_reflns_all                 ? 
_refine.ls_redundancy_reflns_obs                 ? 
_refine.ls_restrained_S_all                      ? 
_refine.ls_restrained_S_obs                      ? 
_refine.ls_shift_over_esd_max                    ? 
_refine.ls_shift_over_esd_mean                   ? 
_refine.ls_structure_factor_coef                 ? 
_refine.ls_weighting_details                     ? 
_refine.ls_weighting_scheme                      ? 
_refine.ls_wR_factor_all                         ? 
_refine.ls_wR_factor_obs                         ? 
_refine.ls_wR_factor_R_free                      ? 
_refine.ls_wR_factor_R_work                      ? 
_refine.occupancy_max                            ? 
_refine.occupancy_min                            ? 
_refine.solvent_model_details                    'FLAT BULK SOLVENT MODEL' 
_refine.solvent_model_param_bsol                 ? 
_refine.solvent_model_param_ksol                 ? 
_refine.ls_R_factor_gt                           ? 
_refine.ls_goodness_of_fit_gt                    ? 
_refine.ls_goodness_of_fit_ref                   ? 
_refine.ls_shift_over_su_max                     ? 
_refine.ls_shift_over_su_max_lt                  ? 
_refine.ls_shift_over_su_mean                    ? 
_refine.ls_shift_over_su_mean_lt                 ? 
_refine.pdbx_ls_sigma_I                          ? 
_refine.pdbx_ls_sigma_F                          1.340 
_refine.pdbx_ls_sigma_Fsqd                       ? 
_refine.pdbx_data_cutoff_high_absF               ? 
_refine.pdbx_data_cutoff_high_rms_absF           ? 
_refine.pdbx_data_cutoff_low_absF                ? 
_refine.pdbx_isotropic_thermal_model             ? 
_refine.pdbx_ls_cross_valid_method               'FREE R-VALUE' 
_refine.pdbx_method_to_determine_struct          'MOLECULAR REPLACEMENT' 
_refine.pdbx_starting_model                      2VB1 
_refine.pdbx_stereochemistry_target_values       ML 
_refine.pdbx_R_Free_selection_details            ? 
_refine.pdbx_stereochem_target_val_spec_case     ? 
_refine.pdbx_overall_ESU_R                       ? 
_refine.pdbx_overall_ESU_R_Free                  ? 
_refine.pdbx_solvent_vdw_probe_radii             1.1100 
_refine.pdbx_solvent_ion_probe_radii             ? 
_refine.pdbx_solvent_shrinkage_radii             0.9000 
_refine.pdbx_real_space_R                        ? 
_refine.pdbx_density_correlation                 ? 
_refine.pdbx_pd_number_of_powder_patterns        ? 
_refine.pdbx_pd_number_of_points                 ? 
_refine.pdbx_pd_meas_number_of_points            ? 
_refine.pdbx_pd_proc_ls_prof_R_factor            ? 
_refine.pdbx_pd_proc_ls_prof_wR_factor           ? 
_refine.pdbx_pd_Marquardt_correlation_coeff      ? 
_refine.pdbx_pd_Fsqrd_R_factor                   ? 
_refine.pdbx_pd_ls_matrix_band_width             ? 
_refine.pdbx_overall_phase_error                 20.6200 
_refine.pdbx_overall_SU_R_free_Cruickshank_DPI   ? 
_refine.pdbx_overall_SU_R_free_Blow_DPI          ? 
_refine.pdbx_overall_SU_R_Blow_DPI               ? 
_refine.pdbx_TLS_residual_ADP_flag               ? 
_refine.pdbx_diffrn_id                           1 
_refine.overall_SU_B                             ? 
_refine.overall_SU_ML                            0.1100 
_refine.overall_SU_R_Cruickshank_DPI             ? 
_refine.overall_SU_R_free                        ? 
_refine.overall_FOM_free_R_set                   ? 
_refine.overall_FOM_work_R_set                   ? 
_refine.pdbx_average_fsc_overall                 ? 
_refine.pdbx_average_fsc_work                    ? 
_refine.pdbx_average_fsc_free                    ? 
# 
_refine_hist.cycle_id                         final 
_refine_hist.pdbx_refine_id                   'X-RAY DIFFRACTION' 
_refine_hist.d_res_high                       1.5200 
_refine_hist.d_res_low                        35.3080 
_refine_hist.pdbx_number_atoms_ligand         83 
_refine_hist.number_atoms_solvent             172 
_refine_hist.number_atoms_total               1256 
_refine_hist.pdbx_number_residues_total       129 
_refine_hist.pdbx_B_iso_mean_ligand           13.78 
_refine_hist.pdbx_B_iso_mean_solvent          26.61 
_refine_hist.pdbx_number_atoms_protein        1001 
_refine_hist.pdbx_number_atoms_nucleic_acid   0 
# 
loop_
_refine_ls_restr.pdbx_refine_id 
_refine_ls_restr.criterion 
_refine_ls_restr.dev_ideal 
_refine_ls_restr.dev_ideal_target 
_refine_ls_restr.number 
_refine_ls_restr.rejects 
_refine_ls_restr.type 
_refine_ls_restr.weight 
_refine_ls_restr.pdbx_restraint_function 
'X-RAY DIFFRACTION' ? 0.011  ? 1155 ? f_bond_d           ? ? 
'X-RAY DIFFRACTION' ? 1.969  ? 1750 ? f_angle_d          ? ? 
'X-RAY DIFFRACTION' ? 0.068  ? 154  ? f_chiral_restr     ? ? 
'X-RAY DIFFRACTION' ? 0.006  ? 186  ? f_plane_restr      ? ? 
'X-RAY DIFFRACTION' ? 16.249 ? 719  ? f_dihedral_angle_d ? ? 
# 
loop_
_refine_ls_shell.pdbx_refine_id 
_refine_ls_shell.d_res_high 
_refine_ls_shell.d_res_low 
_refine_ls_shell.number_reflns_all 
_refine_ls_shell.number_reflns_obs 
_refine_ls_shell.number_reflns_R_free 
_refine_ls_shell.number_reflns_R_work 
_refine_ls_shell.percent_reflns_obs 
_refine_ls_shell.percent_reflns_R_free 
_refine_ls_shell.R_factor_all 
_refine_ls_shell.R_factor_obs 
_refine_ls_shell.R_factor_R_free 
_refine_ls_shell.R_factor_R_free_error 
_refine_ls_shell.R_factor_R_work 
_refine_ls_shell.redundancy_reflns_all 
_refine_ls_shell.redundancy_reflns_obs 
_refine_ls_shell.wR_factor_all 
_refine_ls_shell.wR_factor_obs 
_refine_ls_shell.wR_factor_R_free 
_refine_ls_shell.wR_factor_R_work 
_refine_ls_shell.pdbx_total_number_of_bins_used 
_refine_ls_shell.pdbx_phase_error 
_refine_ls_shell.pdbx_fsc_work 
_refine_ls_shell.pdbx_fsc_free 
'X-RAY DIFFRACTION' 1.5200 1.6153  2999 . 143 2856 100.0000 . . . 0.2290 . 0.1878 . . . . . . 6 . . . 
'X-RAY DIFFRACTION' 1.6153 1.7400  2992 . 122 2870 99.0000  . . . 0.1785 . 0.1678 . . . . . . 6 . . . 
'X-RAY DIFFRACTION' 1.7400 1.9151  3007 . 117 2890 100.0000 . . . 0.1930 . 0.1629 . . . . . . 6 . . . 
'X-RAY DIFFRACTION' 1.9151 2.1921  3058 . 158 2900 100.0000 . . . 0.2108 . 0.1611 . . . . . . 6 . . . 
'X-RAY DIFFRACTION' 2.1921 2.7617  3075 . 172 2903 100.0000 . . . 0.1866 . 0.1698 . . . . . . 6 . . . 
'X-RAY DIFFRACTION' 2.7617 35.3175 3255 . 177 3078 100.0000 . . . 0.1764 . 0.1478 . . . . . . 6 . . . 
# 
_struct.entry_id                     5FHW 
_struct.title                        
'Hen Egg-White Lysozyme (HEWL) complexed with Hf(IV)-substituted Wells Dawson-type polyoxometalate' 
_struct.pdbx_model_details           ? 
_struct.pdbx_formula_weight          ? 
_struct.pdbx_formula_weight_method   ? 
_struct.pdbx_model_type_details      ? 
_struct.pdbx_CASP_flag               ? 
# 
_struct_keywords.entry_id        5FHW 
_struct_keywords.text            'Complex, polyoxometalate, hafnium, Wells Dawson, Hydrolase' 
_struct_keywords.pdbx_keywords   HYDROLASE 
# 
loop_
_struct_asym.id 
_struct_asym.pdbx_blank_PDB_chainid_flag 
_struct_asym.pdbx_modified 
_struct_asym.entity_id 
_struct_asym.details 
A N N 1 ? 
B N N 2 ? 
C N N 3 ? 
D N N 3 ? 
E N N 4 ? 
# 
_struct_ref.id                         1 
_struct_ref.db_name                    UNP 
_struct_ref.db_code                    LYSC_CHICK 
_struct_ref.pdbx_db_accession          P00698 
_struct_ref.pdbx_db_isoform            ? 
_struct_ref.entity_id                  1 
_struct_ref.pdbx_seq_one_letter_code   
;KVFGRCELAAAMKRHGLDNYRGYSLGNWVCAAKFESNFNTQATNRNTDGSTDYGILQINSRWWCNDGRTPGSRNLCNIPC
SALLSSDITASVNCAKKIVSDGNGMNAWVAWRNRCKGTDVQAWIRGCRL
;
_struct_ref.pdbx_align_begin           19 
# 
_struct_ref_seq.align_id                      1 
_struct_ref_seq.ref_id                        1 
_struct_ref_seq.pdbx_PDB_id_code              5FHW 
_struct_ref_seq.pdbx_strand_id                A 
_struct_ref_seq.seq_align_beg                 1 
_struct_ref_seq.pdbx_seq_align_beg_ins_code   ? 
_struct_ref_seq.seq_align_end                 129 
_struct_ref_seq.pdbx_seq_align_end_ins_code   ? 
_struct_ref_seq.pdbx_db_accession             P00698 
_struct_ref_seq.db_align_beg                  19 
_struct_ref_seq.pdbx_db_align_beg_ins_code    ? 
_struct_ref_seq.db_align_end                  147 
_struct_ref_seq.pdbx_db_align_end_ins_code    ? 
_struct_ref_seq.pdbx_auth_seq_align_beg       1 
_struct_ref_seq.pdbx_auth_seq_align_end       129 
# 
_pdbx_struct_assembly.id                   1 
_pdbx_struct_assembly.details              author_defined_assembly 
_pdbx_struct_assembly.method_details       ? 
_pdbx_struct_assembly.oligomeric_details   monomeric 
_pdbx_struct_assembly.oligomeric_count     1 
# 
_pdbx_struct_assembly_gen.assembly_id       1 
_pdbx_struct_assembly_gen.oper_expression   1 
_pdbx_struct_assembly_gen.asym_id_list      A,B,C,D,E 
# 
_pdbx_struct_oper_list.id                   1 
_pdbx_struct_oper_list.type                 'identity operation' 
_pdbx_struct_oper_list.name                 1_555 
_pdbx_struct_oper_list.symmetry_operation   x,y,z 
_pdbx_struct_oper_list.matrix[1][1]         1.0000000000 
_pdbx_struct_oper_list.matrix[1][2]         0.0000000000 
_pdbx_struct_oper_list.matrix[1][3]         0.0000000000 
_pdbx_struct_oper_list.vector[1]            0.0000000000 
_pdbx_struct_oper_list.matrix[2][1]         0.0000000000 
_pdbx_struct_oper_list.matrix[2][2]         1.0000000000 
_pdbx_struct_oper_list.matrix[2][3]         0.0000000000 
_pdbx_struct_oper_list.vector[2]            0.0000000000 
_pdbx_struct_oper_list.matrix[3][1]         0.0000000000 
_pdbx_struct_oper_list.matrix[3][2]         0.0000000000 
_pdbx_struct_oper_list.matrix[3][3]         1.0000000000 
_pdbx_struct_oper_list.vector[3]            0.0000000000 
# 
loop_
_struct_conf.conf_type_id 
_struct_conf.id 
_struct_conf.pdbx_PDB_helix_id 
_struct_conf.beg_label_comp_id 
_struct_conf.beg_label_asym_id 
_struct_conf.beg_label_seq_id 
_struct_conf.pdbx_beg_PDB_ins_code 
_struct_conf.end_label_comp_id 
_struct_conf.end_label_asym_id 
_struct_conf.end_label_seq_id 
_struct_conf.pdbx_end_PDB_ins_code 
_struct_conf.beg_auth_comp_id 
_struct_conf.beg_auth_asym_id 
_struct_conf.beg_auth_seq_id 
_struct_conf.end_auth_comp_id 
_struct_conf.end_auth_asym_id 
_struct_conf.end_auth_seq_id 
_struct_conf.pdbx_PDB_helix_class 
_struct_conf.details 
_struct_conf.pdbx_PDB_helix_length 
HELX_P HELX_P1 AA1 GLY A 4   ? HIS A 15  ? GLY A 4   HIS A 15  1 ? 12 
HELX_P HELX_P2 AA2 ASN A 19  ? TYR A 23  ? ASN A 19  TYR A 23  5 ? 5  
HELX_P HELX_P3 AA3 SER A 24  ? ASN A 37  ? SER A 24  ASN A 37  1 ? 14 
HELX_P HELX_P4 AA4 PRO A 79  ? SER A 85  ? PRO A 79  SER A 85  5 ? 7  
HELX_P HELX_P5 AA5 ILE A 88  ? SER A 100 ? ILE A 88  SER A 100 1 ? 13 
HELX_P HELX_P6 AA6 ASN A 103 ? ALA A 107 ? ASN A 103 ALA A 107 5 ? 5  
HELX_P HELX_P7 AA7 TRP A 108 ? CYS A 115 ? TRP A 108 CYS A 115 1 ? 8  
HELX_P HELX_P8 AA8 ASP A 119 ? ILE A 124 ? ASP A 119 ILE A 124 5 ? 6  
# 
_struct_conf_type.id          HELX_P 
_struct_conf_type.criteria    ? 
_struct_conf_type.reference   ? 
# 
loop_
_struct_conn.id 
_struct_conn.conn_type_id 
_struct_conn.pdbx_leaving_atom_flag 
_struct_conn.pdbx_PDB_id 
_struct_conn.ptnr1_label_asym_id 
_struct_conn.ptnr1_label_comp_id 
_struct_conn.ptnr1_label_seq_id 
_struct_conn.ptnr1_label_atom_id 
_struct_conn.pdbx_ptnr1_label_alt_id 
_struct_conn.pdbx_ptnr1_PDB_ins_code 
_struct_conn.pdbx_ptnr1_standard_comp_id 
_struct_conn.ptnr1_symmetry 
_struct_conn.ptnr2_label_asym_id 
_struct_conn.ptnr2_label_comp_id 
_struct_conn.ptnr2_label_seq_id 
_struct_conn.ptnr2_label_atom_id 
_struct_conn.pdbx_ptnr2_label_alt_id 
_struct_conn.pdbx_ptnr2_PDB_ins_code 
_struct_conn.ptnr1_auth_asym_id 
_struct_conn.ptnr1_auth_comp_id 
_struct_conn.ptnr1_auth_seq_id 
_struct_conn.ptnr2_auth_asym_id 
_struct_conn.ptnr2_auth_comp_id 
_struct_conn.ptnr2_auth_seq_id 
_struct_conn.ptnr2_symmetry 
_struct_conn.pdbx_ptnr3_label_atom_id 
_struct_conn.pdbx_ptnr3_label_seq_id 
_struct_conn.pdbx_ptnr3_label_comp_id 
_struct_conn.pdbx_ptnr3_label_asym_id 
_struct_conn.pdbx_ptnr3_label_alt_id 
_struct_conn.pdbx_ptnr3_PDB_ins_code 
_struct_conn.details 
_struct_conn.pdbx_dist_value 
_struct_conn.pdbx_value_order 
_struct_conn.pdbx_role 
disulf1 disulf ? ? A CYS 6  SG ? ? ? 1_555 A CYS 127 SG ? ? A CYS 6   A CYS 127 1_555 ? ? ? ? ? ? ? 2.028 ? ? 
disulf2 disulf ? ? A CYS 30 SG ? ? ? 1_555 A CYS 115 SG ? ? A CYS 30  A CYS 115 1_555 ? ? ? ? ? ? ? 2.071 ? ? 
disulf3 disulf ? ? A CYS 64 SG ? ? ? 1_555 A CYS 80  SG ? ? A CYS 64  A CYS 80  1_555 ? ? ? ? ? ? ? 2.038 ? ? 
disulf4 disulf ? ? A CYS 76 SG ? ? ? 1_555 A CYS 94  SG ? ? A CYS 76  A CYS 94  1_555 ? ? ? ? ? ? ? 2.039 ? ? 
metalc1 metalc ? ? A TYR 23 OH ? ? ? 1_555 D K   .   K  ? ? A TYR 23  A K   203 1_555 ? ? ? ? ? ? ? 2.958 ? ? 
metalc2 metalc ? ? A THR 69 O  ? ? ? 1_555 C K   .   K  ? ? A THR 69  A K   202 1_555 ? ? ? ? ? ? ? 3.281 ? ? 
metalc3 metalc ? ? A SER 72 OG ? ? ? 1_555 C K   .   K  ? ? A SER 72  A K   202 1_555 ? ? ? ? ? ? ? 3.476 ? ? 
metalc4 metalc ? ? B HFW .  W4 ? ? ? 1_555 E HOH .   O  ? ? A HFW 201 A HOH 301 1_555 ? ? ? ? ? ? ? 2.319 ? ? 
metalc5 metalc ? ? C K   .  K  ? ? ? 1_555 E HOH .   O  ? ? A K   202 A HOH 356 1_555 ? ? ? ? ? ? ? 3.093 ? ? 
metalc6 metalc ? ? C K   .  K  ? ? ? 1_555 E HOH .   O  ? ? A K   202 A HOH 411 1_555 ? ? ? ? ? ? ? 3.104 ? ? 
metalc7 metalc ? ? C K   .  K  ? ? ? 1_555 E HOH .   O  ? ? A K   202 A HOH 440 1_555 ? ? ? ? ? ? ? 3.227 ? ? 
metalc8 metalc ? ? D K   .  K  ? ? ? 1_555 E HOH .   O  ? ? A K   203 A HOH 371 1_555 ? ? ? ? ? ? ? 3.362 ? ? 
# 
loop_
_struct_conn_type.id 
_struct_conn_type.criteria 
_struct_conn_type.reference 
disulf ? ? 
metalc ? ? 
# 
loop_
_pdbx_struct_conn_angle.id 
_pdbx_struct_conn_angle.ptnr1_label_atom_id 
_pdbx_struct_conn_angle.ptnr1_label_alt_id 
_pdbx_struct_conn_angle.ptnr1_label_asym_id 
_pdbx_struct_conn_angle.ptnr1_label_comp_id 
_pdbx_struct_conn_angle.ptnr1_label_seq_id 
_pdbx_struct_conn_angle.ptnr1_auth_atom_id 
_pdbx_struct_conn_angle.ptnr1_auth_asym_id 
_pdbx_struct_conn_angle.ptnr1_auth_comp_id 
_pdbx_struct_conn_angle.ptnr1_auth_seq_id 
_pdbx_struct_conn_angle.ptnr1_PDB_ins_code 
_pdbx_struct_conn_angle.ptnr1_symmetry 
_pdbx_struct_conn_angle.ptnr2_label_atom_id 
_pdbx_struct_conn_angle.ptnr2_label_alt_id 
_pdbx_struct_conn_angle.ptnr2_label_asym_id 
_pdbx_struct_conn_angle.ptnr2_label_comp_id 
_pdbx_struct_conn_angle.ptnr2_label_seq_id 
_pdbx_struct_conn_angle.ptnr2_auth_atom_id 
_pdbx_struct_conn_angle.ptnr2_auth_asym_id 
_pdbx_struct_conn_angle.ptnr2_auth_comp_id 
_pdbx_struct_conn_angle.ptnr2_auth_seq_id 
_pdbx_struct_conn_angle.ptnr2_PDB_ins_code 
_pdbx_struct_conn_angle.ptnr2_symmetry 
_pdbx_struct_conn_angle.ptnr3_label_atom_id 
_pdbx_struct_conn_angle.ptnr3_label_alt_id 
_pdbx_struct_conn_angle.ptnr3_label_asym_id 
_pdbx_struct_conn_angle.ptnr3_label_comp_id 
_pdbx_struct_conn_angle.ptnr3_label_seq_id 
_pdbx_struct_conn_angle.ptnr3_auth_atom_id 
_pdbx_struct_conn_angle.ptnr3_auth_asym_id 
_pdbx_struct_conn_angle.ptnr3_auth_comp_id 
_pdbx_struct_conn_angle.ptnr3_auth_seq_id 
_pdbx_struct_conn_angle.ptnr3_PDB_ins_code 
_pdbx_struct_conn_angle.ptnr3_symmetry 
_pdbx_struct_conn_angle.value 
_pdbx_struct_conn_angle.value_esd 
1  OH  ? A TYR 23 ? A TYR 23  ? 1_555 K  ? D K   . ? A K   203 ? 1_555 O   ? E HOH .  ? A HOH 371 ? 1_555 84.3  ? 
2  O   ? A THR 69 ? A THR 69  ? 1_555 K  ? C K   . ? A K   202 ? 1_555 OG  ? A SER 72 ? A SER 72  ? 1_555 48.6  ? 
3  O   ? A THR 69 ? A THR 69  ? 1_555 K  ? C K   . ? A K   202 ? 1_555 O   ? E HOH .  ? A HOH 356 ? 1_555 88.5  ? 
4  OG  ? A SER 72 ? A SER 72  ? 1_555 K  ? C K   . ? A K   202 ? 1_555 O   ? E HOH .  ? A HOH 356 ? 1_555 56.5  ? 
5  O   ? A THR 69 ? A THR 69  ? 1_555 K  ? C K   . ? A K   202 ? 1_555 O   ? E HOH .  ? A HOH 411 ? 1_555 70.3  ? 
6  OG  ? A SER 72 ? A SER 72  ? 1_555 K  ? C K   . ? A K   202 ? 1_555 O   ? E HOH .  ? A HOH 411 ? 1_555 57.1  ? 
7  O   ? E HOH .  ? A HOH 356 ? 1_555 K  ? C K   . ? A K   202 ? 1_555 O   ? E HOH .  ? A HOH 411 ? 1_555 105.9 ? 
8  O   ? A THR 69 ? A THR 69  ? 1_555 K  ? C K   . ? A K   202 ? 1_555 O   ? E HOH .  ? A HOH 440 ? 1_555 72.1  ? 
9  OG  ? A SER 72 ? A SER 72  ? 1_555 K  ? C K   . ? A K   202 ? 1_555 O   ? E HOH .  ? A HOH 440 ? 1_555 114.2 ? 
10 O   ? E HOH .  ? A HOH 356 ? 1_555 K  ? C K   . ? A K   202 ? 1_555 O   ? E HOH .  ? A HOH 440 ? 1_555 156.5 ? 
11 O   ? E HOH .  ? A HOH 411 ? 1_555 K  ? C K   . ? A K   202 ? 1_555 O   ? E HOH .  ? A HOH 440 ? 1_555 80.6  ? 
12 O   ? E HOH .  ? A HOH 301 ? 1_555 W4 ? B HFW . ? A HFW 201 ? 1_555 O5  ? B HFW .  ? A HFW 201 ? 1_555 103.2 ? 
13 O   ? E HOH .  ? A HOH 301 ? 1_555 W4 ? B HFW . ? A HFW 201 ? 1_555 O11 ? B HFW .  ? A HFW 201 ? 1_555 86.6  ? 
14 O5  ? B HFW .  ? A HFW 201 ? 1_555 W4 ? B HFW . ? A HFW 201 ? 1_555 O11 ? B HFW .  ? A HFW 201 ? 1_555 89.9  ? 
15 O   ? E HOH .  ? A HOH 301 ? 1_555 W4 ? B HFW . ? A HFW 201 ? 1_555 O12 ? B HFW .  ? A HFW 201 ? 1_555 26.9  ? 
16 O5  ? B HFW .  ? A HFW 201 ? 1_555 W4 ? B HFW . ? A HFW 201 ? 1_555 O12 ? B HFW .  ? A HFW 201 ? 1_555 97.1  ? 
17 O11 ? B HFW .  ? A HFW 201 ? 1_555 W4 ? B HFW . ? A HFW 201 ? 1_555 O12 ? B HFW .  ? A HFW 201 ? 1_555 112.9 ? 
18 O   ? E HOH .  ? A HOH 301 ? 1_555 W4 ? B HFW . ? A HFW 201 ? 1_555 O13 ? B HFW .  ? A HFW 201 ? 1_555 119.7 ? 
19 O5  ? B HFW .  ? A HFW 201 ? 1_555 W4 ? B HFW . ? A HFW 201 ? 1_555 O13 ? B HFW .  ? A HFW 201 ? 1_555 91.5  ? 
20 O11 ? B HFW .  ? A HFW 201 ? 1_555 W4 ? B HFW . ? A HFW 201 ? 1_555 O13 ? B HFW .  ? A HFW 201 ? 1_555 152.4 ? 
21 O12 ? B HFW .  ? A HFW 201 ? 1_555 W4 ? B HFW . ? A HFW 201 ? 1_555 O13 ? B HFW .  ? A HFW 201 ? 1_555 94.2  ? 
22 O   ? E HOH .  ? A HOH 301 ? 1_555 W4 ? B HFW . ? A HFW 201 ? 1_555 O21 ? B HFW .  ? A HFW 201 ? 1_555 157.4 ? 
23 O5  ? B HFW .  ? A HFW 201 ? 1_555 W4 ? B HFW . ? A HFW 201 ? 1_555 O21 ? B HFW .  ? A HFW 201 ? 1_555 83.8  ? 
24 O11 ? B HFW .  ? A HFW 201 ? 1_555 W4 ? B HFW . ? A HFW 201 ? 1_555 O21 ? B HFW .  ? A HFW 201 ? 1_555 71.8  ? 
25 O12 ? B HFW .  ? A HFW 201 ? 1_555 W4 ? B HFW . ? A HFW 201 ? 1_555 O21 ? B HFW .  ? A HFW 201 ? 1_555 175.1 ? 
26 O13 ? B HFW .  ? A HFW 201 ? 1_555 W4 ? B HFW . ? A HFW 201 ? 1_555 O21 ? B HFW .  ? A HFW 201 ? 1_555 81.0  ? 
27 O   ? E HOH .  ? A HOH 301 ? 1_555 W4 ? B HFW . ? A HFW 201 ? 1_555 O25 ? B HFW .  ? A HFW 201 ? 1_555 91.3  ? 
28 O5  ? B HFW .  ? A HFW 201 ? 1_555 W4 ? B HFW . ? A HFW 201 ? 1_555 O25 ? B HFW .  ? A HFW 201 ? 1_555 164.8 ? 
29 O11 ? B HFW .  ? A HFW 201 ? 1_555 W4 ? B HFW . ? A HFW 201 ? 1_555 O25 ? B HFW .  ? A HFW 201 ? 1_555 86.5  ? 
30 O12 ? B HFW .  ? A HFW 201 ? 1_555 W4 ? B HFW . ? A HFW 201 ? 1_555 O25 ? B HFW .  ? A HFW 201 ? 1_555 97.9  ? 
31 O13 ? B HFW .  ? A HFW 201 ? 1_555 W4 ? B HFW . ? A HFW 201 ? 1_555 O25 ? B HFW .  ? A HFW 201 ? 1_555 85.1  ? 
32 O21 ? B HFW .  ? A HFW 201 ? 1_555 W4 ? B HFW . ? A HFW 201 ? 1_555 O25 ? B HFW .  ? A HFW 201 ? 1_555 81.0  ? 
# 
loop_
_pdbx_modification_feature.ordinal 
_pdbx_modification_feature.label_comp_id 
_pdbx_modification_feature.label_asym_id 
_pdbx_modification_feature.label_seq_id 
_pdbx_modification_feature.label_alt_id 
_pdbx_modification_feature.modified_residue_label_comp_id 
_pdbx_modification_feature.modified_residue_label_asym_id 
_pdbx_modification_feature.modified_residue_label_seq_id 
_pdbx_modification_feature.modified_residue_label_alt_id 
_pdbx_modification_feature.auth_comp_id 
_pdbx_modification_feature.auth_asym_id 
_pdbx_modification_feature.auth_seq_id 
_pdbx_modification_feature.PDB_ins_code 
_pdbx_modification_feature.symmetry 
_pdbx_modification_feature.modified_residue_auth_comp_id 
_pdbx_modification_feature.modified_residue_auth_asym_id 
_pdbx_modification_feature.modified_residue_auth_seq_id 
_pdbx_modification_feature.modified_residue_PDB_ins_code 
_pdbx_modification_feature.modified_residue_symmetry 
_pdbx_modification_feature.comp_id_linking_atom 
_pdbx_modification_feature.modified_residue_id_linking_atom 
_pdbx_modification_feature.modified_residue_id 
_pdbx_modification_feature.ref_pcm_id 
_pdbx_modification_feature.ref_comp_id 
_pdbx_modification_feature.type 
_pdbx_modification_feature.category 
1 CYS A 6  ? CYS A 127 ? CYS A 6  ? 1_555 CYS A 127 ? 1_555 SG SG . . . None 'Disulfide bridge' 
2 CYS A 30 ? CYS A 115 ? CYS A 30 ? 1_555 CYS A 115 ? 1_555 SG SG . . . None 'Disulfide bridge' 
3 CYS A 64 ? CYS A 80  ? CYS A 64 ? 1_555 CYS A 80  ? 1_555 SG SG . . . None 'Disulfide bridge' 
4 CYS A 76 ? CYS A 94  ? CYS A 76 ? 1_555 CYS A 94  ? 1_555 SG SG . . . None 'Disulfide bridge' 
# 
_struct_sheet.id               AA1 
_struct_sheet.type             ? 
_struct_sheet.number_strands   3 
_struct_sheet.details          ? 
# 
loop_
_struct_sheet_order.sheet_id 
_struct_sheet_order.range_id_1 
_struct_sheet_order.range_id_2 
_struct_sheet_order.offset 
_struct_sheet_order.sense 
AA1 1 2 ? anti-parallel 
AA1 2 3 ? anti-parallel 
# 
loop_
_struct_sheet_range.sheet_id 
_struct_sheet_range.id 
_struct_sheet_range.beg_label_comp_id 
_struct_sheet_range.beg_label_asym_id 
_struct_sheet_range.beg_label_seq_id 
_struct_sheet_range.pdbx_beg_PDB_ins_code 
_struct_sheet_range.end_label_comp_id 
_struct_sheet_range.end_label_asym_id 
_struct_sheet_range.end_label_seq_id 
_struct_sheet_range.pdbx_end_PDB_ins_code 
_struct_sheet_range.beg_auth_comp_id 
_struct_sheet_range.beg_auth_asym_id 
_struct_sheet_range.beg_auth_seq_id 
_struct_sheet_range.end_auth_comp_id 
_struct_sheet_range.end_auth_asym_id 
_struct_sheet_range.end_auth_seq_id 
AA1 1 THR A 43 ? ARG A 45 ? THR A 43 ARG A 45 
AA1 2 THR A 51 ? TYR A 53 ? THR A 51 TYR A 53 
AA1 3 ILE A 58 ? ASN A 59 ? ILE A 58 ASN A 59 
# 
loop_
_pdbx_struct_sheet_hbond.sheet_id 
_pdbx_struct_sheet_hbond.range_id_1 
_pdbx_struct_sheet_hbond.range_id_2 
_pdbx_struct_sheet_hbond.range_1_label_atom_id 
_pdbx_struct_sheet_hbond.range_1_label_comp_id 
_pdbx_struct_sheet_hbond.range_1_label_asym_id 
_pdbx_struct_sheet_hbond.range_1_label_seq_id 
_pdbx_struct_sheet_hbond.range_1_PDB_ins_code 
_pdbx_struct_sheet_hbond.range_1_auth_atom_id 
_pdbx_struct_sheet_hbond.range_1_auth_comp_id 
_pdbx_struct_sheet_hbond.range_1_auth_asym_id 
_pdbx_struct_sheet_hbond.range_1_auth_seq_id 
_pdbx_struct_sheet_hbond.range_2_label_atom_id 
_pdbx_struct_sheet_hbond.range_2_label_comp_id 
_pdbx_struct_sheet_hbond.range_2_label_asym_id 
_pdbx_struct_sheet_hbond.range_2_label_seq_id 
_pdbx_struct_sheet_hbond.range_2_PDB_ins_code 
_pdbx_struct_sheet_hbond.range_2_auth_atom_id 
_pdbx_struct_sheet_hbond.range_2_auth_comp_id 
_pdbx_struct_sheet_hbond.range_2_auth_asym_id 
_pdbx_struct_sheet_hbond.range_2_auth_seq_id 
AA1 1 2 N ASN A 44 ? N ASN A 44 O ASP A 52 ? O ASP A 52 
AA1 2 3 N TYR A 53 ? N TYR A 53 O ILE A 58 ? O ILE A 58 
# 
loop_
_struct_site.id 
_struct_site.pdbx_evidence_code 
_struct_site.pdbx_auth_asym_id 
_struct_site.pdbx_auth_comp_id 
_struct_site.pdbx_auth_seq_id 
_struct_site.pdbx_auth_ins_code 
_struct_site.pdbx_num_residues 
_struct_site.details 
AC1 Software A HFW 201 ? 33 'binding site for residue HFW A 201' 
AC2 Software A K   202 ? 5  'binding site for residue K A 202'   
AC3 Software A K   203 ? 2  'binding site for residue K A 203'   
# 
loop_
_struct_site_gen.id 
_struct_site_gen.site_id 
_struct_site_gen.pdbx_num_res 
_struct_site_gen.label_comp_id 
_struct_site_gen.label_asym_id 
_struct_site_gen.label_seq_id 
_struct_site_gen.pdbx_auth_ins_code 
_struct_site_gen.auth_comp_id 
_struct_site_gen.auth_asym_id 
_struct_site_gen.auth_seq_id 
_struct_site_gen.label_atom_id 
_struct_site_gen.label_alt_id 
_struct_site_gen.symmetry 
_struct_site_gen.details 
1  AC1 33 GLY A 16  ? GLY A 16  . ? 5_454 ? 
2  AC1 33 TYR A 20  ? TYR A 20  . ? 3_454 ? 
3  AC1 33 TYR A 20  ? TYR A 20  . ? 5_454 ? 
4  AC1 33 ARG A 45  ? ARG A 45  . ? 8_554 ? 
5  AC1 33 ARG A 45  ? ARG A 45  . ? 1_555 ? 
6  AC1 33 ASN A 46  ? ASN A 46  . ? 1_555 ? 
7  AC1 33 THR A 47  ? THR A 47  . ? 1_555 ? 
8  AC1 33 THR A 47  ? THR A 47  . ? 8_554 ? 
9  AC1 33 ASN A 93  ? ASN A 93  . ? 5_454 ? 
10 AC1 33 LYS A 96  ? LYS A 96  . ? 5_454 ? 
11 AC1 33 LYS A 96  ? LYS A 96  . ? 3_454 ? 
12 AC1 33 ARG A 128 ? ARG A 128 . ? 5_453 ? 
13 AC1 33 ARG A 128 ? ARG A 128 . ? 3_455 ? 
14 AC1 33 HOH E .   ? HOH A 301 . ? 1_555 ? 
15 AC1 33 HOH E .   ? HOH A 301 . ? 8_554 ? 
16 AC1 33 HOH E .   ? HOH A 302 . ? 3_454 ? 
17 AC1 33 HOH E .   ? HOH A 305 . ? 1_555 ? 
18 AC1 33 HOH E .   ? HOH A 306 . ? 1_555 ? 
19 AC1 33 HOH E .   ? HOH A 306 . ? 8_554 ? 
20 AC1 33 HOH E .   ? HOH A 307 . ? 1_555 ? 
21 AC1 33 HOH E .   ? HOH A 314 . ? 5_454 ? 
22 AC1 33 HOH E .   ? HOH A 314 . ? 3_454 ? 
23 AC1 33 HOH E .   ? HOH A 320 . ? 8_554 ? 
24 AC1 33 HOH E .   ? HOH A 320 . ? 1_555 ? 
25 AC1 33 HOH E .   ? HOH A 328 . ? 1_555 ? 
26 AC1 33 HOH E .   ? HOH A 339 . ? 1_555 ? 
27 AC1 33 HOH E .   ? HOH A 340 . ? 1_555 ? 
28 AC1 33 HOH E .   ? HOH A 340 . ? 8_554 ? 
29 AC1 33 HOH E .   ? HOH A 355 . ? 1_555 ? 
30 AC1 33 HOH E .   ? HOH A 358 . ? 8_554 ? 
31 AC1 33 HOH E .   ? HOH A 358 . ? 1_555 ? 
32 AC1 33 HOH E .   ? HOH A 363 . ? 8_554 ? 
33 AC1 33 HOH E .   ? HOH A 380 . ? 1_555 ? 
34 AC2 5  GLY A 67  ? GLY A 67  . ? 1_555 ? 
35 AC2 5  ARG A 68  ? ARG A 68  . ? 1_555 ? 
36 AC2 5  THR A 69  ? THR A 69  . ? 1_555 ? 
37 AC2 5  SER A 72  ? SER A 72  . ? 1_555 ? 
38 AC2 5  HOH E .   ? HOH A 356 . ? 1_555 ? 
39 AC3 2  TYR A 23  ? TYR A 23  . ? 1_555 ? 
40 AC3 2  ASN A 113 ? ASN A 113 . ? 4_445 ? 
# 
_pdbx_entry_details.entry_id                   5FHW 
_pdbx_entry_details.compound_details           ? 
_pdbx_entry_details.source_details             ? 
_pdbx_entry_details.nonpolymer_details         ? 
_pdbx_entry_details.sequence_details           ? 
_pdbx_entry_details.has_ligand_of_interest     ? 
_pdbx_entry_details.has_protein_modification   Y 
# 
_pdbx_validate_rmsd_angle.id                         1 
_pdbx_validate_rmsd_angle.PDB_model_num              1 
_pdbx_validate_rmsd_angle.auth_atom_id_1             NE 
_pdbx_validate_rmsd_angle.auth_asym_id_1             A 
_pdbx_validate_rmsd_angle.auth_comp_id_1             ARG 
_pdbx_validate_rmsd_angle.auth_seq_id_1              61 
_pdbx_validate_rmsd_angle.PDB_ins_code_1             ? 
_pdbx_validate_rmsd_angle.label_alt_id_1             ? 
_pdbx_validate_rmsd_angle.auth_atom_id_2             CZ 
_pdbx_validate_rmsd_angle.auth_asym_id_2             A 
_pdbx_validate_rmsd_angle.auth_comp_id_2             ARG 
_pdbx_validate_rmsd_angle.auth_seq_id_2              61 
_pdbx_validate_rmsd_angle.PDB_ins_code_2             ? 
_pdbx_validate_rmsd_angle.label_alt_id_2             ? 
_pdbx_validate_rmsd_angle.auth_atom_id_3             NH1 
_pdbx_validate_rmsd_angle.auth_asym_id_3             A 
_pdbx_validate_rmsd_angle.auth_comp_id_3             ARG 
_pdbx_validate_rmsd_angle.auth_seq_id_3              61 
_pdbx_validate_rmsd_angle.PDB_ins_code_3             ? 
_pdbx_validate_rmsd_angle.label_alt_id_3             ? 
_pdbx_validate_rmsd_angle.angle_value                123.97 
_pdbx_validate_rmsd_angle.angle_target_value         120.30 
_pdbx_validate_rmsd_angle.angle_deviation            3.67 
_pdbx_validate_rmsd_angle.angle_standard_deviation   0.50 
_pdbx_validate_rmsd_angle.linker_flag                N 
# 
loop_
_pdbx_struct_special_symmetry.id 
_pdbx_struct_special_symmetry.PDB_model_num 
_pdbx_struct_special_symmetry.auth_asym_id 
_pdbx_struct_special_symmetry.auth_comp_id 
_pdbx_struct_special_symmetry.auth_seq_id 
_pdbx_struct_special_symmetry.PDB_ins_code 
_pdbx_struct_special_symmetry.label_asym_id 
_pdbx_struct_special_symmetry.label_comp_id 
_pdbx_struct_special_symmetry.label_seq_id 
1 1 A HFW 201 ? B HFW . 
2 1 A HOH 379 ? E HOH . 
# 
_pdbx_phasing_MR.entry_id                     5FHW 
_pdbx_phasing_MR.method_rotation              ? 
_pdbx_phasing_MR.method_translation           ? 
_pdbx_phasing_MR.model_details                ? 
_pdbx_phasing_MR.R_factor                     ? 
_pdbx_phasing_MR.R_rigid_body                 ? 
_pdbx_phasing_MR.correlation_coeff_Fo_to_Fc   ? 
_pdbx_phasing_MR.correlation_coeff_Io_to_Ic   ? 
_pdbx_phasing_MR.d_res_high_rotation          1.520 
_pdbx_phasing_MR.d_res_low_rotation           35.310 
_pdbx_phasing_MR.d_res_high_translation       1.520 
_pdbx_phasing_MR.d_res_low_translation        35.310 
_pdbx_phasing_MR.packing                      ? 
_pdbx_phasing_MR.reflns_percent_rotation      ? 
_pdbx_phasing_MR.reflns_percent_translation   ? 
_pdbx_phasing_MR.sigma_F_rotation             ? 
_pdbx_phasing_MR.sigma_F_translation          ? 
_pdbx_phasing_MR.sigma_I_rotation             ? 
_pdbx_phasing_MR.sigma_I_translation          ? 
# 
_phasing.method   MR 
# 
loop_
_pdbx_distant_solvent_atoms.id 
_pdbx_distant_solvent_atoms.PDB_model_num 
_pdbx_distant_solvent_atoms.auth_atom_id 
_pdbx_distant_solvent_atoms.label_alt_id 
_pdbx_distant_solvent_atoms.auth_asym_id 
_pdbx_distant_solvent_atoms.auth_comp_id 
_pdbx_distant_solvent_atoms.auth_seq_id 
_pdbx_distant_solvent_atoms.PDB_ins_code 
_pdbx_distant_solvent_atoms.neighbor_macromolecule_distance 
_pdbx_distant_solvent_atoms.neighbor_ligand_distance 
1 1 O ? A HOH 471 ? 6.23 . 
2 1 O ? A HOH 472 ? 6.57 . 
# 
loop_
_chem_comp_atom.comp_id 
_chem_comp_atom.atom_id 
_chem_comp_atom.type_symbol 
_chem_comp_atom.pdbx_aromatic_flag 
_chem_comp_atom.pdbx_stereo_config 
_chem_comp_atom.pdbx_ordinal 
ALA N    N  N N 1   
ALA CA   C  N S 2   
ALA C    C  N N 3   
ALA O    O  N N 4   
ALA CB   C  N N 5   
ALA OXT  O  N N 6   
ALA H    H  N N 7   
ALA H2   H  N N 8   
ALA HA   H  N N 9   
ALA HB1  H  N N 10  
ALA HB2  H  N N 11  
ALA HB3  H  N N 12  
ALA HXT  H  N N 13  
ARG N    N  N N 14  
ARG CA   C  N S 15  
ARG C    C  N N 16  
ARG O    O  N N 17  
ARG CB   C  N N 18  
ARG CG   C  N N 19  
ARG CD   C  N N 20  
ARG NE   N  N N 21  
ARG CZ   C  N N 22  
ARG NH1  N  N N 23  
ARG NH2  N  N N 24  
ARG OXT  O  N N 25  
ARG H    H  N N 26  
ARG H2   H  N N 27  
ARG HA   H  N N 28  
ARG HB2  H  N N 29  
ARG HB3  H  N N 30  
ARG HG2  H  N N 31  
ARG HG3  H  N N 32  
ARG HD2  H  N N 33  
ARG HD3  H  N N 34  
ARG HE   H  N N 35  
ARG HH11 H  N N 36  
ARG HH12 H  N N 37  
ARG HH21 H  N N 38  
ARG HH22 H  N N 39  
ARG HXT  H  N N 40  
ASN N    N  N N 41  
ASN CA   C  N S 42  
ASN C    C  N N 43  
ASN O    O  N N 44  
ASN CB   C  N N 45  
ASN CG   C  N N 46  
ASN OD1  O  N N 47  
ASN ND2  N  N N 48  
ASN OXT  O  N N 49  
ASN H    H  N N 50  
ASN H2   H  N N 51  
ASN HA   H  N N 52  
ASN HB2  H  N N 53  
ASN HB3  H  N N 54  
ASN HD21 H  N N 55  
ASN HD22 H  N N 56  
ASN HXT  H  N N 57  
ASP N    N  N N 58  
ASP CA   C  N S 59  
ASP C    C  N N 60  
ASP O    O  N N 61  
ASP CB   C  N N 62  
ASP CG   C  N N 63  
ASP OD1  O  N N 64  
ASP OD2  O  N N 65  
ASP OXT  O  N N 66  
ASP H    H  N N 67  
ASP H2   H  N N 68  
ASP HA   H  N N 69  
ASP HB2  H  N N 70  
ASP HB3  H  N N 71  
ASP HD2  H  N N 72  
ASP HXT  H  N N 73  
CYS N    N  N N 74  
CYS CA   C  N R 75  
CYS C    C  N N 76  
CYS O    O  N N 77  
CYS CB   C  N N 78  
CYS SG   S  N N 79  
CYS OXT  O  N N 80  
CYS H    H  N N 81  
CYS H2   H  N N 82  
CYS HA   H  N N 83  
CYS HB2  H  N N 84  
CYS HB3  H  N N 85  
CYS HG   H  N N 86  
CYS HXT  H  N N 87  
GLN N    N  N N 88  
GLN CA   C  N S 89  
GLN C    C  N N 90  
GLN O    O  N N 91  
GLN CB   C  N N 92  
GLN CG   C  N N 93  
GLN CD   C  N N 94  
GLN OE1  O  N N 95  
GLN NE2  N  N N 96  
GLN OXT  O  N N 97  
GLN H    H  N N 98  
GLN H2   H  N N 99  
GLN HA   H  N N 100 
GLN HB2  H  N N 101 
GLN HB3  H  N N 102 
GLN HG2  H  N N 103 
GLN HG3  H  N N 104 
GLN HE21 H  N N 105 
GLN HE22 H  N N 106 
GLN HXT  H  N N 107 
GLU N    N  N N 108 
GLU CA   C  N S 109 
GLU C    C  N N 110 
GLU O    O  N N 111 
GLU CB   C  N N 112 
GLU CG   C  N N 113 
GLU CD   C  N N 114 
GLU OE1  O  N N 115 
GLU OE2  O  N N 116 
GLU OXT  O  N N 117 
GLU H    H  N N 118 
GLU H2   H  N N 119 
GLU HA   H  N N 120 
GLU HB2  H  N N 121 
GLU HB3  H  N N 122 
GLU HG2  H  N N 123 
GLU HG3  H  N N 124 
GLU HE2  H  N N 125 
GLU HXT  H  N N 126 
GLY N    N  N N 127 
GLY CA   C  N N 128 
GLY C    C  N N 129 
GLY O    O  N N 130 
GLY OXT  O  N N 131 
GLY H    H  N N 132 
GLY H2   H  N N 133 
GLY HA2  H  N N 134 
GLY HA3  H  N N 135 
GLY HXT  H  N N 136 
HFW P1   P  N N 137 
HFW P2   P  N N 138 
HFW O1   O  N N 139 
HFW O1L  O  N N 140 
HFW O2   O  N N 141 
HFW O2L  O  N N 142 
HFW O3   O  N N 143 
HFW O3L  O  N N 144 
HFW O4   O  N N 145 
HFW O4L  O  N N 146 
HFW O5   O  N N 147 
HFW O6   O  N N 148 
HFW O7   O  N N 149 
HFW O8   O  N N 150 
HFW O9   O  N N 151 
HFW O10  O  N N 152 
HFW O11  O  N N 153 
HFW O12  O  N N 154 
HFW O13  O  N N 155 
HFW O14  O  N N 156 
HFW O15  O  N N 157 
HFW O16  O  N N 158 
HFW O17  O  N N 159 
HFW O18  O  N N 160 
HFW O19  O  N N 161 
HFW O20  O  N N 162 
HFW O21  O  N N 163 
HFW O22  O  N N 164 
HFW O23  O  N N 165 
HFW O24  O  N N 166 
HFW O25  O  N N 167 
HFW O26  O  N N 168 
HFW O27  O  N N 169 
HFW O28  O  N N 170 
HFW O29  O  N N 171 
HFW O30  O  N N 172 
HFW O31  O  N N 173 
HFW O32  O  N N 174 
HFW O33  O  N N 175 
HFW O34  O  N N 176 
HFW O35  O  N N 177 
HFW O36  O  N N 178 
HFW O37  O  N N 179 
HFW O38  O  N N 180 
HFW O39  O  N N 181 
HFW O40  O  N N 182 
HFW O41  O  N N 183 
HFW O42  O  N N 184 
HFW O43  O  N N 185 
HFW O44  O  N N 186 
HFW O45  O  N N 187 
HFW O46  O  N N 188 
HFW O47  O  N N 189 
HFW O48  O  N N 190 
HFW O49  O  N N 191 
HFW O50  O  N N 192 
HFW O51  O  N N 193 
HFW O52  O  N N 194 
HFW O53  O  N N 195 
HFW O54  O  N N 196 
HFW O55  O  N N 197 
HFW O56  O  N N 198 
HFW O57  O  N N 199 
HFW W1   W  N N 200 
HFW W10  W  N N 201 
HFW W11  W  N N 202 
HFW W12  W  N N 203 
HFW W13  W  N N 204 
HFW W14  W  N N 205 
HFW W15  W  N N 206 
HFW W16  W  N N 207 
HFW W17  W  N N 208 
HFW W2   W  N N 209 
HFW W3   W  N N 210 
HFW W4   W  N N 211 
HFW W5   W  N N 212 
HFW W6   W  N N 213 
HFW W7   W  N N 214 
HFW W8   W  N N 215 
HFW W9   W  N N 216 
HFW HF1  HF N N 217 
HIS N    N  N N 218 
HIS CA   C  N S 219 
HIS C    C  N N 220 
HIS O    O  N N 221 
HIS CB   C  N N 222 
HIS CG   C  Y N 223 
HIS ND1  N  Y N 224 
HIS CD2  C  Y N 225 
HIS CE1  C  Y N 226 
HIS NE2  N  Y N 227 
HIS OXT  O  N N 228 
HIS H    H  N N 229 
HIS H2   H  N N 230 
HIS HA   H  N N 231 
HIS HB2  H  N N 232 
HIS HB3  H  N N 233 
HIS HD1  H  N N 234 
HIS HD2  H  N N 235 
HIS HE1  H  N N 236 
HIS HE2  H  N N 237 
HIS HXT  H  N N 238 
HOH O    O  N N 239 
HOH H1   H  N N 240 
HOH H2   H  N N 241 
ILE N    N  N N 242 
ILE CA   C  N S 243 
ILE C    C  N N 244 
ILE O    O  N N 245 
ILE CB   C  N S 246 
ILE CG1  C  N N 247 
ILE CG2  C  N N 248 
ILE CD1  C  N N 249 
ILE OXT  O  N N 250 
ILE H    H  N N 251 
ILE H2   H  N N 252 
ILE HA   H  N N 253 
ILE HB   H  N N 254 
ILE HG12 H  N N 255 
ILE HG13 H  N N 256 
ILE HG21 H  N N 257 
ILE HG22 H  N N 258 
ILE HG23 H  N N 259 
ILE HD11 H  N N 260 
ILE HD12 H  N N 261 
ILE HD13 H  N N 262 
ILE HXT  H  N N 263 
K   K    K  N N 264 
LEU N    N  N N 265 
LEU CA   C  N S 266 
LEU C    C  N N 267 
LEU O    O  N N 268 
LEU CB   C  N N 269 
LEU CG   C  N N 270 
LEU CD1  C  N N 271 
LEU CD2  C  N N 272 
LEU OXT  O  N N 273 
LEU H    H  N N 274 
LEU H2   H  N N 275 
LEU HA   H  N N 276 
LEU HB2  H  N N 277 
LEU HB3  H  N N 278 
LEU HG   H  N N 279 
LEU HD11 H  N N 280 
LEU HD12 H  N N 281 
LEU HD13 H  N N 282 
LEU HD21 H  N N 283 
LEU HD22 H  N N 284 
LEU HD23 H  N N 285 
LEU HXT  H  N N 286 
LYS N    N  N N 287 
LYS CA   C  N S 288 
LYS C    C  N N 289 
LYS O    O  N N 290 
LYS CB   C  N N 291 
LYS CG   C  N N 292 
LYS CD   C  N N 293 
LYS CE   C  N N 294 
LYS NZ   N  N N 295 
LYS OXT  O  N N 296 
LYS H    H  N N 297 
LYS H2   H  N N 298 
LYS HA   H  N N 299 
LYS HB2  H  N N 300 
LYS HB3  H  N N 301 
LYS HG2  H  N N 302 
LYS HG3  H  N N 303 
LYS HD2  H  N N 304 
LYS HD3  H  N N 305 
LYS HE2  H  N N 306 
LYS HE3  H  N N 307 
LYS HZ1  H  N N 308 
LYS HZ2  H  N N 309 
LYS HZ3  H  N N 310 
LYS HXT  H  N N 311 
MET N    N  N N 312 
MET CA   C  N S 313 
MET C    C  N N 314 
MET O    O  N N 315 
MET CB   C  N N 316 
MET CG   C  N N 317 
MET SD   S  N N 318 
MET CE   C  N N 319 
MET OXT  O  N N 320 
MET H    H  N N 321 
MET H2   H  N N 322 
MET HA   H  N N 323 
MET HB2  H  N N 324 
MET HB3  H  N N 325 
MET HG2  H  N N 326 
MET HG3  H  N N 327 
MET HE1  H  N N 328 
MET HE2  H  N N 329 
MET HE3  H  N N 330 
MET HXT  H  N N 331 
PHE N    N  N N 332 
PHE CA   C  N S 333 
PHE C    C  N N 334 
PHE O    O  N N 335 
PHE CB   C  N N 336 
PHE CG   C  Y N 337 
PHE CD1  C  Y N 338 
PHE CD2  C  Y N 339 
PHE CE1  C  Y N 340 
PHE CE2  C  Y N 341 
PHE CZ   C  Y N 342 
PHE OXT  O  N N 343 
PHE H    H  N N 344 
PHE H2   H  N N 345 
PHE HA   H  N N 346 
PHE HB2  H  N N 347 
PHE HB3  H  N N 348 
PHE HD1  H  N N 349 
PHE HD2  H  N N 350 
PHE HE1  H  N N 351 
PHE HE2  H  N N 352 
PHE HZ   H  N N 353 
PHE HXT  H  N N 354 
PRO N    N  N N 355 
PRO CA   C  N S 356 
PRO C    C  N N 357 
PRO O    O  N N 358 
PRO CB   C  N N 359 
PRO CG   C  N N 360 
PRO CD   C  N N 361 
PRO OXT  O  N N 362 
PRO H    H  N N 363 
PRO HA   H  N N 364 
PRO HB2  H  N N 365 
PRO HB3  H  N N 366 
PRO HG2  H  N N 367 
PRO HG3  H  N N 368 
PRO HD2  H  N N 369 
PRO HD3  H  N N 370 
PRO HXT  H  N N 371 
SER N    N  N N 372 
SER CA   C  N S 373 
SER C    C  N N 374 
SER O    O  N N 375 
SER CB   C  N N 376 
SER OG   O  N N 377 
SER OXT  O  N N 378 
SER H    H  N N 379 
SER H2   H  N N 380 
SER HA   H  N N 381 
SER HB2  H  N N 382 
SER HB3  H  N N 383 
SER HG   H  N N 384 
SER HXT  H  N N 385 
THR N    N  N N 386 
THR CA   C  N S 387 
THR C    C  N N 388 
THR O    O  N N 389 
THR CB   C  N R 390 
THR OG1  O  N N 391 
THR CG2  C  N N 392 
THR OXT  O  N N 393 
THR H    H  N N 394 
THR H2   H  N N 395 
THR HA   H  N N 396 
THR HB   H  N N 397 
THR HG1  H  N N 398 
THR HG21 H  N N 399 
THR HG22 H  N N 400 
THR HG23 H  N N 401 
THR HXT  H  N N 402 
TRP N    N  N N 403 
TRP CA   C  N S 404 
TRP C    C  N N 405 
TRP O    O  N N 406 
TRP CB   C  N N 407 
TRP CG   C  Y N 408 
TRP CD1  C  Y N 409 
TRP CD2  C  Y N 410 
TRP NE1  N  Y N 411 
TRP CE2  C  Y N 412 
TRP CE3  C  Y N 413 
TRP CZ2  C  Y N 414 
TRP CZ3  C  Y N 415 
TRP CH2  C  Y N 416 
TRP OXT  O  N N 417 
TRP H    H  N N 418 
TRP H2   H  N N 419 
TRP HA   H  N N 420 
TRP HB2  H  N N 421 
TRP HB3  H  N N 422 
TRP HD1  H  N N 423 
TRP HE1  H  N N 424 
TRP HE3  H  N N 425 
TRP HZ2  H  N N 426 
TRP HZ3  H  N N 427 
TRP HH2  H  N N 428 
TRP HXT  H  N N 429 
TYR N    N  N N 430 
TYR CA   C  N S 431 
TYR C    C  N N 432 
TYR O    O  N N 433 
TYR CB   C  N N 434 
TYR CG   C  Y N 435 
TYR CD1  C  Y N 436 
TYR CD2  C  Y N 437 
TYR CE1  C  Y N 438 
TYR CE2  C  Y N 439 
TYR CZ   C  Y N 440 
TYR OH   O  N N 441 
TYR OXT  O  N N 442 
TYR H    H  N N 443 
TYR H2   H  N N 444 
TYR HA   H  N N 445 
TYR HB2  H  N N 446 
TYR HB3  H  N N 447 
TYR HD1  H  N N 448 
TYR HD2  H  N N 449 
TYR HE1  H  N N 450 
TYR HE2  H  N N 451 
TYR HH   H  N N 452 
TYR HXT  H  N N 453 
VAL N    N  N N 454 
VAL CA   C  N S 455 
VAL C    C  N N 456 
VAL O    O  N N 457 
VAL CB   C  N N 458 
VAL CG1  C  N N 459 
VAL CG2  C  N N 460 
VAL OXT  O  N N 461 
VAL H    H  N N 462 
VAL H2   H  N N 463 
VAL HA   H  N N 464 
VAL HB   H  N N 465 
VAL HG11 H  N N 466 
VAL HG12 H  N N 467 
VAL HG13 H  N N 468 
VAL HG21 H  N N 469 
VAL HG22 H  N N 470 
VAL HG23 H  N N 471 
VAL HXT  H  N N 472 
# 
loop_
_chem_comp_bond.comp_id 
_chem_comp_bond.atom_id_1 
_chem_comp_bond.atom_id_2 
_chem_comp_bond.value_order 
_chem_comp_bond.pdbx_aromatic_flag 
_chem_comp_bond.pdbx_stereo_config 
_chem_comp_bond.pdbx_ordinal 
ALA N   CA   sing N N 1   
ALA N   H    sing N N 2   
ALA N   H2   sing N N 3   
ALA CA  C    sing N N 4   
ALA CA  CB   sing N N 5   
ALA CA  HA   sing N N 6   
ALA C   O    doub N N 7   
ALA C   OXT  sing N N 8   
ALA CB  HB1  sing N N 9   
ALA CB  HB2  sing N N 10  
ALA CB  HB3  sing N N 11  
ALA OXT HXT  sing N N 12  
ARG N   CA   sing N N 13  
ARG N   H    sing N N 14  
ARG N   H2   sing N N 15  
ARG CA  C    sing N N 16  
ARG CA  CB   sing N N 17  
ARG CA  HA   sing N N 18  
ARG C   O    doub N N 19  
ARG C   OXT  sing N N 20  
ARG CB  CG   sing N N 21  
ARG CB  HB2  sing N N 22  
ARG CB  HB3  sing N N 23  
ARG CG  CD   sing N N 24  
ARG CG  HG2  sing N N 25  
ARG CG  HG3  sing N N 26  
ARG CD  NE   sing N N 27  
ARG CD  HD2  sing N N 28  
ARG CD  HD3  sing N N 29  
ARG NE  CZ   sing N N 30  
ARG NE  HE   sing N N 31  
ARG CZ  NH1  sing N N 32  
ARG CZ  NH2  doub N N 33  
ARG NH1 HH11 sing N N 34  
ARG NH1 HH12 sing N N 35  
ARG NH2 HH21 sing N N 36  
ARG NH2 HH22 sing N N 37  
ARG OXT HXT  sing N N 38  
ASN N   CA   sing N N 39  
ASN N   H    sing N N 40  
ASN N   H2   sing N N 41  
ASN CA  C    sing N N 42  
ASN CA  CB   sing N N 43  
ASN CA  HA   sing N N 44  
ASN C   O    doub N N 45  
ASN C   OXT  sing N N 46  
ASN CB  CG   sing N N 47  
ASN CB  HB2  sing N N 48  
ASN CB  HB3  sing N N 49  
ASN CG  OD1  doub N N 50  
ASN CG  ND2  sing N N 51  
ASN ND2 HD21 sing N N 52  
ASN ND2 HD22 sing N N 53  
ASN OXT HXT  sing N N 54  
ASP N   CA   sing N N 55  
ASP N   H    sing N N 56  
ASP N   H2   sing N N 57  
ASP CA  C    sing N N 58  
ASP CA  CB   sing N N 59  
ASP CA  HA   sing N N 60  
ASP C   O    doub N N 61  
ASP C   OXT  sing N N 62  
ASP CB  CG   sing N N 63  
ASP CB  HB2  sing N N 64  
ASP CB  HB3  sing N N 65  
ASP CG  OD1  doub N N 66  
ASP CG  OD2  sing N N 67  
ASP OD2 HD2  sing N N 68  
ASP OXT HXT  sing N N 69  
CYS N   CA   sing N N 70  
CYS N   H    sing N N 71  
CYS N   H2   sing N N 72  
CYS CA  C    sing N N 73  
CYS CA  CB   sing N N 74  
CYS CA  HA   sing N N 75  
CYS C   O    doub N N 76  
CYS C   OXT  sing N N 77  
CYS CB  SG   sing N N 78  
CYS CB  HB2  sing N N 79  
CYS CB  HB3  sing N N 80  
CYS SG  HG   sing N N 81  
CYS OXT HXT  sing N N 82  
GLN N   CA   sing N N 83  
GLN N   H    sing N N 84  
GLN N   H2   sing N N 85  
GLN CA  C    sing N N 86  
GLN CA  CB   sing N N 87  
GLN CA  HA   sing N N 88  
GLN C   O    doub N N 89  
GLN C   OXT  sing N N 90  
GLN CB  CG   sing N N 91  
GLN CB  HB2  sing N N 92  
GLN CB  HB3  sing N N 93  
GLN CG  CD   sing N N 94  
GLN CG  HG2  sing N N 95  
GLN CG  HG3  sing N N 96  
GLN CD  OE1  doub N N 97  
GLN CD  NE2  sing N N 98  
GLN NE2 HE21 sing N N 99  
GLN NE2 HE22 sing N N 100 
GLN OXT HXT  sing N N 101 
GLU N   CA   sing N N 102 
GLU N   H    sing N N 103 
GLU N   H2   sing N N 104 
GLU CA  C    sing N N 105 
GLU CA  CB   sing N N 106 
GLU CA  HA   sing N N 107 
GLU C   O    doub N N 108 
GLU C   OXT  sing N N 109 
GLU CB  CG   sing N N 110 
GLU CB  HB2  sing N N 111 
GLU CB  HB3  sing N N 112 
GLU CG  CD   sing N N 113 
GLU CG  HG2  sing N N 114 
GLU CG  HG3  sing N N 115 
GLU CD  OE1  doub N N 116 
GLU CD  OE2  sing N N 117 
GLU OE2 HE2  sing N N 118 
GLU OXT HXT  sing N N 119 
GLY N   CA   sing N N 120 
GLY N   H    sing N N 121 
GLY N   H2   sing N N 122 
GLY CA  C    sing N N 123 
GLY CA  HA2  sing N N 124 
GLY CA  HA3  sing N N 125 
GLY C   O    doub N N 126 
GLY C   OXT  sing N N 127 
GLY OXT HXT  sing N N 128 
HFW P1  O8   sing N N 129 
HFW P1  O21  sing N N 130 
HFW P1  O22  sing N N 131 
HFW P1  O23  sing N N 132 
HFW P2  O42  sing N N 133 
HFW P2  O43  sing N N 134 
HFW P2  O44  sing N N 135 
HFW P2  O45  sing N N 136 
HFW O1  W1   doub N N 137 
HFW O1L W1   sing N N 138 
HFW O1L HF1  sing N N 139 
HFW O2  W1   sing N N 140 
HFW O2  W2   sing N N 141 
HFW O2L W2   sing N N 142 
HFW O2L HF1  sing N N 143 
HFW O3  W2   doub N N 144 
HFW O3L W6   sing N N 145 
HFW O3L HF1  sing N N 146 
HFW O4  W1   sing N N 147 
HFW O4  W3   sing N N 148 
HFW O4L W7   sing N N 149 
HFW O4L HF1  sing N N 150 
HFW O5  W2   sing N N 151 
HFW O5  W4   sing N N 152 
HFW O6  W2   sing N N 153 
HFW O6  W5   sing N N 154 
HFW O7  W1   sing N N 155 
HFW O7  W8   sing N N 156 
HFW O8  W1   sing N N 157 
HFW O8  W2   sing N N 158 
HFW O9  W3   sing N N 159 
HFW O9  W8   sing N N 160 
HFW O10 W3   doub N N 161 
HFW O11 W3   sing N N 162 
HFW O11 W4   sing N N 163 
HFW O12 W4   doub N N 164 
HFW O13 W4   sing N N 165 
HFW O13 W5   sing N N 166 
HFW O14 W5   doub N N 167 
HFW O15 W5   sing N N 168 
HFW O15 W6   sing N N 169 
HFW O16 W6   doub N N 170 
HFW O17 W6   sing N N 171 
HFW O17 W7   sing N N 172 
HFW O18 W7   doub N N 173 
HFW O19 W7   sing N N 174 
HFW O19 W8   sing N N 175 
HFW O20 W8   doub N N 176 
HFW O21 W3   sing N N 177 
HFW O21 W4   sing N N 178 
HFW O22 W5   sing N N 179 
HFW O22 W6   sing N N 180 
HFW O23 W7   sing N N 181 
HFW O23 W8   sing N N 182 
HFW O24 W3   sing N N 183 
HFW O24 W9   sing N N 184 
HFW O25 W10  sing N N 185 
HFW O25 W4   sing N N 186 
HFW O26 W11  sing N N 187 
HFW O26 W5   sing N N 188 
HFW O27 W12  sing N N 189 
HFW O27 W6   sing N N 190 
HFW O28 W13  sing N N 191 
HFW O28 W7   sing N N 192 
HFW O29 W14  sing N N 193 
HFW O29 W8   sing N N 194 
HFW O30 W14  sing N N 195 
HFW O30 W9   sing N N 196 
HFW O31 W9   doub N N 197 
HFW O32 W10  sing N N 198 
HFW O32 W9   sing N N 199 
HFW O33 W10  doub N N 200 
HFW O34 W10  sing N N 201 
HFW O34 W11  sing N N 202 
HFW O35 W11  doub N N 203 
HFW O36 W11  sing N N 204 
HFW O36 W12  sing N N 205 
HFW O37 W12  doub N N 206 
HFW O38 W12  sing N N 207 
HFW O38 W13  sing N N 208 
HFW O39 W13  doub N N 209 
HFW O40 W13  sing N N 210 
HFW O40 W14  sing N N 211 
HFW O41 W14  doub N N 212 
HFW O42 W10  sing N N 213 
HFW O42 W9   sing N N 214 
HFW O43 W11  sing N N 215 
HFW O43 W12  sing N N 216 
HFW O44 W13  sing N N 217 
HFW O44 W14  sing N N 218 
HFW O45 W15  sing N N 219 
HFW O45 W16  sing N N 220 
HFW O45 W17  sing N N 221 
HFW O46 W15  sing N N 222 
HFW O46 W9   sing N N 223 
HFW O47 W10  sing N N 224 
HFW O47 W16  sing N N 225 
HFW O48 W11  sing N N 226 
HFW O48 W16  sing N N 227 
HFW O49 W12  sing N N 228 
HFW O49 W17  sing N N 229 
HFW O50 W13  sing N N 230 
HFW O50 W17  sing N N 231 
HFW O51 W14  sing N N 232 
HFW O51 W15  sing N N 233 
HFW O52 W15  doub N N 234 
HFW O53 W15  sing N N 235 
HFW O53 W16  sing N N 236 
HFW O54 W16  doub N N 237 
HFW O55 W16  sing N N 238 
HFW O55 W17  sing N N 239 
HFW O56 W17  doub N N 240 
HFW O57 W15  sing N N 241 
HFW O57 W17  sing N N 242 
HIS N   CA   sing N N 243 
HIS N   H    sing N N 244 
HIS N   H2   sing N N 245 
HIS CA  C    sing N N 246 
HIS CA  CB   sing N N 247 
HIS CA  HA   sing N N 248 
HIS C   O    doub N N 249 
HIS C   OXT  sing N N 250 
HIS CB  CG   sing N N 251 
HIS CB  HB2  sing N N 252 
HIS CB  HB3  sing N N 253 
HIS CG  ND1  sing Y N 254 
HIS CG  CD2  doub Y N 255 
HIS ND1 CE1  doub Y N 256 
HIS ND1 HD1  sing N N 257 
HIS CD2 NE2  sing Y N 258 
HIS CD2 HD2  sing N N 259 
HIS CE1 NE2  sing Y N 260 
HIS CE1 HE1  sing N N 261 
HIS NE2 HE2  sing N N 262 
HIS OXT HXT  sing N N 263 
HOH O   H1   sing N N 264 
HOH O   H2   sing N N 265 
ILE N   CA   sing N N 266 
ILE N   H    sing N N 267 
ILE N   H2   sing N N 268 
ILE CA  C    sing N N 269 
ILE CA  CB   sing N N 270 
ILE CA  HA   sing N N 271 
ILE C   O    doub N N 272 
ILE C   OXT  sing N N 273 
ILE CB  CG1  sing N N 274 
ILE CB  CG2  sing N N 275 
ILE CB  HB   sing N N 276 
ILE CG1 CD1  sing N N 277 
ILE CG1 HG12 sing N N 278 
ILE CG1 HG13 sing N N 279 
ILE CG2 HG21 sing N N 280 
ILE CG2 HG22 sing N N 281 
ILE CG2 HG23 sing N N 282 
ILE CD1 HD11 sing N N 283 
ILE CD1 HD12 sing N N 284 
ILE CD1 HD13 sing N N 285 
ILE OXT HXT  sing N N 286 
LEU N   CA   sing N N 287 
LEU N   H    sing N N 288 
LEU N   H2   sing N N 289 
LEU CA  C    sing N N 290 
LEU CA  CB   sing N N 291 
LEU CA  HA   sing N N 292 
LEU C   O    doub N N 293 
LEU C   OXT  sing N N 294 
LEU CB  CG   sing N N 295 
LEU CB  HB2  sing N N 296 
LEU CB  HB3  sing N N 297 
LEU CG  CD1  sing N N 298 
LEU CG  CD2  sing N N 299 
LEU CG  HG   sing N N 300 
LEU CD1 HD11 sing N N 301 
LEU CD1 HD12 sing N N 302 
LEU CD1 HD13 sing N N 303 
LEU CD2 HD21 sing N N 304 
LEU CD2 HD22 sing N N 305 
LEU CD2 HD23 sing N N 306 
LEU OXT HXT  sing N N 307 
LYS N   CA   sing N N 308 
LYS N   H    sing N N 309 
LYS N   H2   sing N N 310 
LYS CA  C    sing N N 311 
LYS CA  CB   sing N N 312 
LYS CA  HA   sing N N 313 
LYS C   O    doub N N 314 
LYS C   OXT  sing N N 315 
LYS CB  CG   sing N N 316 
LYS CB  HB2  sing N N 317 
LYS CB  HB3  sing N N 318 
LYS CG  CD   sing N N 319 
LYS CG  HG2  sing N N 320 
LYS CG  HG3  sing N N 321 
LYS CD  CE   sing N N 322 
LYS CD  HD2  sing N N 323 
LYS CD  HD3  sing N N 324 
LYS CE  NZ   sing N N 325 
LYS CE  HE2  sing N N 326 
LYS CE  HE3  sing N N 327 
LYS NZ  HZ1  sing N N 328 
LYS NZ  HZ2  sing N N 329 
LYS NZ  HZ3  sing N N 330 
LYS OXT HXT  sing N N 331 
MET N   CA   sing N N 332 
MET N   H    sing N N 333 
MET N   H2   sing N N 334 
MET CA  C    sing N N 335 
MET CA  CB   sing N N 336 
MET CA  HA   sing N N 337 
MET C   O    doub N N 338 
MET C   OXT  sing N N 339 
MET CB  CG   sing N N 340 
MET CB  HB2  sing N N 341 
MET CB  HB3  sing N N 342 
MET CG  SD   sing N N 343 
MET CG  HG2  sing N N 344 
MET CG  HG3  sing N N 345 
MET SD  CE   sing N N 346 
MET CE  HE1  sing N N 347 
MET CE  HE2  sing N N 348 
MET CE  HE3  sing N N 349 
MET OXT HXT  sing N N 350 
PHE N   CA   sing N N 351 
PHE N   H    sing N N 352 
PHE N   H2   sing N N 353 
PHE CA  C    sing N N 354 
PHE CA  CB   sing N N 355 
PHE CA  HA   sing N N 356 
PHE C   O    doub N N 357 
PHE C   OXT  sing N N 358 
PHE CB  CG   sing N N 359 
PHE CB  HB2  sing N N 360 
PHE CB  HB3  sing N N 361 
PHE CG  CD1  doub Y N 362 
PHE CG  CD2  sing Y N 363 
PHE CD1 CE1  sing Y N 364 
PHE CD1 HD1  sing N N 365 
PHE CD2 CE2  doub Y N 366 
PHE CD2 HD2  sing N N 367 
PHE CE1 CZ   doub Y N 368 
PHE CE1 HE1  sing N N 369 
PHE CE2 CZ   sing Y N 370 
PHE CE2 HE2  sing N N 371 
PHE CZ  HZ   sing N N 372 
PHE OXT HXT  sing N N 373 
PRO N   CA   sing N N 374 
PRO N   CD   sing N N 375 
PRO N   H    sing N N 376 
PRO CA  C    sing N N 377 
PRO CA  CB   sing N N 378 
PRO CA  HA   sing N N 379 
PRO C   O    doub N N 380 
PRO C   OXT  sing N N 381 
PRO CB  CG   sing N N 382 
PRO CB  HB2  sing N N 383 
PRO CB  HB3  sing N N 384 
PRO CG  CD   sing N N 385 
PRO CG  HG2  sing N N 386 
PRO CG  HG3  sing N N 387 
PRO CD  HD2  sing N N 388 
PRO CD  HD3  sing N N 389 
PRO OXT HXT  sing N N 390 
SER N   CA   sing N N 391 
SER N   H    sing N N 392 
SER N   H2   sing N N 393 
SER CA  C    sing N N 394 
SER CA  CB   sing N N 395 
SER CA  HA   sing N N 396 
SER C   O    doub N N 397 
SER C   OXT  sing N N 398 
SER CB  OG   sing N N 399 
SER CB  HB2  sing N N 400 
SER CB  HB3  sing N N 401 
SER OG  HG   sing N N 402 
SER OXT HXT  sing N N 403 
THR N   CA   sing N N 404 
THR N   H    sing N N 405 
THR N   H2   sing N N 406 
THR CA  C    sing N N 407 
THR CA  CB   sing N N 408 
THR CA  HA   sing N N 409 
THR C   O    doub N N 410 
THR C   OXT  sing N N 411 
THR CB  OG1  sing N N 412 
THR CB  CG2  sing N N 413 
THR CB  HB   sing N N 414 
THR OG1 HG1  sing N N 415 
THR CG2 HG21 sing N N 416 
THR CG2 HG22 sing N N 417 
THR CG2 HG23 sing N N 418 
THR OXT HXT  sing N N 419 
TRP N   CA   sing N N 420 
TRP N   H    sing N N 421 
TRP N   H2   sing N N 422 
TRP CA  C    sing N N 423 
TRP CA  CB   sing N N 424 
TRP CA  HA   sing N N 425 
TRP C   O    doub N N 426 
TRP C   OXT  sing N N 427 
TRP CB  CG   sing N N 428 
TRP CB  HB2  sing N N 429 
TRP CB  HB3  sing N N 430 
TRP CG  CD1  doub Y N 431 
TRP CG  CD2  sing Y N 432 
TRP CD1 NE1  sing Y N 433 
TRP CD1 HD1  sing N N 434 
TRP CD2 CE2  doub Y N 435 
TRP CD2 CE3  sing Y N 436 
TRP NE1 CE2  sing Y N 437 
TRP NE1 HE1  sing N N 438 
TRP CE2 CZ2  sing Y N 439 
TRP CE3 CZ3  doub Y N 440 
TRP CE3 HE3  sing N N 441 
TRP CZ2 CH2  doub Y N 442 
TRP CZ2 HZ2  sing N N 443 
TRP CZ3 CH2  sing Y N 444 
TRP CZ3 HZ3  sing N N 445 
TRP CH2 HH2  sing N N 446 
TRP OXT HXT  sing N N 447 
TYR N   CA   sing N N 448 
TYR N   H    sing N N 449 
TYR N   H2   sing N N 450 
TYR CA  C    sing N N 451 
TYR CA  CB   sing N N 452 
TYR CA  HA   sing N N 453 
TYR C   O    doub N N 454 
TYR C   OXT  sing N N 455 
TYR CB  CG   sing N N 456 
TYR CB  HB2  sing N N 457 
TYR CB  HB3  sing N N 458 
TYR CG  CD1  doub Y N 459 
TYR CG  CD2  sing Y N 460 
TYR CD1 CE1  sing Y N 461 
TYR CD1 HD1  sing N N 462 
TYR CD2 CE2  doub Y N 463 
TYR CD2 HD2  sing N N 464 
TYR CE1 CZ   doub Y N 465 
TYR CE1 HE1  sing N N 466 
TYR CE2 CZ   sing Y N 467 
TYR CE2 HE2  sing N N 468 
TYR CZ  OH   sing N N 469 
TYR OH  HH   sing N N 470 
TYR OXT HXT  sing N N 471 
VAL N   CA   sing N N 472 
VAL N   H    sing N N 473 
VAL N   H2   sing N N 474 
VAL CA  C    sing N N 475 
VAL CA  CB   sing N N 476 
VAL CA  HA   sing N N 477 
VAL C   O    doub N N 478 
VAL C   OXT  sing N N 479 
VAL CB  CG1  sing N N 480 
VAL CB  CG2  sing N N 481 
VAL CB  HB   sing N N 482 
VAL CG1 HG11 sing N N 483 
VAL CG1 HG12 sing N N 484 
VAL CG1 HG13 sing N N 485 
VAL CG2 HG21 sing N N 486 
VAL CG2 HG22 sing N N 487 
VAL CG2 HG23 sing N N 488 
VAL OXT HXT  sing N N 489 
# 
_pdbx_initial_refinement_model.id               1 
_pdbx_initial_refinement_model.entity_id_list   ? 
_pdbx_initial_refinement_model.type             'experimental model' 
_pdbx_initial_refinement_model.source_name      PDB 
_pdbx_initial_refinement_model.accession_code   2VB1 
_pdbx_initial_refinement_model.details          ? 
# 
_atom_sites.entry_id                    5FHW 
_atom_sites.fract_transf_matrix[1][1]   -0.00092714 
_atom_sites.fract_transf_matrix[1][2]   -0.00960958 
_atom_sites.fract_transf_matrix[1][3]   0.00819903 
_atom_sites.fract_transf_matrix[2][1]   -0.01128670 
_atom_sites.fract_transf_matrix[2][2]   -0.00306161 
_atom_sites.fract_transf_matrix[2][3]   -0.00486462 
_atom_sites.fract_transf_matrix[3][1]   0.01218450 
_atom_sites.fract_transf_matrix[3][2]   -0.01645818 
_atom_sites.fract_transf_matrix[3][3]   -0.01791181 
_atom_sites.fract_transf_vector[1]      -0.255994 
_atom_sites.fract_transf_vector[2]      -0.007801 
_atom_sites.fract_transf_vector[3]      -0.242690 
# 
loop_
_atom_type.symbol 
C  
HF 
K  
N  
O  
P  
S  
W  
# 
loop_
_atom_site.group_PDB 
_atom_site.id 
_atom_site.type_symbol 
_atom_site.label_atom_id 
_atom_site.label_alt_id 
_atom_site.label_comp_id 
_atom_site.label_asym_id 
_atom_site.label_entity_id 
_atom_site.label_seq_id 
_atom_site.pdbx_PDB_ins_code 
_atom_site.Cartn_x 
_atom_site.Cartn_y 
_atom_site.Cartn_z 
_atom_site.occupancy 
_atom_site.B_iso_or_equiv 
_atom_site.pdbx_formal_charge 
_atom_site.auth_seq_id 
_atom_site.auth_comp_id 
_atom_site.auth_asym_id 
_atom_site.auth_atom_id 
_atom_site.pdbx_PDB_model_num 
ATOM   1    N  N   . LYS A 1 1   ? -8.213  -3.153  10.852  1.00 12.98 ? 1   LYS A N   1 
ATOM   2    C  CA  . LYS A 1 1   ? -7.864  -2.034  11.733  1.00 15.29 ? 1   LYS A CA  1 
ATOM   3    C  C   . LYS A 1 1   ? -7.899  -0.748  10.932  1.00 13.56 ? 1   LYS A C   1 
ATOM   4    O  O   . LYS A 1 1   ? -7.410  -0.717  9.802   1.00 14.42 ? 1   LYS A O   1 
ATOM   5    C  CB  . LYS A 1 1   ? -6.469  -2.251  12.370  1.00 14.72 ? 1   LYS A CB  1 
ATOM   6    C  CG  . LYS A 1 1   ? -5.927  -1.043  13.090  1.00 15.76 ? 1   LYS A CG  1 
ATOM   7    C  CD  . LYS A 1 1   ? -4.580  -1.349  13.723  1.00 19.08 ? 1   LYS A CD  1 
ATOM   8    C  CE  . LYS A 1 1   ? -3.952  -0.085  14.295  1.00 18.26 ? 1   LYS A CE  1 
ATOM   9    N  NZ  . LYS A 1 1   ? -2.700  -0.429  15.040  1.00 25.37 ? 1   LYS A NZ  1 
ATOM   10   N  N   . VAL A 1 2   ? -8.516  0.306   11.465  1.00 14.57 ? 2   VAL A N   1 
ATOM   11   C  CA  . VAL A 1 2   ? -8.463  1.620   10.833  1.00 14.64 ? 2   VAL A CA  1 
ATOM   12   C  C   . VAL A 1 2   ? -7.406  2.428   11.574  1.00 15.78 ? 2   VAL A C   1 
ATOM   13   O  O   . VAL A 1 2   ? -7.574  2.752   12.753  1.00 18.97 ? 2   VAL A O   1 
ATOM   14   C  CB  . VAL A 1 2   ? -9.820  2.342   10.820  1.00 15.71 ? 2   VAL A CB  1 
ATOM   15   C  CG1 . VAL A 1 2   ? -9.632  3.760   10.254  1.00 17.40 ? 2   VAL A CG1 1 
ATOM   16   C  CG2 . VAL A 1 2   ? -10.882 1.548   10.003  1.00 16.70 ? 2   VAL A CG2 1 
ATOM   17   N  N   . PHE A 1 3   ? -6.300  2.682   10.893  1.00 14.69 ? 3   PHE A N   1 
ATOM   18   C  CA  . PHE A 1 3   ? -5.197  3.424   11.476  1.00 16.74 ? 3   PHE A CA  1 
ATOM   19   C  C   . PHE A 1 3   ? -5.553  4.897   11.556  1.00 17.37 ? 3   PHE A C   1 
ATOM   20   O  O   . PHE A 1 3   ? -6.228  5.438   10.692  1.00 17.41 ? 3   PHE A O   1 
ATOM   21   C  CB  . PHE A 1 3   ? -3.934  3.272   10.625  1.00 16.09 ? 3   PHE A CB  1 
ATOM   22   C  CG  . PHE A 1 3   ? -3.108  2.060   10.963  1.00 19.32 ? 3   PHE A CG  1 
ATOM   23   C  CD1 . PHE A 1 3   ? -3.428  0.811   10.457  1.00 15.29 ? 3   PHE A CD1 1 
ATOM   24   C  CD2 . PHE A 1 3   ? -1.982  2.182   11.760  1.00 16.83 ? 3   PHE A CD2 1 
ATOM   25   C  CE1 . PHE A 1 3   ? -2.671  -0.299  10.757  1.00 15.24 ? 3   PHE A CE1 1 
ATOM   26   C  CE2 . PHE A 1 3   ? -1.210  1.086   12.067  1.00 17.80 ? 3   PHE A CE2 1 
ATOM   27   C  CZ  . PHE A 1 3   ? -1.551  -0.176  11.568  1.00 17.56 ? 3   PHE A CZ  1 
ATOM   28   N  N   . GLY A 1 4   ? -5.035  5.570   12.593  1.00 20.71 ? 4   GLY A N   1 
ATOM   29   C  CA  . GLY A 1 4   ? -4.937  7.008   12.493  1.00 19.20 ? 4   GLY A CA  1 
ATOM   30   C  C   . GLY A 1 4   ? -3.794  7.415   11.583  1.00 17.96 ? 4   GLY A C   1 
ATOM   31   O  O   . GLY A 1 4   ? -2.861  6.642   11.351  1.00 18.17 ? 4   GLY A O   1 
ATOM   32   N  N   . ARG A 1 5   ? -3.881  8.640   11.055  1.00 20.93 ? 5   ARG A N   1 
ATOM   33   C  CA  . ARG A 1 5   ? -2.875  9.156   10.131  1.00 16.95 ? 5   ARG A CA  1 
ATOM   34   C  C   . ARG A 1 5   ? -1.466  9.045   10.704  1.00 15.29 ? 5   ARG A C   1 
ATOM   35   O  O   . ARG A 1 5   ? -0.580  8.409   10.122  1.00 17.08 ? 5   ARG A O   1 
ATOM   36   C  CB  . ARG A 1 5   ? -3.206  10.611  9.788   1.00 19.19 ? 5   ARG A CB  1 
ATOM   37   C  CG  . ARG A 1 5   ? -2.286  11.229  8.773   1.00 21.09 ? 5   ARG A CG  1 
ATOM   38   C  CD  . ARG A 1 5   ? -2.698  12.660  8.436   1.00 21.86 ? 5   ARG A CD  1 
ATOM   39   N  NE  . ARG A 1 5   ? -2.779  13.543  9.609   1.00 22.18 ? 5   ARG A NE  1 
ATOM   40   C  CZ  . ARG A 1 5   ? -1.758  14.250  10.092  1.00 24.77 ? 5   ARG A CZ  1 
ATOM   41   N  NH1 . ARG A 1 5   ? -0.565  14.184  9.522   1.00 23.08 ? 5   ARG A NH1 1 
ATOM   42   N  NH2 . ARG A 1 5   ? -1.927  15.022  11.153  1.00 27.00 ? 5   ARG A NH2 1 
ATOM   43   N  N   . CYS A 1 6   ? -1.234  9.667   11.855  1.00 18.99 ? 6   CYS A N   1 
ATOM   44   C  CA  . CYS A 1 6   ? 0.109   9.632   12.417  1.00 22.71 ? 6   CYS A CA  1 
ATOM   45   C  C   . CYS A 1 6   ? 0.483   8.233   12.880  1.00 15.92 ? 6   CYS A C   1 
ATOM   46   O  O   . CYS A 1 6   ? 1.656   7.845   12.810  1.00 22.49 ? 6   CYS A O   1 
ATOM   47   C  CB  . CYS A 1 6   ? 0.222   10.629  13.568  1.00 25.26 ? 6   CYS A CB  1 
ATOM   48   S  SG  . CYS A 1 6   ? 0.183   12.360  13.045  1.00 24.13 ? 6   CYS A SG  1 
ATOM   49   N  N   . GLU A 1 7   ? -0.485  7.465   13.372  1.00 17.13 ? 7   GLU A N   1 
ATOM   50   C  CA  . GLU A 1 7   ? -0.200  6.092   13.756  1.00 18.31 ? 7   GLU A CA  1 
ATOM   51   C  C   . GLU A 1 7   ? 0.347   5.297   12.577  1.00 15.86 ? 7   GLU A C   1 
ATOM   52   O  O   . GLU A 1 7   ? 1.334   4.562   12.710  1.00 17.35 ? 7   GLU A O   1 
ATOM   53   C  CB  . GLU A 1 7   ? -1.472  5.451   14.306  1.00 20.92 ? 7   GLU A CB  1 
ATOM   54   C  CG  . GLU A 1 7   ? -1.314  4.011   14.807  1.00 19.61 ? 7   GLU A CG  1 
ATOM   55   C  CD  . GLU A 1 7   ? -2.647  3.364   15.203  1.00 22.63 ? 7   GLU A CD  1 
ATOM   56   O  OE1 . GLU A 1 7   ? -2.609  2.412   16.018  1.00 25.60 ? 7   GLU A OE1 1 
ATOM   57   O  OE2 . GLU A 1 7   ? -3.722  3.811   14.705  1.00 23.90 ? 7   GLU A OE2 1 
ATOM   58   N  N   . LEU A 1 8   ? -0.293  5.430   11.404  1.00 15.30 ? 8   LEU A N   1 
ATOM   59   C  CA  . LEU A 1 8   ? 0.169   4.714   10.218  1.00 15.93 ? 8   LEU A CA  1 
ATOM   60   C  C   . LEU A 1 8   ? 1.516   5.245   9.751   1.00 14.85 ? 8   LEU A C   1 
ATOM   61   O  O   . LEU A 1 8   ? 2.395   4.462   9.364   1.00 16.43 ? 8   LEU A O   1 
ATOM   62   C  CB  . LEU A 1 8   ? -0.881  4.805   9.095   1.00 14.81 ? 8   LEU A CB  1 
ATOM   63   C  CG  . LEU A 1 8   ? -0.525  4.072   7.795   1.00 15.93 ? 8   LEU A CG  1 
ATOM   64   C  CD1 . LEU A 1 8   ? -0.375  2.605   8.015   1.00 14.72 ? 8   LEU A CD1 1 
ATOM   65   C  CD2 . LEU A 1 8   ? -1.557  4.335   6.699   1.00 17.47 ? 8   LEU A CD2 1 
ATOM   66   N  N   . ALA A 1 9   ? 1.719   6.563   9.827   1.00 16.20 ? 9   ALA A N   1 
ATOM   67   C  CA  . ALA A 1 9   ? 3.021   7.120   9.460   1.00 17.99 ? 9   ALA A CA  1 
ATOM   68   C  C   . ALA A 1 9   ? 4.128   6.479   10.277  1.00 15.75 ? 9   ALA A C   1 
ATOM   69   O  O   . ALA A 1 9   ? 5.153   6.072   9.727   1.00 18.68 ? 9   ALA A O   1 
ATOM   70   C  CB  . ALA A 1 9   ? 3.024   8.641   9.635   1.00 18.95 ? 9   ALA A CB  1 
ATOM   71   N  N   . ALA A 1 10  ? 3.912   6.332   11.586  1.00 17.98 ? 10  ALA A N   1 
ATOM   72   C  CA  . ALA A 1 10  ? 4.925   5.753   12.461  1.00 19.15 ? 10  ALA A CA  1 
ATOM   73   C  C   . ALA A 1 10  ? 5.167   4.287   12.137  1.00 21.98 ? 10  ALA A C   1 
ATOM   74   O  O   . ALA A 1 10  ? 6.306   3.806   12.163  1.00 17.78 ? 10  ALA A O   1 
ATOM   75   C  CB  . ALA A 1 10  ? 4.479   5.899   13.921  1.00 20.11 ? 10  ALA A CB  1 
ATOM   76   N  N   . ALA A 1 11  ? 4.107   3.552   11.831  1.00 17.18 ? 11  ALA A N   1 
ATOM   77   C  CA  . ALA A 1 11  ? 4.287   2.146   11.524  1.00 16.94 ? 11  ALA A CA  1 
ATOM   78   C  C   . ALA A 1 11  ? 4.987   1.985   10.190  1.00 15.96 ? 11  ALA A C   1 
ATOM   79   O  O   . ALA A 1 11  ? 5.855   1.121   10.038  1.00 19.56 ? 11  ALA A O   1 
ATOM   80   C  CB  . ALA A 1 11  ? 2.930   1.430   11.520  1.00 18.05 ? 11  ALA A CB  1 
ATOM   81   N  N   . MET A 1 12  ? 4.624   2.821   9.207   1.00 15.41 ? 12  MET A N   1 
ATOM   82   C  CA  . MET A 1 12  ? 5.304   2.748   7.920   1.00 14.63 ? 12  MET A CA  1 
ATOM   83   C  C   . MET A 1 12  ? 6.786   3.077   8.046   1.00 16.52 ? 12  MET A C   1 
ATOM   84   O  O   . MET A 1 12  ? 7.627   2.437   7.408   1.00 18.14 ? 12  MET A O   1 
ATOM   85   C  CB  . MET A 1 12  ? 4.641   3.699   6.935   1.00 11.10 ? 12  MET A CB  1 
ATOM   86   C  CG  . MET A 1 12  ? 3.289   3.175   6.441   1.00 14.20 ? 12  MET A CG  1 
ATOM   87   S  SD  . MET A 1 12  ? 2.587   4.370   5.294   1.00 16.75 ? 12  MET A SD  1 
ATOM   88   C  CE  . MET A 1 12  ? 1.460   3.335   4.364   1.00 15.81 ? 12  MET A CE  1 
ATOM   89   N  N   . LYS A 1 13  ? 7.120   4.072   8.863   1.00 16.21 ? 13  LYS A N   1 
ATOM   90   C  CA  . LYS A 1 13  ? 8.528   4.445   9.025   1.00 20.09 ? 13  LYS A CA  1 
ATOM   91   C  C   . LYS A 1 13  ? 9.297   3.324   9.691   1.00 17.28 ? 13  LYS A C   1 
ATOM   92   O  O   . LYS A 1 13  ? 10.393  2.964   9.254   1.00 17.93 ? 13  LYS A O   1 
ATOM   93   C  CB  . LYS A 1 13  ? 8.637   5.725   9.842   1.00 19.28 ? 13  LYS A CB  1 
ATOM   94   C  CG  . LYS A 1 13  ? 10.072  6.224   10.079  1.00 21.43 ? 13  LYS A CG  1 
ATOM   95   C  CD  . LYS A 1 13  ? 10.028  7.602   10.733  1.00 28.00 ? 13  LYS A CD  1 
ATOM   96   C  CE  . LYS A 1 13  ? 11.400  8.245   10.848  1.00 40.06 ? 13  LYS A CE  1 
ATOM   97   N  NZ  . LYS A 1 13  ? 11.258  9.623   11.407  1.00 40.11 ? 13  LYS A NZ  1 
ATOM   98   N  N   . ARG A 1 14  ? 8.712   2.724   10.727  1.00 17.90 ? 14  ARG A N   1 
ATOM   99   C  CA  . ARG A 1 14  ? 9.365   1.609   11.397  1.00 20.67 ? 14  ARG A CA  1 
ATOM   100  C  C   . ARG A 1 14  ? 9.675   0.476   10.428  1.00 23.72 ? 14  ARG A C   1 
ATOM   101  O  O   . ARG A 1 14  ? 10.716  -0.169  10.544  1.00 22.46 ? 14  ARG A O   1 
ATOM   102  C  CB  . ARG A 1 14  ? 8.490   1.105   12.535  1.00 23.43 ? 14  ARG A CB  1 
ATOM   103  C  CG  . ARG A 1 14  ? 9.008   -0.179  13.121  1.00 27.75 ? 14  ARG A CG  1 
ATOM   104  C  CD  . ARG A 1 14  ? 8.280   -0.622  14.366  1.00 32.52 ? 14  ARG A CD  1 
ATOM   105  N  NE  . ARG A 1 14  ? 8.731   -1.979  14.635  1.00 36.95 ? 14  ARG A NE  1 
ATOM   106  C  CZ  . ARG A 1 14  ? 7.997   -3.064  14.426  1.00 31.00 ? 14  ARG A CZ  1 
ATOM   107  N  NH1 . ARG A 1 14  ? 6.737   -2.952  14.017  1.00 35.64 ? 14  ARG A NH1 1 
ATOM   108  N  NH2 . ARG A 1 14  ? 8.515   -4.256  14.661  1.00 32.03 ? 14  ARG A NH2 1 
ATOM   109  N  N   . HIS A 1 15  ? 8.823   0.259   9.427   1.00 18.09 ? 15  HIS A N   1 
ATOM   110  C  CA  . HIS A 1 15  ? 9.018   -0.820  8.475   1.00 17.76 ? 15  HIS A CA  1 
ATOM   111  C  C   . HIS A 1 15  ? 9.786   -0.407  7.226   1.00 19.91 ? 15  HIS A C   1 
ATOM   112  O  O   . HIS A 1 15  ? 9.825   -1.173  6.257   1.00 22.06 ? 15  HIS A O   1 
ATOM   113  C  CB  . HIS A 1 15  ? 7.663   -1.423  8.101   1.00 17.28 ? 15  HIS A CB  1 
ATOM   114  C  CG  . HIS A 1 15  ? 7.114   -2.313  9.160   1.00 17.66 ? 15  HIS A CG  1 
ATOM   115  N  ND1 . HIS A 1 15  ? 6.108   -1.925  10.016  1.00 23.71 ? 15  HIS A ND1 1 
ATOM   116  C  CD2 . HIS A 1 15  ? 7.470   -3.561  9.541   1.00 23.09 ? 15  HIS A CD2 1 
ATOM   117  C  CE1 . HIS A 1 15  ? 5.843   -2.909  10.859  1.00 17.60 ? 15  HIS A CE1 1 
ATOM   118  N  NE2 . HIS A 1 15  ? 6.652   -3.915  10.588  1.00 26.03 ? 15  HIS A NE2 1 
ATOM   119  N  N   . GLY A 1 16  ? 10.404  0.767   7.223   1.00 18.97 ? 16  GLY A N   1 
ATOM   120  C  CA  . GLY A 1 16  ? 11.385  1.105   6.212   1.00 17.53 ? 16  GLY A CA  1 
ATOM   121  C  C   . GLY A 1 16  ? 10.879  1.895   5.032   1.00 20.99 ? 16  GLY A C   1 
ATOM   122  O  O   . GLY A 1 16  ? 11.640  2.112   4.083   1.00 24.34 ? 16  GLY A O   1 
ATOM   123  N  N   . LEU A 1 17  ? 9.643   2.367   5.063   1.00 18.78 ? 17  LEU A N   1 
ATOM   124  C  CA  . LEU A 1 17  ? 9.149   3.005   3.851   1.00 17.75 ? 17  LEU A CA  1 
ATOM   125  C  C   . LEU A 1 17  ? 9.617   4.443   3.667   1.00 21.62 ? 17  LEU A C   1 
ATOM   126  O  O   . LEU A 1 17  ? 9.489   4.977   2.559   1.00 20.91 ? 17  LEU A O   1 
ATOM   127  C  CB  . LEU A 1 17  ? 7.613   2.956   3.818   1.00 17.93 ? 17  LEU A CB  1 
ATOM   128  C  CG  . LEU A 1 17  ? 6.966   1.658   3.386   1.00 18.67 ? 17  LEU A CG  1 
ATOM   129  C  CD1 . LEU A 1 17  ? 5.455   1.815   3.396   1.00 17.79 ? 17  LEU A CD1 1 
ATOM   130  C  CD2 . LEU A 1 17  ? 7.421   1.266   1.995   1.00 17.72 ? 17  LEU A CD2 1 
ATOM   131  N  N   . ASP A 1 18  ? 10.145  5.107   4.697   1.00 18.98 ? 18  ASP A N   1 
ATOM   132  C  CA  . ASP A 1 18  ? 10.514  6.509   4.522   1.00 18.73 ? 18  ASP A CA  1 
ATOM   133  C  C   . ASP A 1 18  ? 11.724  6.627   3.605   1.00 21.64 ? 18  ASP A C   1 
ATOM   134  O  O   . ASP A 1 18  ? 12.803  6.090   3.900   1.00 20.92 ? 18  ASP A O   1 
ATOM   135  C  CB  . ASP A 1 18  ? 10.789  7.167   5.863   1.00 20.59 ? 18  ASP A CB  1 
ATOM   136  C  CG  . ASP A 1 18  ? 10.978  8.683   5.751   1.00 23.86 ? 18  ASP A CG  1 
ATOM   137  O  OD1 . ASP A 1 18  ? 10.650  9.306   4.700   1.00 26.54 ? 18  ASP A OD1 1 
ATOM   138  O  OD2 . ASP A 1 18  ? 11.479  9.254   6.744   1.00 30.27 ? 18  ASP A OD2 1 
ATOM   139  N  N   A ASN A 1 19  ? 11.543  7.345   2.497   0.55 18.81 ? 19  ASN A N   1 
ATOM   140  N  N   B ASN A 1 19  ? 11.538  7.347   2.499   0.45 18.83 ? 19  ASN A N   1 
ATOM   141  C  CA  A ASN A 1 19  ? 12.516  7.479   1.419   0.55 19.28 ? 19  ASN A CA  1 
ATOM   142  C  CA  B ASN A 1 19  ? 12.505  7.485   1.417   0.45 19.30 ? 19  ASN A CA  1 
ATOM   143  C  C   A ASN A 1 19  ? 12.833  6.153   0.732   0.55 21.23 ? 19  ASN A C   1 
ATOM   144  C  C   B ASN A 1 19  ? 12.847  6.150   0.756   0.45 21.21 ? 19  ASN A C   1 
ATOM   145  O  O   A ASN A 1 19  ? 13.826  6.052   0.010   0.55 21.56 ? 19  ASN A O   1 
ATOM   146  O  O   B ASN A 1 19  ? 13.871  6.041   0.081   0.45 21.58 ? 19  ASN A O   1 
ATOM   147  C  CB  A ASN A 1 19  ? 13.808  8.138   1.915   0.55 21.91 ? 19  ASN A CB  1 
ATOM   148  C  CB  B ASN A 1 19  ? 13.778  8.192   1.902   0.45 21.91 ? 19  ASN A CB  1 
ATOM   149  C  CG  A ASN A 1 19  ? 14.597  8.768   0.795   0.55 19.82 ? 19  ASN A CG  1 
ATOM   150  C  CG  B ASN A 1 19  ? 13.476  9.453   2.704   0.45 21.88 ? 19  ASN A CG  1 
ATOM   151  O  OD1 A ASN A 1 19  ? 14.036  9.130   -0.238  0.55 22.25 ? 19  ASN A OD1 1 
ATOM   152  O  OD1 B ASN A 1 19  ? 13.907  9.588   3.852   0.45 27.03 ? 19  ASN A OD1 1 
ATOM   153  N  ND2 A ASN A 1 19  ? 15.909  8.906   0.990   0.55 21.70 ? 19  ASN A ND2 1 
ATOM   154  N  ND2 B ASN A 1 19  ? 12.727  10.375  2.108   0.45 20.94 ? 19  ASN A ND2 1 
ATOM   155  N  N   . TYR A 1 20  ? 12.001  5.127   0.903   1.00 17.96 ? 20  TYR A N   1 
ATOM   156  C  CA  . TYR A 1 20  ? 12.223  3.870   0.200   1.00 19.25 ? 20  TYR A CA  1 
ATOM   157  C  C   . TYR A 1 20  ? 12.033  4.083   -1.303  1.00 21.44 ? 20  TYR A C   1 
ATOM   158  O  O   . TYR A 1 20  ? 11.034  4.674   -1.737  1.00 19.26 ? 20  TYR A O   1 
ATOM   159  C  CB  . TYR A 1 20  ? 11.280  2.770   0.705   1.00 20.10 ? 20  TYR A CB  1 
ATOM   160  C  CG  . TYR A 1 20  ? 11.643  1.447   0.083   1.00 15.86 ? 20  TYR A CG  1 
ATOM   161  C  CD1 . TYR A 1 20  ? 12.617  0.635   0.671   1.00 18.82 ? 20  TYR A CD1 1 
ATOM   162  C  CD2 . TYR A 1 20  ? 11.085  1.032   -1.113  1.00 17.59 ? 20  TYR A CD2 1 
ATOM   163  C  CE1 . TYR A 1 20  ? 12.967  -0.572  0.102   1.00 18.76 ? 20  TYR A CE1 1 
ATOM   164  C  CE2 . TYR A 1 20  ? 11.443  -0.159  -1.698  1.00 19.46 ? 20  TYR A CE2 1 
ATOM   165  C  CZ  . TYR A 1 20  ? 12.402  -0.953  -1.094  1.00 18.83 ? 20  TYR A CZ  1 
ATOM   166  O  OH  . TYR A 1 20  ? 12.742  -2.132  -1.703  1.00 21.52 ? 20  TYR A OH  1 
ATOM   167  N  N   . ARG A 1 21  ? 13.020  3.639   -2.100  1.00 19.22 ? 21  ARG A N   1 
ATOM   168  C  CA  . ARG A 1 21  ? 13.075  3.925   -3.545  1.00 22.74 ? 21  ARG A CA  1 
ATOM   169  C  C   . ARG A 1 21  ? 12.950  5.418   -3.828  1.00 22.27 ? 21  ARG A C   1 
ATOM   170  O  O   . ARG A 1 21  ? 12.478  5.838   -4.895  1.00 18.66 ? 21  ARG A O   1 
ATOM   171  C  CB  . ARG A 1 21  ? 12.010  3.144   -4.306  1.00 21.51 ? 21  ARG A CB  1 
ATOM   172  C  CG  . ARG A 1 21  ? 12.412  1.701   -4.547  1.00 28.83 ? 21  ARG A CG  1 
ATOM   173  C  CD  . ARG A 1 21  ? 13.174  1.560   -5.844  1.00 27.34 ? 21  ARG A CD  1 
ATOM   174  N  NE  . ARG A 1 21  ? 13.972  0.339   -5.872  1.00 35.43 ? 21  ARG A NE  1 
ATOM   175  C  CZ  . ARG A 1 21  ? 14.418  -0.228  -6.986  1.00 34.32 ? 21  ARG A CZ  1 
ATOM   176  N  NH1 . ARG A 1 21  ? 15.140  -1.337  -6.920  1.00 40.09 ? 21  ARG A NH1 1 
ATOM   177  N  NH2 . ARG A 1 21  ? 14.116  0.303   -8.164  1.00 35.39 ? 21  ARG A NH2 1 
ATOM   178  N  N   . GLY A 1 22  ? 13.374  6.229   -2.870  1.00 18.55 ? 22  GLY A N   1 
ATOM   179  C  CA  . GLY A 1 22  ? 13.313  7.665   -2.945  1.00 17.38 ? 22  GLY A CA  1 
ATOM   180  C  C   . GLY A 1 22  ? 11.980  8.309   -2.627  1.00 17.80 ? 22  GLY A C   1 
ATOM   181  O  O   . GLY A 1 22  ? 11.827  9.506   -2.854  1.00 18.01 ? 22  GLY A O   1 
ATOM   182  N  N   . TYR A 1 23  ? 10.994  7.572   -2.128  1.00 17.58 ? 23  TYR A N   1 
ATOM   183  C  CA  . TYR A 1 23  ? 9.681   8.153   -1.858  1.00 15.51 ? 23  TYR A CA  1 
ATOM   184  C  C   . TYR A 1 23  ? 9.527   8.488   -0.382  1.00 15.35 ? 23  TYR A C   1 
ATOM   185  O  O   . TYR A 1 23  ? 9.504   7.576   0.463   1.00 15.17 ? 23  TYR A O   1 
ATOM   186  C  CB  . TYR A 1 23  ? 8.568   7.194   -2.294  1.00 14.22 ? 23  TYR A CB  1 
ATOM   187  C  CG  . TYR A 1 23  ? 8.471   7.097   -3.791  1.00 12.99 ? 23  TYR A CG  1 
ATOM   188  C  CD1 . TYR A 1 23  ? 7.654   7.968   -4.514  1.00 13.05 ? 23  TYR A CD1 1 
ATOM   189  C  CD2 . TYR A 1 23  ? 9.189   6.143   -4.493  1.00 15.21 ? 23  TYR A CD2 1 
ATOM   190  C  CE1 . TYR A 1 23  ? 7.564   7.881   -5.882  1.00 13.42 ? 23  TYR A CE1 1 
ATOM   191  C  CE2 . TYR A 1 23  ? 9.112   6.062   -5.871  1.00 15.98 ? 23  TYR A CE2 1 
ATOM   192  C  CZ  . TYR A 1 23  ? 8.274   6.939   -6.558  1.00 14.08 ? 23  TYR A CZ  1 
ATOM   193  O  OH  . TYR A 1 23  ? 8.141   6.872   -7.935  1.00 13.30 ? 23  TYR A OH  1 
ATOM   194  N  N   . SER A 1 24  ? 9.377   9.782   -0.086  1.00 16.42 ? 24  SER A N   1 
ATOM   195  C  CA  . SER A 1 24  ? 9.232   10.248  1.286   1.00 18.62 ? 24  SER A CA  1 
ATOM   196  C  C   . SER A 1 24  ? 7.989   9.656   1.934   1.00 19.81 ? 24  SER A C   1 
ATOM   197  O  O   . SER A 1 24  ? 7.010   9.312   1.256   1.00 18.63 ? 24  SER A O   1 
ATOM   198  C  CB  . SER A 1 24  ? 9.141   11.773  1.322   1.00 17.53 ? 24  SER A CB  1 
ATOM   199  O  OG  . SER A 1 24  ? 7.974   12.206  0.656   1.00 24.36 ? 24  SER A OG  1 
ATOM   200  N  N   . LEU A 1 25  ? 8.031   9.589   3.272   1.00 17.04 ? 25  LEU A N   1 
ATOM   201  C  CA  . LEU A 1 25  ? 6.954   9.007   4.067   1.00 16.22 ? 25  LEU A CA  1 
ATOM   202  C  C   . LEU A 1 25  ? 5.578   9.559   3.706   1.00 16.00 ? 25  LEU A C   1 
ATOM   203  O  O   . LEU A 1 25  ? 4.599   8.803   3.653   1.00 15.81 ? 25  LEU A O   1 
ATOM   204  C  CB  . LEU A 1 25  ? 7.241   9.234   5.547   1.00 16.02 ? 25  LEU A CB  1 
ATOM   205  C  CG  . LEU A 1 25  ? 6.390   8.440   6.531   1.00 19.30 ? 25  LEU A CG  1 
ATOM   206  C  CD1 . LEU A 1 25  ? 6.490   6.950   6.249   1.00 18.41 ? 25  LEU A CD1 1 
ATOM   207  C  CD2 . LEU A 1 25  ? 6.838   8.757   7.952   1.00 20.62 ? 25  LEU A CD2 1 
ATOM   208  N  N   . GLY A 1 26  ? 5.468   10.867  3.459   1.00 16.05 ? 26  GLY A N   1 
ATOM   209  C  CA  . GLY A 1 26  ? 4.174   11.444  3.117   1.00 15.17 ? 26  GLY A CA  1 
ATOM   210  C  C   . GLY A 1 26  ? 3.548   10.851  1.863   1.00 14.25 ? 26  GLY A C   1 
ATOM   211  O  O   . GLY A 1 26  ? 2.319   10.795  1.746   1.00 16.36 ? 26  GLY A O   1 
ATOM   212  N  N   . ASN A 1 27  ? 4.372   10.434  0.892   1.00 13.42 ? 27  ASN A N   1 
ATOM   213  C  CA  . ASN A 1 27  ? 3.824   9.802   -0.308  1.00 12.27 ? 27  ASN A CA  1 
ATOM   214  C  C   . ASN A 1 27  ? 3.086   8.522   0.057   1.00 14.04 ? 27  ASN A C   1 
ATOM   215  O  O   . ASN A 1 27  ? 1.981   8.265   -0.447  1.00 12.56 ? 27  ASN A O   1 
ATOM   216  C  CB  . ASN A 1 27  ? 4.941   9.503   -1.296  1.00 15.69 ? 27  ASN A CB  1 
ATOM   217  C  CG  . ASN A 1 27  ? 5.351   10.718  -2.075  1.00 13.58 ? 27  ASN A CG  1 
ATOM   218  O  OD1 . ASN A 1 27  ? 4.633   11.149  -2.966  1.00 15.44 ? 27  ASN A OD1 1 
ATOM   219  N  ND2 . ASN A 1 27  ? 6.518   11.291  -1.745  1.00 19.50 ? 27  ASN A ND2 1 
ATOM   220  N  N   . TRP A 1 28  ? 3.673   7.728   0.946   1.00 15.55 ? 28  TRP A N   1 
ATOM   221  C  CA  . TRP A 1 28  ? 3.066   6.455   1.326   1.00 13.11 ? 28  TRP A CA  1 
ATOM   222  C  C   . TRP A 1 28  ? 1.810   6.664   2.152   1.00 12.87 ? 28  TRP A C   1 
ATOM   223  O  O   . TRP A 1 28  ? 0.840   5.920   2.009   1.00 14.89 ? 28  TRP A O   1 
ATOM   224  C  CB  . TRP A 1 28  ? 4.094   5.624   2.103   1.00 12.85 ? 28  TRP A CB  1 
ATOM   225  C  CG  . TRP A 1 28  ? 5.304   5.272   1.292   1.00 14.25 ? 28  TRP A CG  1 
ATOM   226  C  CD1 . TRP A 1 28  ? 6.545   5.898   1.309   1.00 17.06 ? 28  TRP A CD1 1 
ATOM   227  C  CD2 . TRP A 1 28  ? 5.389   4.248   0.300   1.00 14.19 ? 28  TRP A CD2 1 
ATOM   228  N  NE1 . TRP A 1 28  ? 7.387   5.285   0.398   1.00 15.95 ? 28  TRP A NE1 1 
ATOM   229  C  CE2 . TRP A 1 28  ? 6.709   4.276   -0.230  1.00 14.04 ? 28  TRP A CE2 1 
ATOM   230  C  CE3 . TRP A 1 28  ? 4.485   3.274   -0.168  1.00 15.41 ? 28  TRP A CE3 1 
ATOM   231  C  CZ2 . TRP A 1 28  ? 7.138   3.387   -1.202  1.00 17.50 ? 28  TRP A CZ2 1 
ATOM   232  C  CZ3 . TRP A 1 28  ? 4.916   2.392   -1.136  1.00 14.50 ? 28  TRP A CZ3 1 
ATOM   233  C  CH2 . TRP A 1 28  ? 6.236   2.448   -1.639  1.00 15.13 ? 28  TRP A CH2 1 
ATOM   234  N  N   . VAL A 1 29  ? 1.802   7.663   3.030   1.00 13.63 ? 29  VAL A N   1 
ATOM   235  C  CA  . VAL A 1 29  ? 0.601   7.909   3.812   1.00 12.42 ? 29  VAL A CA  1 
ATOM   236  C  C   . VAL A 1 29  ? -0.520  8.429   2.920   1.00 16.28 ? 29  VAL A C   1 
ATOM   237  O  O   . VAL A 1 29  ? -1.672  7.992   3.033   1.00 14.83 ? 29  VAL A O   1 
ATOM   238  C  CB  . VAL A 1 29  ? 0.906   8.846   4.993   1.00 13.73 ? 29  VAL A CB  1 
ATOM   239  C  CG1 . VAL A 1 29  ? -0.364  9.225   5.752   1.00 15.77 ? 29  VAL A CG1 1 
ATOM   240  C  CG2 . VAL A 1 29  ? 1.935   8.173   5.960   1.00 15.65 ? 29  VAL A CG2 1 
ATOM   241  N  N   . CYS A 1 30  ? -0.205  9.368   2.024   1.00 13.98 ? 30  CYS A N   1 
ATOM   242  C  CA  . CYS A 1 30  ? -1.183  9.856   1.057   1.00 14.95 ? 30  CYS A CA  1 
ATOM   243  C  C   . CYS A 1 30  ? -1.748  8.703   0.234   1.00 14.81 ? 30  CYS A C   1 
ATOM   244  O  O   . CYS A 1 30  ? -2.965  8.582   0.053   1.00 14.81 ? 30  CYS A O   1 
ATOM   245  C  CB  . CYS A 1 30  ? -0.513  10.902  0.158   1.00 14.00 ? 30  CYS A CB  1 
ATOM   246  S  SG  . CYS A 1 30  ? -1.659  11.676  -0.990  1.00 15.93 ? 30  CYS A SG  1 
ATOM   247  N  N   . ALA A 1 31  ? -0.873  7.833   -0.272  1.00 13.21 ? 31  ALA A N   1 
ATOM   248  C  CA  . ALA A 1 31  ? -1.359  6.693   -1.048  1.00 10.99 ? 31  ALA A CA  1 
ATOM   249  C  C   . ALA A 1 31  ? -2.289  5.801   -0.225  1.00 14.72 ? 31  ALA A C   1 
ATOM   250  O  O   . ALA A 1 31  ? -3.348  5.384   -0.712  1.00 13.81 ? 31  ALA A O   1 
ATOM   251  C  CB  . ALA A 1 31  ? -0.179  5.875   -1.585  1.00 14.46 ? 31  ALA A CB  1 
ATOM   252  N  N   . ALA A 1 32  ? -1.922  5.507   1.023   1.00 12.40 ? 32  ALA A N   1 
ATOM   253  C  CA  . ALA A 1 32  ? -2.798  4.681   1.857   1.00 12.10 ? 32  ALA A CA  1 
ATOM   254  C  C   . ALA A 1 32  ? -4.132  5.380   2.115   1.00 11.76 ? 32  ALA A C   1 
ATOM   255  O  O   . ALA A 1 32  ? -5.188  4.737   2.129   1.00 12.89 ? 32  ALA A O   1 
ATOM   256  C  CB  . ALA A 1 32  ? -2.114  4.343   3.180   1.00 11.96 ? 32  ALA A CB  1 
ATOM   257  N  N   . LYS A 1 33  ? -4.100  6.703   2.316   1.00 13.06 ? 33  LYS A N   1 
ATOM   258  C  CA  . LYS A 1 33  ? -5.328  7.463   2.508   1.00 16.02 ? 33  LYS A CA  1 
ATOM   259  C  C   . LYS A 1 33  ? -6.314  7.237   1.363   1.00 12.94 ? 33  LYS A C   1 
ATOM   260  O  O   . LYS A 1 33  ? -7.476  6.892   1.583   1.00 14.60 ? 33  LYS A O   1 
ATOM   261  C  CB  . LYS A 1 33  ? -5.009  8.957   2.660   1.00 14.42 ? 33  LYS A CB  1 
ATOM   262  C  CG  . LYS A 1 33  ? -6.239  9.858   2.669   1.00 17.68 ? 33  LYS A CG  1 
ATOM   263  C  CD  . LYS A 1 33  ? -7.123  9.608   3.864   1.00 19.37 ? 33  LYS A CD  1 
ATOM   264  C  CE  . LYS A 1 33  ? -8.407  10.429  3.785   1.00 25.92 ? 33  LYS A CE  1 
ATOM   265  N  NZ  . LYS A 1 33  ? -9.288  10.216  4.960   1.00 27.93 ? 33  LYS A NZ  1 
ATOM   266  N  N   . PHE A 1 34  ? -5.864  7.414   0.129   1.00 13.79 ? 34  PHE A N   1 
ATOM   267  C  CA  . PHE A 1 34  ? -6.826  7.370   -0.961  1.00 12.74 ? 34  PHE A CA  1 
ATOM   268  C  C   . PHE A 1 34  ? -7.027  5.967   -1.511  1.00 14.25 ? 34  PHE A C   1 
ATOM   269  O  O   . PHE A 1 34  ? -8.023  5.721   -2.207  1.00 19.44 ? 34  PHE A O   1 
ATOM   270  C  CB  . PHE A 1 34  ? -6.378  8.337   -2.060  1.00 13.78 ? 34  PHE A CB  1 
ATOM   271  C  CG  . PHE A 1 34  ? -6.428  9.787   -1.621  1.00 14.97 ? 34  PHE A CG  1 
ATOM   272  C  CD1 . PHE A 1 34  ? -5.300  10.604  -1.700  1.00 14.91 ? 34  PHE A CD1 1 
ATOM   273  C  CD2 . PHE A 1 34  ? -7.599  10.318  -1.111  1.00 14.14 ? 34  PHE A CD2 1 
ATOM   274  C  CE1 . PHE A 1 34  ? -5.373  11.923  -1.287  1.00 17.20 ? 34  PHE A CE1 1 
ATOM   275  C  CE2 . PHE A 1 34  ? -7.690  11.637  -0.703  1.00 14.64 ? 34  PHE A CE2 1 
ATOM   276  C  CZ  . PHE A 1 34  ? -6.564  12.453  -0.802  1.00 16.17 ? 34  PHE A CZ  1 
ATOM   277  N  N   . GLU A 1 35  ? -6.123  5.040   -1.228  1.00 12.24 ? 35  GLU A N   1 
ATOM   278  C  CA  . GLU A 1 35  ? -6.391  3.660   -1.607  1.00 11.72 ? 35  GLU A CA  1 
ATOM   279  C  C   . GLU A 1 35  ? -7.403  3.014   -0.664  1.00 14.44 ? 35  GLU A C   1 
ATOM   280  O  O   . GLU A 1 35  ? -8.382  2.392   -1.112  1.00 14.70 ? 35  GLU A O   1 
ATOM   281  C  CB  . GLU A 1 35  ? -5.095  2.844   -1.617  1.00 12.90 ? 35  GLU A CB  1 
ATOM   282  C  CG  . GLU A 1 35  ? -4.109  3.177   -2.750  1.00 16.49 ? 35  GLU A CG  1 
ATOM   283  C  CD  . GLU A 1 35  ? -4.604  2.779   -4.126  1.00 13.07 ? 35  GLU A CD  1 
ATOM   284  O  OE1 . GLU A 1 35  ? -5.691  2.157   -4.225  1.00 15.93 ? 35  GLU A OE1 1 
ATOM   285  O  OE2 . GLU A 1 35  ? -3.929  3.164   -5.115  1.00 17.92 ? 35  GLU A OE2 1 
ATOM   286  N  N   . SER A 1 36  ? -7.188  3.133   0.657   1.00 12.17 ? 36  SER A N   1 
ATOM   287  C  CA  . SER A 1 36  ? -7.961  2.364   1.630   1.00 13.86 ? 36  SER A CA  1 
ATOM   288  C  C   . SER A 1 36  ? -8.636  3.184   2.718   1.00 13.47 ? 36  SER A C   1 
ATOM   289  O  O   . SER A 1 36  ? -9.316  2.596   3.574   1.00 15.36 ? 36  SER A O   1 
ATOM   290  C  CB  . SER A 1 36  ? -7.060  1.348   2.329   1.00 13.98 ? 36  SER A CB  1 
ATOM   291  O  OG  . SER A 1 36  ? -6.114  2.093   3.115   1.00 12.94 ? 36  SER A OG  1 
ATOM   292  N  N   . ASN A 1 37  ? -8.418  4.502   2.752   1.00 14.53 ? 37  ASN A N   1 
ATOM   293  C  CA  . ASN A 1 37  ? -8.856  5.336   3.860   1.00 14.31 ? 37  ASN A CA  1 
ATOM   294  C  C   . ASN A 1 37  ? -8.301  4.803   5.171   1.00 12.58 ? 37  ASN A C   1 
ATOM   295  O  O   . ASN A 1 37  ? -8.942  4.887   6.218   1.00 16.42 ? 37  ASN A O   1 
ATOM   296  C  CB  . ASN A 1 37  ? -10.386 5.471   3.923   1.00 17.30 ? 37  ASN A CB  1 
ATOM   297  C  CG  . ASN A 1 37  ? -10.789 6.729   4.645   1.00 22.74 ? 37  ASN A CG  1 
ATOM   298  O  OD1 . ASN A 1 37  ? -9.948  7.618   4.838   1.00 24.95 ? 37  ASN A OD1 1 
ATOM   299  N  ND2 . ASN A 1 37  ? -12.055 6.826   5.040   1.00 29.04 ? 37  ASN A ND2 1 
ATOM   300  N  N   . PHE A 1 38  ? -7.082  4.265   5.108   1.00 11.77 ? 38  PHE A N   1 
ATOM   301  C  CA  . PHE A 1 38  ? -6.320  3.798   6.264   1.00 12.91 ? 38  PHE A CA  1 
ATOM   302  C  C   . PHE A 1 38  ? -6.883  2.525   6.896   1.00 13.49 ? 38  PHE A C   1 
ATOM   303  O  O   . PHE A 1 38  ? -6.547  2.206   8.046   1.00 13.71 ? 38  PHE A O   1 
ATOM   304  C  CB  . PHE A 1 38  ? -6.217  4.879   7.348   1.00 14.33 ? 38  PHE A CB  1 
ATOM   305  C  CG  . PHE A 1 38  ? -5.482  6.115   6.931   1.00 15.58 ? 38  PHE A CG  1 
ATOM   306  C  CD1 . PHE A 1 38  ? -4.446  6.067   6.000   1.00 14.37 ? 38  PHE A CD1 1 
ATOM   307  C  CD2 . PHE A 1 38  ? -5.808  7.332   7.500   1.00 19.79 ? 38  PHE A CD2 1 
ATOM   308  C  CE1 . PHE A 1 38  ? -3.741  7.251   5.644   1.00 15.80 ? 38  PHE A CE1 1 
ATOM   309  C  CE2 . PHE A 1 38  ? -5.095  8.514   7.158   1.00 16.85 ? 38  PHE A CE2 1 
ATOM   310  C  CZ  . PHE A 1 38  ? -4.094  8.464   6.226   1.00 17.38 ? 38  PHE A CZ  1 
ATOM   311  N  N   . ASN A 1 39  ? -7.708  1.777   6.156   1.00 11.58 ? 39  ASN A N   1 
ATOM   312  C  CA  . ASN A 1 39  ? -8.375  0.576   6.663   1.00 11.71 ? 39  ASN A CA  1 
ATOM   313  C  C   . ASN A 1 39  ? -7.640  -0.656  6.142   1.00 12.02 ? 39  ASN A C   1 
ATOM   314  O  O   . ASN A 1 39  ? -7.673  -0.933  4.934   1.00 12.88 ? 39  ASN A O   1 
ATOM   315  C  CB  . ASN A 1 39  ? -9.835  0.569   6.190   1.00 13.11 ? 39  ASN A CB  1 
ATOM   316  C  CG  . ASN A 1 39  ? -10.650 -0.560  6.813   1.00 12.53 ? 39  ASN A CG  1 
ATOM   317  O  OD1 . ASN A 1 39  ? -10.106 -1.449  7.470   1.00 13.38 ? 39  ASN A OD1 1 
ATOM   318  N  ND2 . ASN A 1 39  ? -11.957 -0.522  6.603   1.00 15.88 ? 39  ASN A ND2 1 
ATOM   319  N  N   . THR A 1 40  ? -7.011  -1.426  7.045   1.00 12.25 ? 40  THR A N   1 
ATOM   320  C  CA  . THR A 1 40  ? -6.324  -2.636  6.614   1.00 11.52 ? 40  THR A CA  1 
ATOM   321  C  C   . THR A 1 40  ? -7.263  -3.672  6.007   1.00 11.16 ? 40  THR A C   1 
ATOM   322  O  O   . THR A 1 40  ? -6.786  -4.534  5.262   1.00 13.25 ? 40  THR A O   1 
ATOM   323  C  CB  . THR A 1 40  ? -5.564  -3.322  7.747   1.00 11.91 ? 40  THR A CB  1 
ATOM   324  O  OG1 . THR A 1 40  ? -6.477  -3.899  8.704   1.00 12.49 ? 40  THR A OG1 1 
ATOM   325  C  CG2 . THR A 1 40  ? -4.583  -2.360  8.449   1.00 14.64 ? 40  THR A CG2 1 
ATOM   326  N  N   . GLN A 1 41  ? -8.573  -3.612  6.295   1.00 11.83 ? 41  GLN A N   1 
ATOM   327  C  CA  . GLN A 1 41  ? -9.504  -4.617  5.784   1.00 11.33 ? 41  GLN A CA  1 
ATOM   328  C  C   . GLN A 1 41  ? -10.170 -4.202  4.492   1.00 11.33 ? 41  GLN A C   1 
ATOM   329  O  O   . GLN A 1 41  ? -11.074 -4.904  4.023   1.00 13.51 ? 41  GLN A O   1 
ATOM   330  C  CB  . GLN A 1 41  ? -10.548 -4.964  6.842   1.00 11.85 ? 41  GLN A CB  1 
ATOM   331  C  CG  . GLN A 1 41  ? -9.888  -5.607  8.055   1.00 12.78 ? 41  GLN A CG  1 
ATOM   332  C  CD  . GLN A 1 41  ? -10.916 -6.190  8.986   1.00 12.95 ? 41  GLN A CD  1 
ATOM   333  O  OE1 . GLN A 1 41  ? -11.383 -5.511  9.928   1.00 16.12 ? 41  GLN A OE1 1 
ATOM   334  N  NE2 . GLN A 1 41  ? -11.326 -7.416  8.710   1.00 13.09 ? 41  GLN A NE2 1 
ATOM   335  N  N   . ALA A 1 42  ? -9.717  -3.106  3.886   1.00 10.62 ? 42  ALA A N   1 
ATOM   336  C  CA  . ALA A 1 42  ? -10.279 -2.659  2.612   1.00 13.06 ? 42  ALA A CA  1 
ATOM   337  C  C   . ALA A 1 42  ? -10.074 -3.692  1.506   1.00 12.28 ? 42  ALA A C   1 
ATOM   338  O  O   . ALA A 1 42  ? -9.002  -4.276  1.365   1.00 12.13 ? 42  ALA A O   1 
ATOM   339  C  CB  . ALA A 1 42  ? -9.625  -1.339  2.199   1.00 11.20 ? 42  ALA A CB  1 
ATOM   340  N  N   . THR A 1 43  ? -11.113 -3.915  0.704   1.00 13.43 ? 43  THR A N   1 
ATOM   341  C  CA  . THR A 1 43  ? -11.004 -4.754  -0.489  1.00 12.25 ? 43  THR A CA  1 
ATOM   342  C  C   . THR A 1 43  ? -11.755 -4.094  -1.637  1.00 12.25 ? 43  THR A C   1 
ATOM   343  O  O   . THR A 1 43  ? -12.732 -3.360  -1.428  1.00 13.51 ? 43  THR A O   1 
ATOM   344  C  CB  . THR A 1 43  ? -11.592 -6.174  -0.322  1.00 12.42 ? 43  THR A CB  1 
ATOM   345  O  OG1 . THR A 1 43  ? -12.973 -6.091  0.056   1.00 14.30 ? 43  THR A OG1 1 
ATOM   346  C  CG2 . THR A 1 43  ? -10.825 -6.973  0.713   1.00 12.66 ? 43  THR A CG2 1 
ATOM   347  N  N   . ASN A 1 44  ? -11.284 -4.346  -2.851  1.00 12.80 ? 44  ASN A N   1 
ATOM   348  C  CA  . ASN A 1 44  ? -11.945 -3.811  -4.037  1.00 13.85 ? 44  ASN A CA  1 
ATOM   349  C  C   . ASN A 1 44  ? -11.824 -4.825  -5.161  1.00 11.41 ? 44  ASN A C   1 
ATOM   350  O  O   . ASN A 1 44  ? -10.708 -5.146  -5.568  1.00 13.62 ? 44  ASN A O   1 
ATOM   351  C  CB  . ASN A 1 44  ? -11.322 -2.481  -4.490  1.00 13.29 ? 44  ASN A CB  1 
ATOM   352  C  CG  . ASN A 1 44  ? -11.906 -2.014  -5.807  1.00 16.08 ? 44  ASN A CG  1 
ATOM   353  O  OD1 . ASN A 1 44  ? -13.032 -1.589  -5.848  1.00 18.34 ? 44  ASN A OD1 1 
ATOM   354  N  ND2 . ASN A 1 44  ? -11.149 -2.161  -6.887  1.00 18.47 ? 44  ASN A ND2 1 
ATOM   355  N  N   . ARG A 1 45  ? -12.962 -5.267  -5.708  1.00 13.81 ? 45  ARG A N   1 
ATOM   356  C  CA  . ARG A 1 45  ? -12.975 -6.194  -6.831  1.00 12.56 ? 45  ARG A CA  1 
ATOM   357  C  C   . ARG A 1 45  ? -12.782 -5.415  -8.124  1.00 14.48 ? 45  ARG A C   1 
ATOM   358  O  O   . ARG A 1 45  ? -13.322 -4.320  -8.267  1.00 14.97 ? 45  ARG A O   1 
ATOM   359  C  CB  . ARG A 1 45  ? -14.322 -6.931  -6.842  1.00 13.23 ? 45  ARG A CB  1 
ATOM   360  C  CG  . ARG A 1 45  ? -14.581 -7.833  -8.047  1.00 14.90 ? 45  ARG A CG  1 
ATOM   361  C  CD  . ARG A 1 45  ? -13.640 -9.014  -8.099  1.00 15.24 ? 45  ARG A CD  1 
ATOM   362  N  NE  . ARG A 1 45  ? -13.316 -9.638  -6.810  1.00 14.83 ? 45  ARG A NE  1 
ATOM   363  C  CZ  . ARG A 1 45  ? -14.070 -10.522 -6.166  1.00 17.05 ? 45  ARG A CZ  1 
ATOM   364  N  NH1 . ARG A 1 45  ? -15.254 -10.877 -6.663  1.00 17.97 ? 45  ARG A NH1 1 
ATOM   365  N  NH2 . ARG A 1 45  ? -13.629 -11.035 -5.006  1.00 17.56 ? 45  ARG A NH2 1 
ATOM   366  N  N   . ASN A 1 46  ? -11.966 -5.947  -9.039  1.00 13.24 ? 46  ASN A N   1 
ATOM   367  C  CA  . ASN A 1 46  ? -11.759 -5.300  -10.339 1.00 15.66 ? 46  ASN A CA  1 
ATOM   368  C  C   . ASN A 1 46  ? -12.440 -6.057  -11.469 1.00 16.24 ? 46  ASN A C   1 
ATOM   369  O  O   . ASN A 1 46  ? -12.766 -7.239  -11.347 1.00 16.30 ? 46  ASN A O   1 
ATOM   370  C  CB  . ASN A 1 46  ? -10.283 -5.170  -10.648 1.00 16.08 ? 46  ASN A CB  1 
ATOM   371  C  CG  . ASN A 1 46  ? -9.598  -4.347  -9.638  1.00 20.34 ? 46  ASN A CG  1 
ATOM   372  O  OD1 . ASN A 1 46  ? -9.916  -3.172  -9.480  1.00 26.17 ? 46  ASN A OD1 1 
ATOM   373  N  ND2 . ASN A 1 46  ? -8.711  -4.957  -8.891  1.00 21.70 ? 46  ASN A ND2 1 
ATOM   374  N  N   . THR A 1 47  ? -12.656 -5.350  -12.594 1.00 16.62 ? 47  THR A N   1 
ATOM   375  C  CA  . THR A 1 47  ? -13.441 -5.959  -13.666 1.00 20.09 ? 47  THR A CA  1 
ATOM   376  C  C   . THR A 1 47  ? -12.737 -7.180  -14.241 1.00 18.23 ? 47  THR A C   1 
ATOM   377  O  O   . THR A 1 47  ? -13.402 -8.086  -14.751 1.00 21.41 ? 47  THR A O   1 
ATOM   378  C  CB  . THR A 1 47  ? -13.739 -4.932  -14.780 1.00 21.50 ? 47  THR A CB  1 
ATOM   379  O  OG1 . THR A 1 47  ? -12.511 -4.466  -15.340 1.00 27.63 ? 47  THR A OG1 1 
ATOM   380  C  CG2 . THR A 1 47  ? -14.438 -3.744  -14.238 1.00 19.11 ? 47  THR A CG2 1 
ATOM   381  N  N   . ASP A 1 48  ? -11.407 -7.252  -14.115 1.00 16.94 ? 48  ASP A N   1 
ATOM   382  C  CA  . ASP A 1 48  ? -10.687 -8.422  -14.619 1.00 18.45 ? 48  ASP A CA  1 
ATOM   383  C  C   . ASP A 1 48  ? -10.773 -9.629  -13.689 1.00 19.90 ? 48  ASP A C   1 
ATOM   384  O  O   . ASP A 1 48  ? -10.198 -10.670 -14.004 1.00 23.57 ? 48  ASP A O   1 
ATOM   385  C  CB  . ASP A 1 48  ? -9.209  -8.090  -14.915 1.00 20.67 ? 48  ASP A CB  1 
ATOM   386  C  CG  . ASP A 1 48  ? -8.376  -7.753  -13.670 1.00 20.12 ? 48  ASP A CG  1 
ATOM   387  O  OD1 . ASP A 1 48  ? -7.164  -7.456  -13.817 1.00 23.86 ? 48  ASP A OD1 1 
ATOM   388  O  OD2 . ASP A 1 48  ? -8.901  -7.751  -12.556 1.00 17.17 ? 48  ASP A OD2 1 
ATOM   389  N  N   . GLY A 1 49  ? -11.479 -9.526  -12.561 1.00 16.09 ? 49  GLY A N   1 
ATOM   390  C  CA  . GLY A 1 49  ? -11.621 -10.622 -11.637 1.00 17.25 ? 49  GLY A CA  1 
ATOM   391  C  C   . GLY A 1 49  ? -10.611 -10.639 -10.512 1.00 15.99 ? 49  GLY A C   1 
ATOM   392  O  O   . GLY A 1 49  ? -10.788 -11.421 -9.561  1.00 15.64 ? 49  GLY A O   1 
ATOM   393  N  N   . SER A 1 50  ? -9.557  -9.824  -10.610 1.00 12.57 ? 50  SER A N   1 
ATOM   394  C  CA  . SER A 1 50  ? -8.607  -9.653  -9.532  1.00 12.91 ? 50  SER A CA  1 
ATOM   395  C  C   . SER A 1 50  ? -9.224  -8.791  -8.438  1.00 13.05 ? 50  SER A C   1 
ATOM   396  O  O   . SER A 1 50  ? -10.266 -8.164  -8.614  1.00 13.94 ? 50  SER A O   1 
ATOM   397  C  CB  . SER A 1 50  ? -7.304  -9.013  -10.025 1.00 14.58 ? 50  SER A CB  1 
ATOM   398  O  OG  . SER A 1 50  ? -7.547  -7.662  -10.387 1.00 13.52 ? 50  SER A OG  1 
ATOM   399  N  N   . THR A 1 51  ? -8.587  -8.802  -7.273  1.00 12.60 ? 51  THR A N   1 
ATOM   400  C  CA  . THR A 1 51  ? -9.051  -8.039  -6.133  1.00 11.28 ? 51  THR A CA  1 
ATOM   401  C  C   . THR A 1 51  ? -7.878  -7.282  -5.526  1.00 10.05 ? 51  THR A C   1 
ATOM   402  O  O   . THR A 1 51  ? -6.752  -7.774  -5.510  1.00 11.53 ? 51  THR A O   1 
ATOM   403  C  CB  . THR A 1 51  ? -9.673  -8.984  -5.094  1.00 10.05 ? 51  THR A CB  1 
ATOM   404  O  OG1 . THR A 1 51  ? -10.743 -9.704  -5.724  1.00 12.90 ? 51  THR A OG1 1 
ATOM   405  C  CG2 . THR A 1 51  ? -10.266 -8.206  -3.902  1.00 10.11 ? 51  THR A CG2 1 
ATOM   406  N  N   . ASP A 1 52  ? -8.162  -6.076  -5.039  1.00 10.89 ? 52  ASP A N   1 
ATOM   407  C  CA  . ASP A 1 52  ? -7.181  -5.258  -4.329  1.00 10.82 ? 52  ASP A CA  1 
ATOM   408  C  C   . ASP A 1 52  ? -7.363  -5.452  -2.830  1.00 11.44 ? 52  ASP A C   1 
ATOM   409  O  O   . ASP A 1 52  ? -8.499  -5.470  -2.341  1.00 12.60 ? 52  ASP A O   1 
ATOM   410  C  CB  . ASP A 1 52  ? -7.363  -3.780  -4.654  1.00 11.74 ? 52  ASP A CB  1 
ATOM   411  C  CG  . ASP A 1 52  ? -7.233  -3.460  -6.129  1.00 15.91 ? 52  ASP A CG  1 
ATOM   412  O  OD1 . ASP A 1 52  ? -6.376  -4.043  -6.809  1.00 16.31 ? 52  ASP A OD1 1 
ATOM   413  O  OD2 . ASP A 1 52  ? -7.973  -2.575  -6.582  1.00 18.75 ? 52  ASP A OD2 1 
ATOM   414  N  N   . TYR A 1 53  ? -6.245  -5.590  -2.087  1.00 9.92  ? 53  TYR A N   1 
ATOM   415  C  CA  . TYR A 1 53  ? -6.332  -5.917  -0.668  1.00 9.78  ? 53  TYR A CA  1 
ATOM   416  C  C   . TYR A 1 53  ? -5.523  -4.964  0.207   1.00 10.14 ? 53  TYR A C   1 
ATOM   417  O  O   . TYR A 1 53  ? -4.343  -4.699  -0.068  1.00 12.93 ? 53  TYR A O   1 
ATOM   418  C  CB  . TYR A 1 53  ? -5.827  -7.345  -0.407  1.00 11.01 ? 53  TYR A CB  1 
ATOM   419  C  CG  . TYR A 1 53  ? -6.623  -8.411  -1.073  1.00 10.28 ? 53  TYR A CG  1 
ATOM   420  C  CD1 . TYR A 1 53  ? -6.371  -8.766  -2.388  1.00 10.36 ? 53  TYR A CD1 1 
ATOM   421  C  CD2 . TYR A 1 53  ? -7.590  -9.119  -0.367  1.00 10.90 ? 53  TYR A CD2 1 
ATOM   422  C  CE1 . TYR A 1 53  ? -7.102  -9.766  -3.008  1.00 11.32 ? 53  TYR A CE1 1 
ATOM   423  C  CE2 . TYR A 1 53  ? -8.303  -10.130 -0.963  1.00 13.22 ? 53  TYR A CE2 1 
ATOM   424  C  CZ  . TYR A 1 53  ? -8.065  -10.435 -2.298  1.00 11.51 ? 53  TYR A CZ  1 
ATOM   425  O  OH  . TYR A 1 53  ? -8.798  -11.448 -2.897  1.00 14.59 ? 53  TYR A OH  1 
ATOM   426  N  N   . GLY A 1 54  ? -6.144  -4.529  1.309   1.00 10.40 ? 54  GLY A N   1 
ATOM   427  C  CA  . GLY A 1 54  ? -5.416  -3.920  2.413   1.00 12.29 ? 54  GLY A CA  1 
ATOM   428  C  C   . GLY A 1 54  ? -5.172  -2.428  2.260   1.00 11.41 ? 54  GLY A C   1 
ATOM   429  O  O   . GLY A 1 54  ? -5.691  -1.744  1.393   1.00 10.37 ? 54  GLY A O   1 
ATOM   430  N  N   . ILE A 1 55  ? -4.296  -1.944  3.143   1.00 12.03 ? 55  ILE A N   1 
ATOM   431  C  CA  . ILE A 1 55  ? -4.122  -0.512  3.320   1.00 15.17 ? 55  ILE A CA  1 
ATOM   432  C  C   . ILE A 1 55  ? -3.536  0.146   2.078   1.00 12.06 ? 55  ILE A C   1 
ATOM   433  O  O   . ILE A 1 55  ? -3.776  1.333   1.859   1.00 12.75 ? 55  ILE A O   1 
ATOM   434  C  CB  . ILE A 1 55  ? -3.281  -0.292  4.591   1.00 18.56 ? 55  ILE A CB  1 
ATOM   435  C  CG1 . ILE A 1 55  ? -3.576  1.094   5.186   1.00 21.81 ? 55  ILE A CG1 1 
ATOM   436  C  CG2 . ILE A 1 55  ? -1.802  -0.571  4.299   1.00 17.61 ? 55  ILE A CG2 1 
ATOM   437  C  CD1 . ILE A 1 55  ? -3.621  1.108   6.692   1.00 22.28 ? 55  ILE A CD1 1 
ATOM   438  N  N   . LEU A 1 56  ? -2.790  -0.595  1.253   1.00 13.19 ? 56  LEU A N   1 
ATOM   439  C  CA  . LEU A 1 56  ? -2.290  -0.079  -0.020  1.00 12.83 ? 56  LEU A CA  1 
ATOM   440  C  C   . LEU A 1 56  ? -2.928  -0.778  -1.223  1.00 13.70 ? 56  LEU A C   1 
ATOM   441  O  O   . LEU A 1 56  ? -2.443  -0.635  -2.350  1.00 12.53 ? 56  LEU A O   1 
ATOM   442  C  CB  . LEU A 1 56  ? -0.760  -0.167  -0.055  1.00 12.99 ? 56  LEU A CB  1 
ATOM   443  C  CG  . LEU A 1 56  ? -0.045  0.823   0.878   1.00 12.94 ? 56  LEU A CG  1 
ATOM   444  C  CD1 . LEU A 1 56  ? 1.426   0.446   0.977   1.00 16.71 ? 56  LEU A CD1 1 
ATOM   445  C  CD2 . LEU A 1 56  ? -0.194  2.209   0.294   1.00 16.82 ? 56  LEU A CD2 1 
ATOM   446  N  N   . GLN A 1 57  ? -4.032  -1.504  -1.011  1.00 10.69 ? 57  GLN A N   1 
ATOM   447  C  CA  . GLN A 1 57  ? -4.847  -2.049  -2.108  1.00 11.35 ? 57  GLN A CA  1 
ATOM   448  C  C   . GLN A 1 57  ? -3.970  -2.764  -3.135  1.00 10.98 ? 57  GLN A C   1 
ATOM   449  O  O   . GLN A 1 57  ? -3.973  -2.468  -4.339  1.00 14.18 ? 57  GLN A O   1 
ATOM   450  C  CB  . GLN A 1 57  ? -5.683  -0.937  -2.765  1.00 13.47 ? 57  GLN A CB  1 
ATOM   451  C  CG  . GLN A 1 57  ? -6.779  -0.429  -1.861  1.00 14.10 ? 57  GLN A CG  1 
ATOM   452  C  CD  . GLN A 1 57  ? -7.846  -1.468  -1.670  1.00 12.48 ? 57  GLN A CD  1 
ATOM   453  O  OE1 . GLN A 1 57  ? -8.770  -1.545  -2.481  1.00 12.94 ? 57  GLN A OE1 1 
ATOM   454  N  NE2 . GLN A 1 57  ? -7.729  -2.304  -0.620  1.00 11.44 ? 57  GLN A NE2 1 
ATOM   455  N  N   . ILE A 1 58  ? -3.239  -3.731  -2.634  1.00 12.40 ? 58  ILE A N   1 
ATOM   456  C  CA  . ILE A 1 58  ? -2.333  -4.532  -3.448  1.00 12.21 ? 58  ILE A CA  1 
ATOM   457  C  C   . ILE A 1 58  ? -3.130  -5.614  -4.184  1.00 12.53 ? 58  ILE A C   1 
ATOM   458  O  O   . ILE A 1 58  ? -4.027  -6.252  -3.623  1.00 14.02 ? 58  ILE A O   1 
ATOM   459  C  CB  . ILE A 1 58  ? -1.215  -5.097  -2.554  1.00 12.33 ? 58  ILE A CB  1 
ATOM   460  C  CG1 . ILE A 1 58  ? -0.276  -3.950  -2.132  1.00 14.41 ? 58  ILE A CG1 1 
ATOM   461  C  CG2 . ILE A 1 58  ? -0.502  -6.301  -3.224  1.00 13.26 ? 58  ILE A CG2 1 
ATOM   462  C  CD1 . ILE A 1 58  ? 0.798   -4.355  -1.136  1.00 13.43 ? 58  ILE A CD1 1 
ATOM   463  N  N   . ASN A 1 59  ? -2.822  -5.792  -5.476  1.00 11.91 ? 59  ASN A N   1 
ATOM   464  C  CA  . ASN A 1 59  ? -3.684  -6.490  -6.422  1.00 13.39 ? 59  ASN A CA  1 
ATOM   465  C  C   . ASN A 1 59  ? -3.236  -7.929  -6.635  1.00 13.80 ? 59  ASN A C   1 
ATOM   466  O  O   . ASN A 1 59  ? -2.040  -8.213  -6.697  1.00 15.81 ? 59  ASN A O   1 
ATOM   467  C  CB  . ASN A 1 59  ? -3.706  -5.730  -7.754  1.00 15.36 ? 59  ASN A CB  1 
ATOM   468  C  CG  . ASN A 1 59  ? -4.634  -6.379  -8.781  1.00 14.92 ? 59  ASN A CG  1 
ATOM   469  O  OD1 . ASN A 1 59  ? -4.203  -7.138  -9.642  1.00 17.51 ? 59  ASN A OD1 1 
ATOM   470  N  ND2 . ASN A 1 59  ? -5.917  -6.091  -8.673  1.00 16.93 ? 59  ASN A ND2 1 
ATOM   471  N  N   . SER A 1 60  ? -4.218  -8.830  -6.729  1.00 11.98 ? 60  SER A N   1 
ATOM   472  C  CA  . SER A 1 60  ? -3.989  -10.263 -6.818  1.00 12.85 ? 60  SER A CA  1 
ATOM   473  C  C   . SER A 1 60  ? -3.525  -10.730 -8.189  1.00 13.67 ? 60  SER A C   1 
ATOM   474  O  O   . SER A 1 60  ? -3.116  -11.891 -8.308  1.00 15.78 ? 60  SER A O   1 
ATOM   475  C  CB  . SER A 1 60  ? -5.255  -11.041 -6.441  1.00 13.80 ? 60  SER A CB  1 
ATOM   476  O  OG  . SER A 1 60  ? -6.298  -10.753 -7.369  1.00 12.98 ? 60  SER A OG  1 
ATOM   477  N  N   . ARG A 1 61  ? -3.527  -9.904  -9.202  1.00 15.02 ? 61  ARG A N   1 
ATOM   478  C  CA  . ARG A 1 61  ? -3.083  -10.412 -10.489 1.00 16.37 ? 61  ARG A CA  1 
ATOM   479  C  C   . ARG A 1 61  ? -1.595  -10.752 -10.487 1.00 17.00 ? 61  ARG A C   1 
ATOM   480  O  O   . ARG A 1 61  ? -1.149  -11.698 -11.066 1.00 16.90 ? 61  ARG A O   1 
ATOM   481  C  CB  . ARG A 1 61  ? -3.415  -9.371  -11.560 1.00 20.91 ? 61  ARG A CB  1 
ATOM   482  C  CG  . ARG A 1 61  ? -3.134  -9.642  -12.988 1.00 26.88 ? 61  ARG A CG  1 
ATOM   483  C  CD  . ARG A 1 61  ? -4.001  -8.665  -13.803 1.00 32.35 ? 61  ARG A CD  1 
ATOM   484  N  NE  . ARG A 1 61  ? -3.658  -7.285  -13.621 1.00 39.36 ? 61  ARG A NE  1 
ATOM   485  C  CZ  . ARG A 1 61  ? -4.278  -6.372  -12.916 1.00 38.09 ? 61  ARG A CZ  1 
ATOM   486  N  NH1 . ARG A 1 61  ? -5.305  -6.610  -12.167 1.00 21.24 ? 61  ARG A NH1 1 
ATOM   487  N  NH2 . ARG A 1 61  ? -3.773  -5.183  -12.884 1.00 39.39 ? 61  ARG A NH2 1 
ATOM   488  N  N   . TRP A 1 62  ? -0.833  -9.986  -9.750  1.00 17.65 ? 62  TRP A N   1 
ATOM   489  C  CA  . TRP A 1 62  ? 0.606   -10.200 -9.719  1.00 18.41 ? 62  TRP A CA  1 
ATOM   490  C  C   . TRP A 1 62  ? 1.169   -10.518 -8.349  1.00 16.62 ? 62  TRP A C   1 
ATOM   491  O  O   . TRP A 1 62  ? 2.167   -11.234 -8.272  1.00 17.91 ? 62  TRP A O   1 
ATOM   492  C  CB  . TRP A 1 62  ? 1.356   -8.960  -10.254 1.00 18.51 ? 62  TRP A CB  1 
ATOM   493  C  CG  . TRP A 1 62  ? 1.306   -8.856  -11.756 1.00 24.75 ? 62  TRP A CG  1 
ATOM   494  C  CD1 . TRP A 1 62  ? 0.517   -8.027  -12.505 1.00 28.72 ? 62  TRP A CD1 1 
ATOM   495  C  CD2 . TRP A 1 62  ? 2.063   -9.646  -12.691 1.00 28.97 ? 62  TRP A CD2 1 
ATOM   496  N  NE1 . TRP A 1 62  ? 0.746   -8.244  -13.845 1.00 29.03 ? 62  TRP A NE1 1 
ATOM   497  C  CE2 . TRP A 1 62  ? 1.692   -9.227  -13.984 1.00 33.11 ? 62  TRP A CE2 1 
ATOM   498  C  CE3 . TRP A 1 62  ? 3.027   -10.657 -12.554 1.00 29.90 ? 62  TRP A CE3 1 
ATOM   499  C  CZ2 . TRP A 1 62  ? 2.248   -9.787  -15.139 1.00 41.10 ? 62  TRP A CZ2 1 
ATOM   500  C  CZ3 . TRP A 1 62  ? 3.584   -11.212 -13.703 1.00 31.49 ? 62  TRP A CZ3 1 
ATOM   501  C  CH2 . TRP A 1 62  ? 3.192   -10.773 -14.976 1.00 34.23 ? 62  TRP A CH2 1 
ATOM   502  N  N   . TRP A 1 63  ? 0.569   -10.028 -7.262  1.00 14.26 ? 63  TRP A N   1 
ATOM   503  C  CA  . TRP A 1 63  ? 1.335   -9.862  -6.034  1.00 14.42 ? 63  TRP A CA  1 
ATOM   504  C  C   . TRP A 1 63  ? 0.989   -10.820 -4.903  1.00 13.15 ? 63  TRP A C   1 
ATOM   505  O  O   . TRP A 1 63  ? 1.847   -11.065 -4.061  1.00 13.66 ? 63  TRP A O   1 
ATOM   506  C  CB  . TRP A 1 63  ? 1.201   -8.418  -5.536  1.00 14.37 ? 63  TRP A CB  1 
ATOM   507  C  CG  . TRP A 1 63  ? 1.645   -7.461  -6.617  1.00 13.55 ? 63  TRP A CG  1 
ATOM   508  C  CD1 . TRP A 1 63  ? 0.850   -6.642  -7.380  1.00 17.59 ? 63  TRP A CD1 1 
ATOM   509  C  CD2 . TRP A 1 63  ? 2.983   -7.290  -7.108  1.00 13.36 ? 63  TRP A CD2 1 
ATOM   510  N  NE1 . TRP A 1 63  ? 1.612   -5.952  -8.289  1.00 16.22 ? 63  TRP A NE1 1 
ATOM   511  C  CE2 . TRP A 1 63  ? 2.926   -6.334  -8.142  1.00 14.15 ? 63  TRP A CE2 1 
ATOM   512  C  CE3 . TRP A 1 63  ? 4.225   -7.838  -6.763  1.00 18.43 ? 63  TRP A CE3 1 
ATOM   513  C  CZ2 . TRP A 1 63  ? 4.069   -5.923  -8.830  1.00 17.65 ? 63  TRP A CZ2 1 
ATOM   514  C  CZ3 . TRP A 1 63  ? 5.362   -7.410  -7.446  1.00 21.06 ? 63  TRP A CZ3 1 
ATOM   515  C  CH2 . TRP A 1 63  ? 5.267   -6.468  -8.469  1.00 18.45 ? 63  TRP A CH2 1 
ATOM   516  N  N   . CYS A 1 64  ? -0.222  -11.378 -4.863  1.00 13.28 ? 64  CYS A N   1 
ATOM   517  C  CA  . CYS A 1 64  ? -0.622  -12.230 -3.757  1.00 13.61 ? 64  CYS A CA  1 
ATOM   518  C  C   . CYS A 1 64  ? -1.557  -13.301 -4.298  1.00 13.92 ? 64  CYS A C   1 
ATOM   519  O  O   . CYS A 1 64  ? -2.120  -13.154 -5.387  1.00 14.96 ? 64  CYS A O   1 
ATOM   520  C  CB  . CYS A 1 64  ? -1.273  -11.423 -2.622  1.00 13.85 ? 64  CYS A CB  1 
ATOM   521  S  SG  . CYS A 1 64  ? -2.824  -10.564 -3.042  1.00 13.38 ? 64  CYS A SG  1 
ATOM   522  N  N   . ASN A 1 65  ? -1.689  -14.403 -3.551  1.00 13.41 ? 65  ASN A N   1 
ATOM   523  C  CA  . ASN A 1 65  ? -2.585  -15.474 -3.965  1.00 14.74 ? 65  ASN A CA  1 
ATOM   524  C  C   . ASN A 1 65  ? -3.916  -15.403 -3.227  1.00 13.32 ? 65  ASN A C   1 
ATOM   525  O  O   . ASN A 1 65  ? -3.930  -15.416 -1.989  1.00 13.87 ? 65  ASN A O   1 
ATOM   526  C  CB  . ASN A 1 65  ? -1.982  -16.851 -3.714  1.00 12.22 ? 65  ASN A CB  1 
ATOM   527  C  CG  . ASN A 1 65  ? -2.957  -17.928 -4.089  1.00 15.33 ? 65  ASN A CG  1 
ATOM   528  O  OD1 . ASN A 1 65  ? -3.468  -17.937 -5.210  1.00 16.41 ? 65  ASN A OD1 1 
ATOM   529  N  ND2 . ASN A 1 65  ? -3.283  -18.786 -3.143  1.00 17.57 ? 65  ASN A ND2 1 
ATOM   530  N  N   . ASP A 1 66  ? -5.025  -15.321 -3.982  1.00 13.43 ? 66  ASP A N   1 
ATOM   531  C  CA  . ASP A 1 66  ? -6.353  -15.510 -3.390  1.00 11.98 ? 66  ASP A CA  1 
ATOM   532  C  C   . ASP A 1 66  ? -7.122  -16.697 -3.951  1.00 15.30 ? 66  ASP A C   1 
ATOM   533  O  O   . ASP A 1 66  ? -8.284  -16.870 -3.585  1.00 13.69 ? 66  ASP A O   1 
ATOM   534  C  CB  . ASP A 1 66  ? -7.230  -14.236 -3.500  1.00 13.83 ? 66  ASP A CB  1 
ATOM   535  C  CG  . ASP A 1 66  ? -7.491  -13.763 -4.947  1.00 15.69 ? 66  ASP A CG  1 
ATOM   536  O  OD1 . ASP A 1 66  ? -7.260  -14.503 -5.927  1.00 14.25 ? 66  ASP A OD1 1 
ATOM   537  O  OD2 . ASP A 1 66  ? -7.957  -12.610 -5.086  1.00 13.48 ? 66  ASP A OD2 1 
ATOM   538  N  N   . GLY A 1 67  ? -6.535  -17.494 -4.840  1.00 13.68 ? 67  GLY A N   1 
ATOM   539  C  CA  . GLY A 1 67  ? -7.200  -18.668 -5.375  1.00 17.76 ? 67  GLY A CA  1 
ATOM   540  C  C   . GLY A 1 67  ? -8.328  -18.384 -6.337  1.00 15.86 ? 67  GLY A C   1 
ATOM   541  O  O   . GLY A 1 67  ? -8.983  -19.325 -6.822  1.00 15.38 ? 67  GLY A O   1 
ATOM   542  N  N   . ARG A 1 68  ? -8.606  -17.114 -6.642  1.00 14.03 ? 68  ARG A N   1 
ATOM   543  C  CA  . ARG A 1 68  ? -9.745  -16.812 -7.505  1.00 14.55 ? 68  ARG A CA  1 
ATOM   544  C  C   . ARG A 1 68  ? -9.402  -15.755 -8.558  1.00 13.56 ? 68  ARG A C   1 
ATOM   545  O  O   . ARG A 1 68  ? -10.288 -15.044 -9.038  1.00 18.26 ? 68  ARG A O   1 
ATOM   546  C  CB  . ARG A 1 68  ? -10.966 -16.377 -6.673  1.00 17.67 ? 68  ARG A CB  1 
ATOM   547  C  CG  . ARG A 1 68  ? -10.691 -15.264 -5.641  1.00 15.69 ? 68  ARG A CG  1 
ATOM   548  C  CD  . ARG A 1 68  ? -11.936 -14.358 -5.456  1.00 17.64 ? 68  ARG A CD  1 
ATOM   549  N  NE  . ARG A 1 68  ? -12.100 -13.562 -6.664  1.00 15.60 ? 68  ARG A NE  1 
ATOM   550  C  CZ  . ARG A 1 68  ? -13.198 -13.525 -7.420  1.00 17.53 ? 68  ARG A CZ  1 
ATOM   551  N  NH1 . ARG A 1 68  ? -13.217 -12.785 -8.532  1.00 16.79 ? 68  ARG A NH1 1 
ATOM   552  N  NH2 . ARG A 1 68  ? -14.282 -14.201 -7.073  1.00 22.62 ? 68  ARG A NH2 1 
ATOM   553  N  N   . THR A 1 69  ? -8.132  -15.659 -8.961  1.00 13.90 ? 69  THR A N   1 
ATOM   554  C  CA  . THR A 1 69  ? -7.700  -14.757 -10.032 1.00 16.72 ? 69  THR A CA  1 
ATOM   555  C  C   . THR A 1 69  ? -7.001  -15.609 -11.084 1.00 15.57 ? 69  THR A C   1 
ATOM   556  O  O   . THR A 1 69  ? -5.770  -15.771 -11.045 1.00 18.18 ? 69  THR A O   1 
ATOM   557  C  CB  . THR A 1 69  ? -6.775  -13.654 -9.505  1.00 14.16 ? 69  THR A CB  1 
ATOM   558  O  OG1 . THR A 1 69  ? -7.364  -13.043 -8.344  1.00 14.04 ? 69  THR A OG1 1 
ATOM   559  C  CG2 . THR A 1 69  ? -6.569  -12.582 -10.578 1.00 15.64 ? 69  THR A CG2 1 
ATOM   560  N  N   . PRO A 1 70  ? -7.744  -16.188 -12.028 1.00 17.97 ? 70  PRO A N   1 
ATOM   561  C  CA  . PRO A 1 70  ? -7.138  -17.109 -13.003 1.00 20.74 ? 70  PRO A CA  1 
ATOM   562  C  C   . PRO A 1 70  ? -5.971  -16.504 -13.766 1.00 23.20 ? 70  PRO A C   1 
ATOM   563  O  O   . PRO A 1 70  ? -6.055  -15.395 -14.287 1.00 21.83 ? 70  PRO A O   1 
ATOM   564  C  CB  . PRO A 1 70  ? -8.303  -17.421 -13.947 1.00 23.78 ? 70  PRO A CB  1 
ATOM   565  C  CG  . PRO A 1 70  ? -9.522  -17.281 -13.087 1.00 26.10 ? 70  PRO A CG  1 
ATOM   566  C  CD  . PRO A 1 70  ? -9.211  -16.140 -12.149 1.00 23.13 ? 70  PRO A CD  1 
ATOM   567  N  N   . GLY A 1 71  ? -4.888  -17.269 -13.875 1.00 22.19 ? 71  GLY A N   1 
ATOM   568  C  CA  . GLY A 1 71  ? -3.716  -16.838 -14.595 1.00 22.76 ? 71  GLY A CA  1 
ATOM   569  C  C   . GLY A 1 71  ? -2.778  -15.988 -13.774 1.00 21.48 ? 71  GLY A C   1 
ATOM   570  O  O   . GLY A 1 71  ? -1.709  -15.611 -14.269 1.00 25.84 ? 71  GLY A O   1 
ATOM   571  N  N   . SER A 1 72  ? -3.124  -15.697 -12.526 1.00 18.26 ? 72  SER A N   1 
ATOM   572  C  CA  . SER A 1 72  ? -2.367  -14.699 -11.790 1.00 18.91 ? 72  SER A CA  1 
ATOM   573  C  C   . SER A 1 72  ? -1.072  -15.279 -11.220 1.00 19.35 ? 72  SER A C   1 
ATOM   574  O  O   . SER A 1 72  ? -0.842  -16.491 -11.200 1.00 19.47 ? 72  SER A O   1 
ATOM   575  C  CB  . SER A 1 72  ? -3.210  -14.113 -10.662 1.00 18.05 ? 72  SER A CB  1 
ATOM   576  O  OG  . SER A 1 72  ? -3.433  -15.111 -9.681  1.00 17.33 ? 72  SER A OG  1 
ATOM   577  N  N   . ARG A 1 73  ? -0.231  -14.377 -10.731 1.00 18.65 ? 73  ARG A N   1 
ATOM   578  C  CA  . ARG A 1 73  ? 0.989   -14.711 -10.008 1.00 19.84 ? 73  ARG A CA  1 
ATOM   579  C  C   . ARG A 1 73  ? 0.872   -14.307 -8.539  1.00 21.78 ? 73  ARG A C   1 
ATOM   580  O  O   . ARG A 1 73  ? -0.118  -13.706 -8.106  1.00 18.97 ? 73  ARG A O   1 
ATOM   581  C  CB  . ARG A 1 73  ? 2.196   -14.028 -10.675 1.00 21.40 ? 73  ARG A CB  1 
ATOM   582  C  CG  . ARG A 1 73  ? 2.387   -14.441 -12.134 1.00 25.26 ? 73  ARG A CG  1 
ATOM   583  C  CD  . ARG A 1 73  ? 2.807   -15.923 -12.243 1.00 29.39 ? 73  ARG A CD  1 
ATOM   584  N  NE  . ARG A 1 73  ? 4.081   -16.160 -11.564 1.00 34.36 ? 73  ARG A NE  1 
ATOM   585  C  CZ  . ARG A 1 73  ? 5.265   -15.812 -12.069 1.00 37.14 ? 73  ARG A CZ  1 
ATOM   586  N  NH1 . ARG A 1 73  ? 5.322   -15.229 -13.261 1.00 30.16 ? 73  ARG A NH1 1 
ATOM   587  N  NH2 . ARG A 1 73  ? 6.387   -16.045 -11.386 1.00 35.52 ? 73  ARG A NH2 1 
ATOM   588  N  N   . ASN A 1 74  ? 1.909   -14.654 -7.755  1.00 19.93 ? 74  ASN A N   1 
ATOM   589  C  CA  . ASN A 1 74  ? 1.974   -14.402 -6.323  1.00 15.54 ? 74  ASN A CA  1 
ATOM   590  C  C   . ASN A 1 74  ? 3.399   -13.959 -5.985  1.00 16.08 ? 74  ASN A C   1 
ATOM   591  O  O   . ASN A 1 74  ? 4.113   -14.635 -5.246  1.00 18.54 ? 74  ASN A O   1 
ATOM   592  C  CB  . ASN A 1 74  ? 1.593   -15.653 -5.537  1.00 15.80 ? 74  ASN A CB  1 
ATOM   593  C  CG  . ASN A 1 74  ? 1.620   -15.449 -4.052  1.00 16.42 ? 74  ASN A CG  1 
ATOM   594  O  OD1 . ASN A 1 74  ? 1.781   -14.326 -3.543  1.00 15.33 ? 74  ASN A OD1 1 
ATOM   595  N  ND2 . ASN A 1 74  ? 1.469   -16.545 -3.330  1.00 17.96 ? 74  ASN A ND2 1 
ATOM   596  N  N   . LEU A 1 75  ? 3.802   -12.801 -6.522  1.00 16.31 ? 75  LEU A N   1 
ATOM   597  C  CA  . LEU A 1 75  ? 5.214   -12.407 -6.442  1.00 19.41 ? 75  LEU A CA  1 
ATOM   598  C  C   . LEU A 1 75  ? 5.654   -12.082 -5.020  1.00 20.02 ? 75  LEU A C   1 
ATOM   599  O  O   . LEU A 1 75  ? 6.851   -12.159 -4.711  1.00 21.44 ? 75  LEU A O   1 
ATOM   600  C  CB  . LEU A 1 75  ? 5.469   -11.211 -7.356  1.00 19.85 ? 75  LEU A CB  1 
ATOM   601  C  CG  . LEU A 1 75  ? 5.340   -11.509 -8.854  1.00 24.07 ? 75  LEU A CG  1 
ATOM   602  C  CD1 . LEU A 1 75  ? 5.621   -10.249 -9.706  1.00 23.43 ? 75  LEU A CD1 1 
ATOM   603  C  CD2 . LEU A 1 75  ? 6.242   -12.669 -9.273  1.00 29.28 ? 75  LEU A CD2 1 
ATOM   604  N  N   . CYS A 1 76  ? 4.736   -11.674 -4.146  1.00 16.65 ? 76  CYS A N   1 
ATOM   605  C  CA  . CYS A 1 76  ? 5.088   -11.438 -2.756  1.00 18.17 ? 76  CYS A CA  1 
ATOM   606  C  C   . CYS A 1 76  ? 5.023   -12.708 -1.916  1.00 16.28 ? 76  CYS A C   1 
ATOM   607  O  O   . CYS A 1 76  ? 5.291   -12.656 -0.712  1.00 17.68 ? 76  CYS A O   1 
ATOM   608  C  CB  . CYS A 1 76  ? 4.184   -10.340 -2.184  1.00 14.85 ? 76  CYS A CB  1 
ATOM   609  S  SG  . CYS A 1 76  ? 4.480   -8.737  -2.978  1.00 17.03 ? 76  CYS A SG  1 
ATOM   610  N  N   . ASN A 1 77  ? 4.647   -13.833 -2.529  1.00 18.72 ? 77  ASN A N   1 
ATOM   611  C  CA  . ASN A 1 77  ? 4.604   -15.149 -1.878  1.00 18.97 ? 77  ASN A CA  1 
ATOM   612  C  C   . ASN A 1 77  ? 3.810   -15.114 -0.570  1.00 19.37 ? 77  ASN A C   1 
ATOM   613  O  O   . ASN A 1 77  ? 4.257   -15.591 0.487   1.00 18.65 ? 77  ASN A O   1 
ATOM   614  C  CB  . ASN A 1 77  ? 6.032   -15.677 -1.661  1.00 22.44 ? 77  ASN A CB  1 
ATOM   615  C  CG  . ASN A 1 77  ? 6.743   -15.967 -2.987  1.00 25.49 ? 77  ASN A CG  1 
ATOM   616  O  OD1 . ASN A 1 77  ? 6.234   -16.716 -3.826  1.00 35.01 ? 77  ASN A OD1 1 
ATOM   617  N  ND2 . ASN A 1 77  ? 7.908   -15.365 -3.183  1.00 31.43 ? 77  ASN A ND2 1 
ATOM   618  N  N   . ILE A 1 78  ? 2.597   -14.566 -0.660  1.00 15.68 ? 78  ILE A N   1 
ATOM   619  C  CA  . ILE A 1 78  ? 1.691   -14.443 0.489   1.00 13.51 ? 78  ILE A CA  1 
ATOM   620  C  C   . ILE A 1 78  ? 0.271   -14.713 0.042   1.00 14.26 ? 78  ILE A C   1 
ATOM   621  O  O   . ILE A 1 78  ? -0.122  -14.420 -1.097  1.00 14.13 ? 78  ILE A O   1 
ATOM   622  C  CB  . ILE A 1 78  ? 1.747   -13.035 1.123   1.00 13.75 ? 78  ILE A CB  1 
ATOM   623  C  CG1 . ILE A 1 78  ? 1.535   -11.963 0.047   1.00 15.81 ? 78  ILE A CG1 1 
ATOM   624  C  CG2 . ILE A 1 78  ? 3.032   -12.834 1.901   1.00 19.16 ? 78  ILE A CG2 1 
ATOM   625  C  CD1 . ILE A 1 78  ? 1.428   -10.570 0.585   1.00 21.86 ? 78  ILE A CD1 1 
ATOM   626  N  N   . PRO A 1 79  ? -0.551  -15.222 0.955   1.00 15.29 ? 79  PRO A N   1 
ATOM   627  C  CA  . PRO A 1 79  ? -1.999  -15.167 0.718   1.00 13.61 ? 79  PRO A CA  1 
ATOM   628  C  C   . PRO A 1 79  ? -2.444  -13.713 0.783   1.00 13.48 ? 79  PRO A C   1 
ATOM   629  O  O   . PRO A 1 79  ? -2.015  -12.956 1.659   1.00 13.02 ? 79  PRO A O   1 
ATOM   630  C  CB  . PRO A 1 79  ? -2.587  -15.988 1.869   1.00 14.66 ? 79  PRO A CB  1 
ATOM   631  C  CG  . PRO A 1 79  ? -1.574  -15.862 2.964   1.00 16.38 ? 79  PRO A CG  1 
ATOM   632  C  CD  . PRO A 1 79  ? -0.225  -15.741 2.298   1.00 16.29 ? 79  PRO A CD  1 
ATOM   633  N  N   . CYS A 1 80  ? -3.351  -13.329 -0.123  1.00 12.35 ? 80  CYS A N   1 
ATOM   634  C  CA  . CYS A 1 80  ? -3.856  -11.963 -0.090  1.00 12.20 ? 80  CYS A CA  1 
ATOM   635  C  C   . CYS A 1 80  ? -4.435  -11.605 1.269   1.00 10.78 ? 80  CYS A C   1 
ATOM   636  O  O   . CYS A 1 80  ? -4.370  -10.442 1.683   1.00 12.45 ? 80  CYS A O   1 
ATOM   637  C  CB  . CYS A 1 80  ? -4.897  -11.766 -1.206  1.00 10.62 ? 80  CYS A CB  1 
ATOM   638  S  SG  . CYS A 1 80  ? -4.275  -11.984 -2.870  1.00 12.72 ? 80  CYS A SG  1 
ATOM   639  N  N   . SER A 1 81  ? -5.015  -12.573 1.977   1.00 13.37 ? 81  SER A N   1 
ATOM   640  C  CA  . SER A 1 81  ? -5.543  -12.307 3.319   1.00 11.92 ? 81  SER A CA  1 
ATOM   641  C  C   . SER A 1 81  ? -4.504  -11.711 4.262   1.00 13.34 ? 81  SER A C   1 
ATOM   642  O  O   . SER A 1 81  ? -4.860  -10.989 5.195   1.00 16.90 ? 81  SER A O   1 
ATOM   643  C  CB  . SER A 1 81  ? -6.106  -13.604 3.907   1.00 14.45 ? 81  SER A CB  1 
ATOM   644  O  OG  . SER A 1 81  ? -5.081  -14.591 4.031   1.00 14.46 ? 81  SER A OG  1 
ATOM   645  N  N   . ALA A 1 82  ? -3.228  -12.043 4.081   1.00 11.35 ? 82  ALA A N   1 
ATOM   646  C  CA  . ALA A 1 82  ? -2.173  -11.461 4.919   1.00 13.94 ? 82  ALA A CA  1 
ATOM   647  C  C   . ALA A 1 82  ? -2.114  -9.949  4.792   1.00 14.85 ? 82  ALA A C   1 
ATOM   648  O  O   . ALA A 1 82  ? -1.627  -9.264  5.696   1.00 15.63 ? 82  ALA A O   1 
ATOM   649  C  CB  . ALA A 1 82  ? -0.823  -12.052 4.543   1.00 15.05 ? 82  ALA A CB  1 
ATOM   650  N  N   . LEU A 1 83  ? -2.563  -9.418  3.665   1.00 10.84 ? 83  LEU A N   1 
ATOM   651  C  CA  . LEU A 1 83  ? -2.604  -7.982  3.447   1.00 11.79 ? 83  LEU A CA  1 
ATOM   652  C  C   . LEU A 1 83  ? -3.747  -7.293  4.179   1.00 12.21 ? 83  LEU A C   1 
ATOM   653  O  O   . LEU A 1 83  ? -3.873  -6.068  4.084   1.00 15.07 ? 83  LEU A O   1 
ATOM   654  C  CB  . LEU A 1 83  ? -2.708  -7.732  1.955   1.00 13.63 ? 83  LEU A CB  1 
ATOM   655  C  CG  . LEU A 1 83  ? -1.566  -8.308  1.116   1.00 12.82 ? 83  LEU A CG  1 
ATOM   656  C  CD1 . LEU A 1 83  ? -1.967  -8.147  -0.355  1.00 12.87 ? 83  LEU A CD1 1 
ATOM   657  C  CD2 . LEU A 1 83  ? -0.306  -7.522  1.393   1.00 17.30 ? 83  LEU A CD2 1 
ATOM   658  N  N   . LEU A 1 84  ? -4.600  -8.037  4.881   1.00 12.00 ? 84  LEU A N   1 
ATOM   659  C  CA  . LEU A 1 84  ? -5.710  -7.454  5.623   1.00 12.82 ? 84  LEU A CA  1 
ATOM   660  C  C   . LEU A 1 84  ? -5.436  -7.382  7.118   1.00 15.69 ? 84  LEU A C   1 
ATOM   661  O  O   . LEU A 1 84  ? -6.271  -6.854  7.873   1.00 13.89 ? 84  LEU A O   1 
ATOM   662  C  CB  . LEU A 1 84  ? -6.994  -8.244  5.370   1.00 12.08 ? 84  LEU A CB  1 
ATOM   663  C  CG  . LEU A 1 84  ? -7.418  -8.381  3.896   1.00 13.33 ? 84  LEU A CG  1 
ATOM   664  C  CD1 . LEU A 1 84  ? -8.757  -9.123  3.832   1.00 16.02 ? 84  LEU A CD1 1 
ATOM   665  C  CD2 . LEU A 1 84  ? -7.521  -7.041  3.207   1.00 14.89 ? 84  LEU A CD2 1 
ATOM   666  N  N   A SER A 1 85  ? -4.279  -7.875  7.549   0.58 14.30 ? 85  SER A N   1 
ATOM   667  N  N   B SER A 1 85  ? -4.295  -7.900  7.565   0.42 14.30 ? 85  SER A N   1 
ATOM   668  C  CA  A SER A 1 85  ? -3.949  -7.933  8.965   0.58 15.78 ? 85  SER A CA  1 
ATOM   669  C  CA  B SER A 1 85  ? -4.004  -7.957  8.990   0.42 15.76 ? 85  SER A CA  1 
ATOM   670  C  C   A SER A 1 85  ? -3.833  -6.540  9.589   0.58 15.01 ? 85  SER A C   1 
ATOM   671  C  C   B SER A 1 85  ? -3.829  -6.563  9.593   0.42 15.01 ? 85  SER A C   1 
ATOM   672  O  O   A SER A 1 85  ? -3.498  -5.553  8.926   0.58 16.51 ? 85  SER A O   1 
ATOM   673  O  O   B SER A 1 85  ? -3.458  -5.599  8.915   0.42 16.47 ? 85  SER A O   1 
ATOM   674  C  CB  A SER A 1 85  ? -2.637  -8.690  9.138   0.58 16.53 ? 85  SER A CB  1 
ATOM   675  C  CB  B SER A 1 85  ? -2.744  -8.782  9.232   0.42 16.52 ? 85  SER A CB  1 
ATOM   676  O  OG  A SER A 1 85  ? -2.248  -8.727  10.487  0.58 15.79 ? 85  SER A OG  1 
ATOM   677  O  OG  B SER A 1 85  ? -1.663  -8.295  8.454   0.42 15.15 ? 85  SER A OG  1 
ATOM   678  N  N   . SER A 1 86  ? -4.081  -6.472  10.902  1.00 13.55 ? 86  SER A N   1 
ATOM   679  C  CA  . SER A 1 86  ? -3.852  -5.234  11.630  1.00 16.52 ? 86  SER A CA  1 
ATOM   680  C  C   . SER A 1 86  ? -2.373  -4.881  11.671  1.00 15.32 ? 86  SER A C   1 
ATOM   681  O  O   . SER A 1 86  ? -2.025  -3.703  11.814  1.00 18.63 ? 86  SER A O   1 
ATOM   682  C  CB  . SER A 1 86  ? -4.393  -5.366  13.049  1.00 19.87 ? 86  SER A CB  1 
ATOM   683  O  OG  . SER A 1 86  ? -3.787  -6.469  13.726  1.00 21.61 ? 86  SER A OG  1 
ATOM   684  N  N   . ASP A 1 87  ? -1.518  -5.885  11.523  1.00 15.49 ? 87  ASP A N   1 
ATOM   685  C  CA  . ASP A 1 87  ? -0.071  -5.734  11.433  1.00 17.50 ? 87  ASP A CA  1 
ATOM   686  C  C   . ASP A 1 87  ? 0.297   -5.506  9.971   1.00 15.92 ? 87  ASP A C   1 
ATOM   687  O  O   . ASP A 1 87  ? 0.059   -6.376  9.127   1.00 16.29 ? 87  ASP A O   1 
ATOM   688  C  CB  . ASP A 1 87  ? 0.592   -6.998  11.979  1.00 18.90 ? 87  ASP A CB  1 
ATOM   689  C  CG  . ASP A 1 87  ? 2.112   -6.960  11.932  1.00 25.66 ? 87  ASP A CG  1 
ATOM   690  O  OD1 . ASP A 1 87  ? 2.687   -6.338  11.035  1.00 20.09 ? 87  ASP A OD1 1 
ATOM   691  O  OD2 . ASP A 1 87  ? 2.743   -7.590  12.808  1.00 32.43 ? 87  ASP A OD2 1 
ATOM   692  N  N   . ILE A 1 88  ? 0.897   -4.351  9.664   1.00 15.07 ? 88  ILE A N   1 
ATOM   693  C  CA  . ILE A 1 88  ? 1.070   -3.973  8.253   1.00 14.67 ? 88  ILE A CA  1 
ATOM   694  C  C   . ILE A 1 88  ? 2.348   -4.542  7.632   1.00 15.72 ? 88  ILE A C   1 
ATOM   695  O  O   . ILE A 1 88  ? 2.654   -4.230  6.477   1.00 15.04 ? 88  ILE A O   1 
ATOM   696  C  CB  . ILE A 1 88  ? 1.048   -2.433  8.034   1.00 16.04 ? 88  ILE A CB  1 
ATOM   697  C  CG1 . ILE A 1 88  ? 2.318   -1.731  8.572   1.00 17.94 ? 88  ILE A CG1 1 
ATOM   698  C  CG2 . ILE A 1 88  ? -0.205  -1.840  8.622   1.00 15.62 ? 88  ILE A CG2 1 
ATOM   699  C  CD1 . ILE A 1 88  ? 2.372   -0.228  8.257   1.00 17.55 ? 88  ILE A CD1 1 
ATOM   700  N  N   . THR A 1 89  ? 3.095   -5.383  8.345   1.00 14.99 ? 89  THR A N   1 
ATOM   701  C  CA  . THR A 1 89  ? 4.372   -5.886  7.822   1.00 17.09 ? 89  THR A CA  1 
ATOM   702  C  C   . THR A 1 89  ? 4.245   -6.458  6.409   1.00 16.66 ? 89  THR A C   1 
ATOM   703  O  O   . THR A 1 89  ? 5.017   -6.097  5.508   1.00 15.61 ? 89  THR A O   1 
ATOM   704  C  CB  . THR A 1 89  ? 4.933   -6.963  8.752   1.00 17.68 ? 89  THR A CB  1 
ATOM   705  O  OG1 . THR A 1 89  ? 5.147   -6.407  10.043  1.00 20.08 ? 89  THR A OG1 1 
ATOM   706  C  CG2 . THR A 1 89  ? 6.239   -7.481  8.209   1.00 20.49 ? 89  THR A CG2 1 
ATOM   707  N  N   . ALA A 1 90  ? 3.292   -7.380  6.199   1.00 14.60 ? 90  ALA A N   1 
ATOM   708  C  CA  . ALA A 1 90  ? 3.157   -8.010  4.888   1.00 13.30 ? 90  ALA A CA  1 
ATOM   709  C  C   . ALA A 1 90  ? 2.832   -6.974  3.817   1.00 13.16 ? 90  ALA A C   1 
ATOM   710  O  O   . ALA A 1 90  ? 3.422   -6.988  2.726   1.00 14.62 ? 90  ALA A O   1 
ATOM   711  C  CB  . ALA A 1 90  ? 2.084   -9.105  4.928   1.00 16.28 ? 90  ALA A CB  1 
ATOM   712  N  N   . SER A 1 91  ? 1.897   -6.061  4.102   1.00 12.71 ? 91  SER A N   1 
ATOM   713  C  CA  . SER A 1 91  ? 1.592   -5.023  3.119   1.00 13.10 ? 91  SER A CA  1 
ATOM   714  C  C   . SER A 1 91  ? 2.820   -4.185  2.785   1.00 10.92 ? 91  SER A C   1 
ATOM   715  O  O   . SER A 1 91  ? 3.073   -3.879  1.616   1.00 13.84 ? 91  SER A O   1 
ATOM   716  C  CB  . SER A 1 91  ? 0.468   -4.127  3.607   1.00 15.71 ? 91  SER A CB  1 
ATOM   717  O  OG  . SER A 1 91  ? -0.775  -4.742  3.363   1.00 13.56 ? 91  SER A OG  1 
ATOM   718  N  N   . VAL A 1 92  ? 3.605   -3.813  3.795   1.00 15.56 ? 92  VAL A N   1 
ATOM   719  C  CA  . VAL A 1 92  ? 4.760   -2.968  3.536   1.00 13.84 ? 92  VAL A CA  1 
ATOM   720  C  C   . VAL A 1 92  ? 5.793   -3.739  2.743   1.00 15.07 ? 92  VAL A C   1 
ATOM   721  O  O   . VAL A 1 92  ? 6.374   -3.228  1.768   1.00 14.74 ? 92  VAL A O   1 
ATOM   722  C  CB  . VAL A 1 92  ? 5.352   -2.474  4.863   1.00 14.60 ? 92  VAL A CB  1 
ATOM   723  C  CG1 . VAL A 1 92  ? 6.766   -1.934  4.587   1.00 15.44 ? 92  VAL A CG1 1 
ATOM   724  C  CG2 . VAL A 1 92  ? 4.450   -1.427  5.472   1.00 17.14 ? 92  VAL A CG2 1 
ATOM   725  N  N   . ASN A 1 93  ? 6.044   -4.979  3.136   1.00 14.18 ? 93  ASN A N   1 
ATOM   726  C  CA  . ASN A 1 93  ? 7.107   -5.702  2.439   1.00 16.65 ? 93  ASN A CA  1 
ATOM   727  C  C   . ASN A 1 93  ? 6.728   -5.984  0.984   1.00 19.60 ? 93  ASN A C   1 
ATOM   728  O  O   . ASN A 1 93  ? 7.585   -5.924  0.102   1.00 18.01 ? 93  ASN A O   1 
ATOM   729  C  CB  . ASN A 1 93  ? 7.486   -6.955  3.230   1.00 21.09 ? 93  ASN A CB  1 
ATOM   730  C  CG  . ASN A 1 93  ? 8.229   -6.609  4.543   1.00 22.13 ? 93  ASN A CG  1 
ATOM   731  O  OD1 . ASN A 1 93  ? 8.833   -5.523  4.680   1.00 29.02 ? 93  ASN A OD1 1 
ATOM   732  N  ND2 . ASN A 1 93  ? 8.189   -7.529  5.502   1.00 29.37 ? 93  ASN A ND2 1 
ATOM   733  N  N   . CYS A 1 94  ? 5.442   -6.209  0.706   1.00 14.92 ? 94  CYS A N   1 
ATOM   734  C  CA  . CYS A 1 94  ? 4.992   -6.401  -0.664  1.00 13.67 ? 94  CYS A CA  1 
ATOM   735  C  C   . CYS A 1 94  ? 5.026   -5.085  -1.434  1.00 17.18 ? 94  CYS A C   1 
ATOM   736  O  O   . CYS A 1 94  ? 5.446   -5.047  -2.596  1.00 16.11 ? 94  CYS A O   1 
ATOM   737  C  CB  . CYS A 1 94  ? 3.570   -6.991  -0.662  1.00 16.07 ? 94  CYS A CB  1 
ATOM   738  S  SG  . CYS A 1 94  ? 2.990   -7.543  -2.260  1.00 16.54 ? 94  CYS A SG  1 
ATOM   739  N  N   . ALA A 1 95  ? 4.599   -3.993  -0.792  1.00 12.36 ? 95  ALA A N   1 
ATOM   740  C  CA  . ALA A 1 95  ? 4.662   -2.672  -1.422  1.00 16.41 ? 95  ALA A CA  1 
ATOM   741  C  C   . ALA A 1 95  ? 6.070   -2.333  -1.889  1.00 15.52 ? 95  ALA A C   1 
ATOM   742  O  O   . ALA A 1 95  ? 6.249   -1.667  -2.922  1.00 16.48 ? 95  ALA A O   1 
ATOM   743  C  CB  . ALA A 1 95  ? 4.175   -1.603  -0.442  1.00 14.33 ? 95  ALA A CB  1 
ATOM   744  N  N   . LYS A 1 96  ? 7.078   -2.757  -1.127  1.00 15.57 ? 96  LYS A N   1 
ATOM   745  C  CA  . LYS A 1 96  ? 8.470   -2.518  -1.514  1.00 15.83 ? 96  LYS A CA  1 
ATOM   746  C  C   . LYS A 1 96  ? 8.825   -3.215  -2.821  1.00 16.28 ? 96  LYS A C   1 
ATOM   747  O  O   . LYS A 1 96  ? 9.557   -2.657  -3.659  1.00 19.37 ? 96  LYS A O   1 
ATOM   748  C  CB  . LYS A 1 96  ? 9.390   -2.991  -0.383  1.00 15.77 ? 96  LYS A CB  1 
ATOM   749  C  CG  . LYS A 1 96  ? 9.410   -2.045  0.792   1.00 16.76 ? 96  LYS A CG  1 
ATOM   750  C  CD  . LYS A 1 96  ? 10.077  -2.727  1.995   1.00 17.85 ? 96  LYS A CD  1 
ATOM   751  C  CE  . LYS A 1 96  ? 10.364  -1.783  3.085   1.00 20.86 ? 96  LYS A CE  1 
ATOM   752  N  NZ  . LYS A 1 96  ? 11.107  -2.501  4.149   1.00 17.97 ? 96  LYS A NZ  1 
ATOM   753  N  N   . LYS A 1 97  ? 8.338   -4.437  -3.017  1.00 16.45 ? 97  LYS A N   1 
ATOM   754  C  CA  . LYS A 1 97  ? 8.561   -5.109  -4.290  1.00 16.53 ? 97  LYS A CA  1 
ATOM   755  C  C   . LYS A 1 97  ? 7.838   -4.388  -5.419  1.00 17.74 ? 97  LYS A C   1 
ATOM   756  O  O   . LYS A 1 97  ? 8.368   -4.251  -6.527  1.00 22.02 ? 97  LYS A O   1 
ATOM   757  C  CB  . LYS A 1 97  ? 8.073   -6.551  -4.205  1.00 22.30 ? 97  LYS A CB  1 
ATOM   758  C  CG  . LYS A 1 97  ? 8.813   -7.430  -3.218  1.00 23.62 ? 97  LYS A CG  1 
ATOM   759  C  CD  . LYS A 1 97  ? 8.387   -8.893  -3.421  1.00 28.05 ? 97  LYS A CD  1 
ATOM   760  C  CE  . LYS A 1 97  ? 9.191   -9.848  -2.535  1.00 29.00 ? 97  LYS A CE  1 
ATOM   761  N  NZ  . LYS A 1 97  ? 8.783   -9.772  -1.094  1.00 30.71 ? 97  LYS A NZ  1 
ATOM   762  N  N   . ILE A 1 98  ? 6.619   -3.934  -5.149  1.00 17.41 ? 98  ILE A N   1 
ATOM   763  C  CA  . ILE A 1 98  ? 5.813   -3.271  -6.166  1.00 16.26 ? 98  ILE A CA  1 
ATOM   764  C  C   . ILE A 1 98  ? 6.481   -1.982  -6.626  1.00 15.54 ? 98  ILE A C   1 
ATOM   765  O  O   . ILE A 1 98  ? 6.604   -1.728  -7.828  1.00 17.08 ? 98  ILE A O   1 
ATOM   766  C  CB  . ILE A 1 98  ? 4.393   -3.016  -5.627  1.00 15.63 ? 98  ILE A CB  1 
ATOM   767  C  CG1 . ILE A 1 98  ? 3.682   -4.345  -5.329  1.00 15.61 ? 98  ILE A CG1 1 
ATOM   768  C  CG2 . ILE A 1 98  ? 3.575   -2.212  -6.638  1.00 15.40 ? 98  ILE A CG2 1 
ATOM   769  C  CD1 . ILE A 1 98  ? 2.359   -4.152  -4.643  1.00 16.50 ? 98  ILE A CD1 1 
ATOM   770  N  N   . VAL A 1 99  ? 6.899   -1.136  -5.678  1.00 14.58 ? 99  VAL A N   1 
ATOM   771  C  CA  . VAL A 1 99  ? 7.491   0.154   -6.039  1.00 15.28 ? 99  VAL A CA  1 
ATOM   772  C  C   . VAL A 1 99  ? 8.867   0.004   -6.657  1.00 17.23 ? 99  VAL A C   1 
ATOM   773  O  O   . VAL A 1 99  ? 9.385   0.968   -7.256  1.00 18.49 ? 99  VAL A O   1 
ATOM   774  C  CB  . VAL A 1 99  ? 7.530   1.060   -4.800  1.00 13.48 ? 99  VAL A CB  1 
ATOM   775  C  CG1 . VAL A 1 99  ? 8.635   0.609   -3.803  1.00 15.62 ? 99  VAL A CG1 1 
ATOM   776  C  CG2 . VAL A 1 99  ? 7.688   2.490   -5.190  1.00 13.45 ? 99  VAL A CG2 1 
ATOM   777  N  N   . SER A 1 100 ? 9.462   -1.183  -6.545  1.00 18.09 ? 100 SER A N   1 
ATOM   778  C  CA  . SER A 1 100 ? 10.751  -1.471  -7.158  1.00 21.90 ? 100 SER A CA  1 
ATOM   779  C  C   . SER A 1 100 ? 10.618  -2.059  -8.561  1.00 24.25 ? 100 SER A C   1 
ATOM   780  O  O   . SER A 1 100 ? 11.639  -2.359  -9.183  1.00 23.82 ? 100 SER A O   1 
ATOM   781  C  CB  . SER A 1 100 ? 11.555  -2.432  -6.264  1.00 20.32 ? 100 SER A CB  1 
ATOM   782  O  OG  . SER A 1 100 ? 11.767  -1.877  -4.977  1.00 22.24 ? 100 SER A OG  1 
ATOM   783  N  N   . ASP A 1 101 ? 9.394   -2.198  -9.090  1.00 22.93 ? 101 ASP A N   1 
ATOM   784  C  CA  . ASP A 1 101 ? 9.150   -2.974  -10.301 1.00 21.04 ? 101 ASP A CA  1 
ATOM   785  C  C   . ASP A 1 101 ? 9.426   -2.193  -11.572 1.00 23.56 ? 101 ASP A C   1 
ATOM   786  O  O   . ASP A 1 101 ? 9.443   -2.793  -12.650 1.00 29.11 ? 101 ASP A O   1 
ATOM   787  C  CB  . ASP A 1 101 ? 7.696   -3.474  -10.340 1.00 25.90 ? 101 ASP A CB  1 
ATOM   788  C  CG  . ASP A 1 101 ? 7.477   -4.618  -11.345 1.00 29.30 ? 101 ASP A CG  1 
ATOM   789  O  OD1 . ASP A 1 101 ? 8.242   -5.609  -11.316 1.00 31.61 ? 101 ASP A OD1 1 
ATOM   790  O  OD2 . ASP A 1 101 ? 6.539   -4.525  -12.163 1.00 31.82 ? 101 ASP A OD2 1 
ATOM   791  N  N   . GLY A 1 102 ? 9.592   -0.879  -11.487 1.00 20.07 ? 102 GLY A N   1 
ATOM   792  C  CA  . GLY A 1 102 ? 9.933   -0.117  -12.680 1.00 24.09 ? 102 GLY A CA  1 
ATOM   793  C  C   . GLY A 1 102 ? 9.220   1.210   -12.816 1.00 22.46 ? 102 GLY A C   1 
ATOM   794  O  O   . GLY A 1 102 ? 9.793   2.178   -13.323 1.00 25.23 ? 102 GLY A O   1 
ATOM   795  N  N   . ASN A 1 103 ? 7.968   1.285   -12.377 1.00 18.84 ? 103 ASN A N   1 
ATOM   796  C  CA  . ASN A 1 103 ? 7.193   2.508   -12.485 1.00 19.36 ? 103 ASN A CA  1 
ATOM   797  C  C   . ASN A 1 103 ? 7.059   3.252   -11.170 1.00 15.75 ? 103 ASN A C   1 
ATOM   798  O  O   . ASN A 1 103 ? 6.249   4.190   -11.080 1.00 16.54 ? 103 ASN A O   1 
ATOM   799  C  CB  . ASN A 1 103 ? 5.820   2.178   -13.045 1.00 19.82 ? 103 ASN A CB  1 
ATOM   800  C  CG  . ASN A 1 103 ? 5.890   1.824   -14.503 1.00 25.84 ? 103 ASN A CG  1 
ATOM   801  O  OD1 . ASN A 1 103 ? 6.819   2.228   -15.195 1.00 28.85 ? 103 ASN A OD1 1 
ATOM   802  N  ND2 . ASN A 1 103 ? 4.905   1.079   -14.985 1.00 30.70 ? 103 ASN A ND2 1 
ATOM   803  N  N   . GLY A 1 104 ? 7.831   2.873   -10.157 1.00 15.85 ? 104 GLY A N   1 
ATOM   804  C  CA  . GLY A 1 104 ? 7.760   3.590   -8.903  1.00 17.16 ? 104 GLY A CA  1 
ATOM   805  C  C   . GLY A 1 104 ? 6.345   3.585   -8.356  1.00 15.29 ? 104 GLY A C   1 
ATOM   806  O  O   . GLY A 1 104 ? 5.596   2.599   -8.477  1.00 15.45 ? 104 GLY A O   1 
ATOM   807  N  N   . MET A 1 105 ? 5.963   4.709   -7.750  1.00 13.35 ? 105 MET A N   1 
ATOM   808  C  CA  . MET A 1 105 ? 4.662   4.713   -7.102  1.00 14.31 ? 105 MET A CA  1 
ATOM   809  C  C   . MET A 1 105 ? 3.518   4.894   -8.083  1.00 13.09 ? 105 MET A C   1 
ATOM   810  O  O   . MET A 1 105 ? 2.366   4.864   -7.652  1.00 13.08 ? 105 MET A O   1 
ATOM   811  C  CB  . MET A 1 105 ? 4.603   5.775   -6.011  1.00 13.59 ? 105 MET A CB  1 
ATOM   812  C  CG  . MET A 1 105 ? 5.335   5.323   -4.747  1.00 11.78 ? 105 MET A CG  1 
ATOM   813  S  SD  . MET A 1 105 ? 4.981   6.296   -3.272  1.00 15.20 ? 105 MET A SD  1 
ATOM   814  C  CE  . MET A 1 105 ? 3.360   5.664   -2.807  1.00 12.87 ? 105 MET A CE  1 
ATOM   815  N  N   . ASN A 1 106 ? 3.800   5.075   -9.374  1.00 11.80 ? 106 ASN A N   1 
ATOM   816  C  CA  . ASN A 1 106 ? 2.744   5.064   -10.391 1.00 12.90 ? 106 ASN A CA  1 
ATOM   817  C  C   . ASN A 1 106 ? 2.020   3.722   -10.461 1.00 14.09 ? 106 ASN A C   1 
ATOM   818  O  O   . ASN A 1 106 ? 0.909   3.661   -11.003 1.00 14.85 ? 106 ASN A O   1 
ATOM   819  C  CB  . ASN A 1 106 ? 3.334   5.429   -11.742 1.00 11.44 ? 106 ASN A CB  1 
ATOM   820  C  CG  . ASN A 1 106 ? 3.908   6.815   -11.756 1.00 14.24 ? 106 ASN A CG  1 
ATOM   821  O  OD1 . ASN A 1 106 ? 3.188   7.830   -11.628 1.00 15.90 ? 106 ASN A OD1 1 
ATOM   822  N  ND2 . ASN A 1 106 ? 5.215   6.890   -11.911 1.00 13.74 ? 106 ASN A ND2 1 
ATOM   823  N  N   . ALA A 1 107 ? 2.602   2.657   -9.880  1.00 14.87 ? 107 ALA A N   1 
ATOM   824  C  CA  . ALA A 1 107 ? 1.878   1.403   -9.711  1.00 17.46 ? 107 ALA A CA  1 
ATOM   825  C  C   . ALA A 1 107 ? 0.561   1.592   -8.956  1.00 16.42 ? 107 ALA A C   1 
ATOM   826  O  O   . ALA A 1 107 ? -0.383  0.816   -9.163  1.00 20.83 ? 107 ALA A O   1 
ATOM   827  C  CB  . ALA A 1 107 ? 2.783   0.413   -8.987  1.00 14.42 ? 107 ALA A CB  1 
ATOM   828  N  N   . TRP A 1 108 ? 0.476   2.593   -8.059  1.00 13.88 ? 108 TRP A N   1 
ATOM   829  C  CA  . TRP A 1 108 ? -0.782  2.945   -7.389  1.00 13.95 ? 108 TRP A CA  1 
ATOM   830  C  C   . TRP A 1 108 ? -1.450  4.077   -8.160  1.00 16.83 ? 108 TRP A C   1 
ATOM   831  O  O   . TRP A 1 108 ? -1.050  5.240   -8.055  1.00 16.74 ? 108 TRP A O   1 
ATOM   832  C  CB  . TRP A 1 108 ? -0.552  3.325   -5.927  1.00 14.17 ? 108 TRP A CB  1 
ATOM   833  C  CG  . TRP A 1 108 ? -0.134  2.148   -5.094  1.00 13.60 ? 108 TRP A CG  1 
ATOM   834  C  CD1 . TRP A 1 108 ? -0.960  1.292   -4.418  1.00 13.45 ? 108 TRP A CD1 1 
ATOM   835  C  CD2 . TRP A 1 108 ? 1.202   1.691   -4.862  1.00 13.15 ? 108 TRP A CD2 1 
ATOM   836  N  NE1 . TRP A 1 108 ? -0.225  0.333   -3.792  1.00 14.14 ? 108 TRP A NE1 1 
ATOM   837  C  CE2 . TRP A 1 108 ? 1.109   0.564   -4.018  1.00 13.48 ? 108 TRP A CE2 1 
ATOM   838  C  CE3 . TRP A 1 108 ? 2.466   2.131   -5.264  1.00 14.04 ? 108 TRP A CE3 1 
ATOM   839  C  CZ2 . TRP A 1 108 ? 2.222   -0.146  -3.582  1.00 13.40 ? 108 TRP A CZ2 1 
ATOM   840  C  CZ3 . TRP A 1 108 ? 3.585   1.425   -4.818  1.00 15.58 ? 108 TRP A CZ3 1 
ATOM   841  C  CH2 . TRP A 1 108 ? 3.448   0.299   -3.985  1.00 12.94 ? 108 TRP A CH2 1 
ATOM   842  N  N   . VAL A 1 109 ? -2.499  3.738   -8.919  1.00 17.99 ? 109 VAL A N   1 
ATOM   843  C  CA  . VAL A 1 109 ? -3.150  4.766   -9.733  1.00 16.90 ? 109 VAL A CA  1 
ATOM   844  C  C   . VAL A 1 109 ? -3.694  5.892   -8.860  1.00 13.87 ? 109 VAL A C   1 
ATOM   845  O  O   . VAL A 1 109 ? -3.658  7.060   -9.265  1.00 18.36 ? 109 VAL A O   1 
ATOM   846  C  CB  . VAL A 1 109 ? -4.252  4.166   -10.634 1.00 24.07 ? 109 VAL A CB  1 
ATOM   847  C  CG1 . VAL A 1 109 ? -3.682  3.087   -11.540 1.00 27.59 ? 109 VAL A CG1 1 
ATOM   848  C  CG2 . VAL A 1 109 ? -5.399  3.657   -9.824  1.00 29.13 ? 109 VAL A CG2 1 
ATOM   849  N  N   . ALA A 1 110 ? -4.172  5.584   -7.655  1.00 16.33 ? 110 ALA A N   1 
ATOM   850  C  CA  . ALA A 1 110 ? -4.623  6.639   -6.753  1.00 16.55 ? 110 ALA A CA  1 
ATOM   851  C  C   . ALA A 1 110 ? -3.470  7.549   -6.344  1.00 14.77 ? 110 ALA A C   1 
ATOM   852  O  O   . ALA A 1 110 ? -3.659  8.765   -6.177  1.00 16.14 ? 110 ALA A O   1 
ATOM   853  C  CB  . ALA A 1 110 ? -5.292  6.043   -5.518  1.00 15.94 ? 110 ALA A CB  1 
ATOM   854  N  N   . TRP A 1 111 ? -2.270  6.992   -6.151  1.00 14.09 ? 111 TRP A N   1 
ATOM   855  C  CA  . TRP A 1 111 ? -1.144  7.883   -5.870  1.00 11.53 ? 111 TRP A CA  1 
ATOM   856  C  C   . TRP A 1 111 ? -0.887  8.816   -7.043  1.00 13.25 ? 111 TRP A C   1 
ATOM   857  O  O   . TRP A 1 111 ? -0.706  10.025  -6.855  1.00 14.37 ? 111 TRP A O   1 
ATOM   858  C  CB  . TRP A 1 111 ? 0.116   7.093   -5.557  1.00 15.15 ? 111 TRP A CB  1 
ATOM   859  C  CG  . TRP A 1 111 ? 1.308   7.980   -5.367  1.00 13.19 ? 111 TRP A CG  1 
ATOM   860  C  CD1 . TRP A 1 111 ? 1.676   8.608   -4.215  1.00 16.32 ? 111 TRP A CD1 1 
ATOM   861  C  CD2 . TRP A 1 111 ? 2.267   8.340   -6.354  1.00 12.38 ? 111 TRP A CD2 1 
ATOM   862  N  NE1 . TRP A 1 111 ? 2.825   9.354   -4.422  1.00 14.80 ? 111 TRP A NE1 1 
ATOM   863  C  CE2 . TRP A 1 111 ? 3.204   9.199   -5.733  1.00 11.95 ? 111 TRP A CE2 1 
ATOM   864  C  CE3 . TRP A 1 111 ? 2.431   8.029   -7.709  1.00 13.00 ? 111 TRP A CE3 1 
ATOM   865  C  CZ2 . TRP A 1 111 ? 4.293   9.721   -6.412  1.00 14.29 ? 111 TRP A CZ2 1 
ATOM   866  C  CZ3 . TRP A 1 111 ? 3.510   8.562   -8.379  1.00 12.98 ? 111 TRP A CZ3 1 
ATOM   867  C  CH2 . TRP A 1 111 ? 4.420   9.400   -7.733  1.00 14.03 ? 111 TRP A CH2 1 
ATOM   868  N  N   . ARG A 1 112 ? -0.830  8.272   -8.257  1.00 15.72 ? 112 ARG A N   1 
ATOM   869  C  CA  . ARG A 1 112 ? -0.586  9.118   -9.426  1.00 14.55 ? 112 ARG A CA  1 
ATOM   870  C  C   . ARG A 1 112 ? -1.638  10.218  -9.566  1.00 12.81 ? 112 ARG A C   1 
ATOM   871  O  O   . ARG A 1 112 ? -1.302  11.378  -9.844  1.00 13.92 ? 112 ARG A O   1 
ATOM   872  C  CB  . ARG A 1 112 ? -0.515  8.267   -10.695 1.00 17.63 ? 112 ARG A CB  1 
ATOM   873  C  CG  . ARG A 1 112 ? -0.232  9.110   -11.931 1.00 21.34 ? 112 ARG A CG  1 
ATOM   874  C  CD  . ARG A 1 112 ? 0.007   8.301   -13.196 1.00 23.41 ? 112 ARG A CD  1 
ATOM   875  N  NE  . ARG A 1 112 ? -1.084  7.368   -13.408 1.00 28.52 ? 112 ARG A NE  1 
ATOM   876  C  CZ  . ARG A 1 112 ? -2.248  7.697   -13.963 1.00 35.21 ? 112 ARG A CZ  1 
ATOM   877  N  NH1 . ARG A 1 112 ? -2.474  8.951   -14.374 1.00 28.55 ? 112 ARG A NH1 1 
ATOM   878  N  NH2 . ARG A 1 112 ? -3.188  6.771   -14.097 1.00 32.78 ? 112 ARG A NH2 1 
ATOM   879  N  N   . ASN A 1 113 ? -2.914  9.875   -9.379  1.00 13.90 ? 113 ASN A N   1 
ATOM   880  C  CA  . ASN A 1 113 ? -3.969  10.831  -9.658  1.00 13.42 ? 113 ASN A CA  1 
ATOM   881  C  C   . ASN A 1 113 ? -4.244  11.781  -8.517  1.00 15.71 ? 113 ASN A C   1 
ATOM   882  O  O   . ASN A 1 113 ? -4.796  12.869  -8.754  1.00 15.62 ? 113 ASN A O   1 
ATOM   883  C  CB  . ASN A 1 113 ? -5.241  10.056  -10.026 1.00 12.44 ? 113 ASN A CB  1 
ATOM   884  C  CG  . ASN A 1 113 ? -5.121  9.374   -11.381 1.00 14.35 ? 113 ASN A CG  1 
ATOM   885  O  OD1 . ASN A 1 113 ? -4.404  9.854   -12.250 1.00 18.41 ? 113 ASN A OD1 1 
ATOM   886  N  ND2 . ASN A 1 113 ? -5.833  8.265   -11.568 1.00 15.34 ? 113 ASN A ND2 1 
ATOM   887  N  N   . ARG A 1 114 ? -3.862  11.437  -7.289  1.00 15.08 ? 114 ARG A N   1 
ATOM   888  C  CA  . ARG A 1 114 ? -4.267  12.249  -6.156  1.00 12.37 ? 114 ARG A CA  1 
ATOM   889  C  C   . ARG A 1 114 ? -3.135  12.664  -5.228  1.00 16.64 ? 114 ARG A C   1 
ATOM   890  O  O   . ARG A 1 114 ? -3.350  13.551  -4.396  1.00 15.99 ? 114 ARG A O   1 
ATOM   891  C  CB  . ARG A 1 114 ? -5.344  11.500  -5.348  1.00 14.12 ? 114 ARG A CB  1 
ATOM   892  C  CG  . ARG A 1 114 ? -6.492  11.032  -6.238  1.00 15.65 ? 114 ARG A CG  1 
ATOM   893  C  CD  . ARG A 1 114 ? -7.535  10.292  -5.442  1.00 15.53 ? 114 ARG A CD  1 
ATOM   894  N  NE  . ARG A 1 114 ? -8.321  11.167  -4.593  1.00 14.74 ? 114 ARG A NE  1 
ATOM   895  C  CZ  . ARG A 1 114 ? -9.370  10.746  -3.888  1.00 15.76 ? 114 ARG A CZ  1 
ATOM   896  N  NH1 . ARG A 1 114 ? -9.722  9.464   -3.927  1.00 15.45 ? 114 ARG A NH1 1 
ATOM   897  N  NH2 . ARG A 1 114 ? -10.040 11.608  -3.136  1.00 19.00 ? 114 ARG A NH2 1 
ATOM   898  N  N   . CYS A 1 115 ? -1.954  12.063  -5.336  1.00 12.41 ? 115 CYS A N   1 
ATOM   899  C  CA  . CYS A 1 115 ? -0.832  12.404  -4.460  1.00 12.49 ? 115 CYS A CA  1 
ATOM   900  C  C   . CYS A 1 115 ? 0.341   13.002  -5.214  1.00 14.12 ? 115 CYS A C   1 
ATOM   901  O  O   . CYS A 1 115 ? 1.011   13.909  -4.701  1.00 15.32 ? 115 CYS A O   1 
ATOM   902  C  CB  . CYS A 1 115 ? -0.340  11.156  -3.709  1.00 14.14 ? 115 CYS A CB  1 
ATOM   903  S  SG  . CYS A 1 115 ? -1.607  10.433  -2.645  1.00 15.85 ? 115 CYS A SG  1 
ATOM   904  N  N   . LYS A 1 116 ? 0.661   12.438  -6.365  1.00 13.62 ? 116 LYS A N   1 
ATOM   905  C  CA  . LYS A 1 116 ? 1.837   12.832  -7.126  1.00 14.13 ? 116 LYS A CA  1 
ATOM   906  C  C   . LYS A 1 116 ? 1.805   14.322  -7.401  1.00 15.56 ? 116 LYS A C   1 
ATOM   907  O  O   . LYS A 1 116 ? 0.820   14.837  -7.938  1.00 17.85 ? 116 LYS A O   1 
ATOM   908  C  CB  . LYS A 1 116 ? 1.850   12.035  -8.427  1.00 15.35 ? 116 LYS A CB  1 
ATOM   909  C  CG  . LYS A 1 116 ? 3.027   12.261  -9.350  1.00 15.57 ? 116 LYS A CG  1 
ATOM   910  C  CD  . LYS A 1 116 ? 2.879   11.399  -10.600 1.00 16.61 ? 116 LYS A CD  1 
ATOM   911  C  CE  . LYS A 1 116 ? 4.116   11.465  -11.506 1.00 16.95 ? 116 LYS A CE  1 
ATOM   912  N  NZ  . LYS A 1 116 ? 3.937   10.453  -12.607 1.00 15.43 ? 116 LYS A NZ  1 
ATOM   913  N  N   . GLY A 1 117 ? 2.901   15.000  -7.043  1.00 18.93 ? 117 GLY A N   1 
ATOM   914  C  CA  . GLY A 1 117 ? 3.044   16.423  -7.288  1.00 20.96 ? 117 GLY A CA  1 
ATOM   915  C  C   . GLY A 1 117 ? 2.384   17.329  -6.277  1.00 22.70 ? 117 GLY A C   1 
ATOM   916  O  O   . GLY A 1 117 ? 2.472   18.555  -6.421  1.00 27.13 ? 117 GLY A O   1 
ATOM   917  N  N   . THR A 1 118 ? 1.728   16.778  -5.265  1.00 18.57 ? 118 THR A N   1 
ATOM   918  C  CA  . THR A 1 118 ? 1.027   17.566  -4.265  1.00 19.98 ? 118 THR A CA  1 
ATOM   919  C  C   . THR A 1 118 ? 1.929   17.739  -3.042  1.00 20.46 ? 118 THR A C   1 
ATOM   920  O  O   . THR A 1 118 ? 2.992   17.131  -2.936  1.00 18.65 ? 118 THR A O   1 
ATOM   921  C  CB  . THR A 1 118 ? -0.289  16.883  -3.886  1.00 17.30 ? 118 THR A CB  1 
ATOM   922  O  OG1 . THR A 1 118 ? -0.013  15.712  -3.106  1.00 19.12 ? 118 THR A OG1 1 
ATOM   923  C  CG2 . THR A 1 118 ? -1.085  16.489  -5.133  1.00 17.49 ? 118 THR A CG2 1 
ATOM   924  N  N   . ASP A 1 119 ? 1.481   18.551  -2.090  1.00 22.26 ? 119 ASP A N   1 
ATOM   925  C  CA  . ASP A 1 119 ? 2.223   18.756  -0.847  1.00 21.84 ? 119 ASP A CA  1 
ATOM   926  C  C   . ASP A 1 119 ? 2.038   17.551  0.062   1.00 21.40 ? 119 ASP A C   1 
ATOM   927  O  O   . ASP A 1 119 ? 1.262   17.571  1.018   1.00 27.07 ? 119 ASP A O   1 
ATOM   928  C  CB  . ASP A 1 119 ? 1.757   20.028  -0.156  1.00 25.25 ? 119 ASP A CB  1 
ATOM   929  C  CG  . ASP A 1 119 ? 2.462   20.268  1.174   1.00 29.65 ? 119 ASP A CG  1 
ATOM   930  O  OD1 . ASP A 1 119 ? 3.561   19.706  1.402   1.00 33.47 ? 119 ASP A OD1 1 
ATOM   931  O  OD2 . ASP A 1 119 ? 1.907   21.023  1.995   1.00 30.62 ? 119 ASP A OD2 1 
ATOM   932  N  N   . VAL A 1 120 ? 2.759   16.471  -0.248  1.00 20.82 ? 120 VAL A N   1 
ATOM   933  C  CA  . VAL A 1 120 ? 2.505   15.218  0.450   1.00 18.73 ? 120 VAL A CA  1 
ATOM   934  C  C   . VAL A 1 120 ? 3.086   15.231  1.858   1.00 19.71 ? 120 VAL A C   1 
ATOM   935  O  O   . VAL A 1 120 ? 2.673   14.423  2.700   1.00 20.28 ? 120 VAL A O   1 
ATOM   936  C  CB  . VAL A 1 120 ? 3.074   14.017  -0.314  1.00 18.27 ? 120 VAL A CB  1 
ATOM   937  C  CG1 . VAL A 1 120 ? 2.339   13.805  -1.622  1.00 17.83 ? 120 VAL A CG1 1 
ATOM   938  C  CG2 . VAL A 1 120 ? 4.579   14.199  -0.525  1.00 18.19 ? 120 VAL A CG2 1 
ATOM   939  N  N   . GLN A 1 121 ? 3.977   16.178  2.128   1.00 22.68 ? 121 GLN A N   1 
ATOM   940  C  CA  . GLN A 1 121 ? 4.548   16.312  3.458   1.00 20.60 ? 121 GLN A CA  1 
ATOM   941  C  C   . GLN A 1 121 ? 3.422   16.596  4.455   1.00 18.17 ? 121 GLN A C   1 
ATOM   942  O  O   . GLN A 1 121 ? 3.513   16.223  5.624   1.00 22.74 ? 121 GLN A O   1 
ATOM   943  C  CB  . GLN A 1 121 ? 5.580   17.440  3.488   1.00 24.61 ? 121 GLN A CB  1 
ATOM   944  C  CG  . GLN A 1 121 ? 6.213   17.665  4.852   1.00 33.92 ? 121 GLN A CG  1 
ATOM   945  C  CD  . GLN A 1 121 ? 5.433   18.652  5.700   1.00 40.28 ? 121 GLN A CD  1 
ATOM   946  O  OE1 . GLN A 1 121 ? 4.899   19.638  5.191   1.00 38.21 ? 121 GLN A OE1 1 
ATOM   947  N  NE2 . GLN A 1 121 ? 5.364   18.391  7.000   1.00 44.75 ? 121 GLN A NE2 1 
ATOM   948  N  N   . ALA A 1 122 ? 2.360   17.254  3.987   1.00 23.57 ? 122 ALA A N   1 
ATOM   949  C  CA  . ALA A 1 122 ? 1.221   17.569  4.846   1.00 22.00 ? 122 ALA A CA  1 
ATOM   950  C  C   . ALA A 1 122 ? 0.663   16.320  5.522   1.00 19.61 ? 122 ALA A C   1 
ATOM   951  O  O   . ALA A 1 122 ? 0.099   16.398  6.621   1.00 19.54 ? 122 ALA A O   1 
ATOM   952  C  CB  . ALA A 1 122 ? 0.126   18.256  4.038   1.00 22.84 ? 122 ALA A CB  1 
ATOM   953  N  N   . TRP A 1 123 ? 0.824   15.161  4.892   1.00 21.40 ? 123 TRP A N   1 
ATOM   954  C  CA  . TRP A 1 123 ? 0.253   13.950  5.462   1.00 21.32 ? 123 TRP A CA  1 
ATOM   955  C  C   . TRP A 1 123 ? 0.990   13.474  6.703   1.00 17.78 ? 123 TRP A C   1 
ATOM   956  O  O   . TRP A 1 123 ? 0.460   12.630  7.427   1.00 21.27 ? 123 TRP A O   1 
ATOM   957  C  CB  . TRP A 1 123 ? 0.212   12.852  4.395   1.00 18.07 ? 123 TRP A CB  1 
ATOM   958  C  CG  . TRP A 1 123 ? -0.794  13.174  3.375   1.00 19.64 ? 123 TRP A CG  1 
ATOM   959  C  CD1 . TRP A 1 123 ? -0.570  13.746  2.157   1.00 20.01 ? 123 TRP A CD1 1 
ATOM   960  C  CD2 . TRP A 1 123 ? -2.206  13.027  3.498   1.00 20.79 ? 123 TRP A CD2 1 
ATOM   961  N  NE1 . TRP A 1 123 ? -1.760  13.936  1.497   1.00 17.70 ? 123 TRP A NE1 1 
ATOM   962  C  CE2 . TRP A 1 123 ? -2.781  13.497  2.301   1.00 21.40 ? 123 TRP A CE2 1 
ATOM   963  C  CE3 . TRP A 1 123 ? -3.042  12.538  4.503   1.00 18.57 ? 123 TRP A CE3 1 
ATOM   964  C  CZ2 . TRP A 1 123 ? -4.157  13.482  2.084   1.00 21.75 ? 123 TRP A CZ2 1 
ATOM   965  C  CZ3 . TRP A 1 123 ? -4.398  12.525  4.293   1.00 19.91 ? 123 TRP A CZ3 1 
ATOM   966  C  CH2 . TRP A 1 123 ? -4.948  13.008  3.102   1.00 22.08 ? 123 TRP A CH2 1 
ATOM   967  N  N   . ILE A 1 124 ? 2.190   13.984  6.970   1.00 19.23 ? 124 ILE A N   1 
ATOM   968  C  CA  . ILE A 1 124 ? 2.913   13.628  8.182   1.00 19.98 ? 124 ILE A CA  1 
ATOM   969  C  C   . ILE A 1 124 ? 3.143   14.823  9.087   1.00 22.06 ? 124 ILE A C   1 
ATOM   970  O  O   . ILE A 1 124 ? 3.761   14.672  10.149  1.00 21.97 ? 124 ILE A O   1 
ATOM   971  C  CB  . ILE A 1 124 ? 4.246   12.926  7.860   1.00 20.80 ? 124 ILE A CB  1 
ATOM   972  C  CG1 . ILE A 1 124 ? 5.131   13.824  7.005   1.00 24.58 ? 124 ILE A CG1 1 
ATOM   973  C  CG2 . ILE A 1 124 ? 3.996   11.599  7.156   1.00 24.10 ? 124 ILE A CG2 1 
ATOM   974  C  CD1 . ILE A 1 124 ? 6.505   13.245  6.780   1.00 28.64 ? 124 ILE A CD1 1 
ATOM   975  N  N   . ARG A 1 125 ? 2.665   16.005  8.705   1.00 24.72 ? 125 ARG A N   1 
ATOM   976  C  CA  . ARG A 1 125 ? 2.775   17.170  9.574   1.00 28.16 ? 125 ARG A CA  1 
ATOM   977  C  C   . ARG A 1 125 ? 2.027   16.933  10.875  1.00 26.43 ? 125 ARG A C   1 
ATOM   978  O  O   . ARG A 1 125 ? 0.919   16.392  10.888  1.00 28.85 ? 125 ARG A O   1 
ATOM   979  C  CB  . ARG A 1 125 ? 2.221   18.414  8.882   1.00 30.61 ? 125 ARG A CB  1 
ATOM   980  C  CG  . ARG A 1 125 ? 3.018   18.855  7.692   1.00 37.26 ? 125 ARG A CG  1 
ATOM   981  C  CD  . ARG A 1 125 ? 3.087   20.380  7.563   1.00 36.52 ? 125 ARG A CD  1 
ATOM   982  N  NE  . ARG A 1 125 ? 1.978   20.949  6.800   1.00 45.10 ? 125 ARG A NE  1 
ATOM   983  C  CZ  . ARG A 1 125 ? 1.984   21.119  5.477   1.00 43.99 ? 125 ARG A CZ  1 
ATOM   984  N  NH1 . ARG A 1 125 ? 0.928   21.657  4.871   1.00 45.47 ? 125 ARG A NH1 1 
ATOM   985  N  NH2 . ARG A 1 125 ? 3.041   20.750  4.759   1.00 36.13 ? 125 ARG A NH2 1 
ATOM   986  N  N   . GLY A 1 126 ? 2.634   17.348  11.981  1.00 23.79 ? 126 GLY A N   1 
ATOM   987  C  CA  . GLY A 1 126 ? 2.029   17.158  13.277  1.00 26.32 ? 126 GLY A CA  1 
ATOM   988  C  C   . GLY A 1 126 ? 2.306   15.823  13.909  1.00 24.70 ? 126 GLY A C   1 
ATOM   989  O  O   . GLY A 1 126 ? 1.922   15.610  15.066  1.00 36.92 ? 126 GLY A O   1 
ATOM   990  N  N   . CYS A 1 127 ? 2.973   14.917  13.208  1.00 26.26 ? 127 CYS A N   1 
ATOM   991  C  CA  . CYS A 1 127 ? 3.190   13.578  13.731  1.00 26.99 ? 127 CYS A CA  1 
ATOM   992  C  C   . CYS A 1 127 ? 4.498   13.516  14.500  1.00 22.31 ? 127 CYS A C   1 
ATOM   993  O  O   . CYS A 1 127 ? 5.503   14.102  14.100  1.00 24.13 ? 127 CYS A O   1 
ATOM   994  C  CB  . CYS A 1 127 ? 3.198   12.541  12.607  1.00 23.39 ? 127 CYS A CB  1 
ATOM   995  S  SG  . CYS A 1 127 ? 1.641   12.519  11.644  1.00 23.81 ? 127 CYS A SG  1 
ATOM   996  N  N   . ARG A 1 128 ? 4.468   12.789  15.606  1.00 25.98 ? 128 ARG A N   1 
ATOM   997  C  CA  . ARG A 1 128 ? 5.659   12.517  16.404  1.00 24.07 ? 128 ARG A CA  1 
ATOM   998  C  C   . ARG A 1 128 ? 6.411   11.376  15.737  1.00 27.67 ? 128 ARG A C   1 
ATOM   999  O  O   . ARG A 1 128 ? 6.075   10.205  15.928  1.00 35.53 ? 128 ARG A O   1 
ATOM   1000 C  CB  . ARG A 1 128 ? 5.245   12.174  17.829  1.00 23.12 ? 128 ARG A CB  1 
ATOM   1001 C  CG  . ARG A 1 128 ? 6.373   11.910  18.796  1.00 26.77 ? 128 ARG A CG  1 
ATOM   1002 C  CD  . ARG A 1 128 ? 5.836   11.870  20.231  1.00 26.71 ? 128 ARG A CD  1 
ATOM   1003 N  NE  . ARG A 1 128 ? 5.932   13.198  20.840  1.00 29.27 ? 128 ARG A NE  1 
ATOM   1004 C  CZ  . ARG A 1 128 ? 5.074   13.686  21.735  1.00 28.53 ? 128 ARG A CZ  1 
ATOM   1005 N  NH1 . ARG A 1 128 ? 4.044   12.935  22.130  1.00 24.68 ? 128 ARG A NH1 1 
ATOM   1006 N  NH2 . ARG A 1 128 ? 5.240   14.930  22.225  1.00 24.87 ? 128 ARG A NH2 1 
ATOM   1007 N  N   . LEU A 1 129 ? 7.419   11.708  14.935  1.00 30.02 ? 129 LEU A N   1 
ATOM   1008 C  CA  . LEU A 1 129 ? 8.172   10.678  14.218  1.00 34.66 ? 129 LEU A CA  1 
ATOM   1009 C  C   . LEU A 1 129 ? 9.664   10.676  14.582  1.00 46.55 ? 129 LEU A C   1 
ATOM   1010 O  O   . LEU A 1 129 ? 10.320  11.718  14.655  1.00 43.78 ? 129 LEU A O   1 
ATOM   1011 C  CB  . LEU A 1 129 ? 7.993   10.854  12.709  1.00 30.95 ? 129 LEU A CB  1 
ATOM   1012 C  CG  . LEU A 1 129 ? 6.569   10.613  12.191  1.00 32.09 ? 129 LEU A CG  1 
ATOM   1013 C  CD1 . LEU A 1 129 ? 6.392   11.295  10.861  1.00 33.07 ? 129 LEU A CD1 1 
ATOM   1014 C  CD2 . LEU A 1 129 ? 6.257   9.115   12.084  1.00 28.00 ? 129 LEU A CD2 1 
ATOM   1015 O  OXT . LEU A 1 129 ? 10.258  9.612   14.809  1.00 47.97 ? 129 LEU A OXT 1 
HETATM 1016 P  P1  . HFW B 2 .   ? -20.316 -3.525  -9.493  0.33 9.83  ? 201 HFW A P1  1 
HETATM 1017 P  P2  . HFW B 2 .   ? -21.393 -3.432  -13.397 0.33 10.28 ? 201 HFW A P2  1 
HETATM 1018 O  O1  . HFW B 2 .   ? -18.467 -0.497  -5.748  0.33 13.44 ? 201 HFW A O1  1 
HETATM 1019 O  O1L . HFW B 2 .   ? -20.370 -2.282  -5.750  0.33 17.87 ? 201 HFW A O1L 1 
HETATM 1020 O  O2  . HFW B 2 .   ? -17.895 -3.201  -6.363  0.33 12.40 ? 201 HFW A O2  1 
HETATM 1021 O  O2L . HFW B 2 .   ? -19.730 -5.140  -5.968  0.33 15.30 ? 201 HFW A O2L 1 
HETATM 1022 O  O3  . HFW B 2 .   ? -17.180 -5.934  -6.171  0.33 11.67 ? 201 HFW A O3  1 
HETATM 1023 O  O3L . HFW B 2 .   ? -21.974 -5.352  -7.682  0.33 10.68 ? 201 HFW A O3L 1 
HETATM 1024 O  O4  . HFW B 2 .   ? -17.924 -1.432  -8.386  0.33 14.19 ? 201 HFW A O4  1 
HETATM 1025 O  O4L . HFW B 2 .   ? -22.686 -2.793  -7.417  0.33 17.24 ? 201 HFW A O4L 1 
HETATM 1026 O  O5  . HFW B 2 .   ? -17.250 -4.639  -8.662  0.33 14.67 ? 201 HFW A O5  1 
HETATM 1027 O  O6  . HFW B 2 .   ? -19.186 -6.286  -8.191  0.33 10.37 ? 201 HFW A O6  1 
HETATM 1028 O  O7  . HFW B 2 .   ? -20.316 -0.656  -7.716  0.33 13.76 ? 201 HFW A O7  1 
HETATM 1029 O  O8  . HFW B 2 .   ? -19.783 -3.526  -8.008  0.33 14.12 ? 201 HFW A O8  1 
HETATM 1030 O  O9  . HFW B 2 .   ? -19.480 -0.336  -10.163 0.33 10.00 ? 201 HFW A O9  1 
HETATM 1031 O  O10 . HFW B 2 .   ? -16.671 0.077   -10.218 0.33 15.21 ? 201 HFW A O10 1 
HETATM 1032 O  O11 . HFW B 2 .   ? -16.556 -2.751  -10.375 0.33 10.83 ? 201 HFW A O11 1 
HETATM 1033 O  O12 . HFW B 2 .   ? -15.775 -5.660  -10.658 0.33 17.68 ? 201 HFW A O12 1 
HETATM 1034 O  O13 . HFW B 2 .   ? -18.421 -5.899  -10.712 0.33 13.66 ? 201 HFW A O13 1 
HETATM 1035 O  O14 . HFW B 2 .   ? -18.960 -8.498  -9.711  0.33 12.06 ? 201 HFW A O14 1 
HETATM 1036 O  O15 . HFW B 2 .   ? -21.536 -7.345  -9.290  0.33 12.38 ? 201 HFW A O15 1 
HETATM 1037 O  O16 . HFW B 2 .   ? -24.159 -6.872  -8.439  0.33 14.46 ? 201 HFW A O16 1 
HETATM 1038 O  O17 . HFW B 2 .   ? -23.646 -4.214  -9.366  0.33 12.64 ? 201 HFW A O17 1 
HETATM 1039 O  O18 . HFW B 2 .   ? -25.188 -2.059  -8.224  0.33 12.05 ? 201 HFW A O18 1 
HETATM 1040 O  O19 . HFW B 2 .   ? -22.897 -0.590  -8.800  0.33 13.78 ? 201 HFW A O19 1 
HETATM 1041 O  O20 . HFW B 2 .   ? -21.178 1.606   -9.041  0.33 11.36 ? 201 HFW A O20 1 
HETATM 1042 O  O21 . HFW B 2 .   ? -19.063 -3.194  -10.337 0.33 11.03 ? 201 HFW A O21 1 
HETATM 1043 O  O22 . HFW B 2 .   ? -20.896 -4.914  -9.900  0.33 12.02 ? 201 HFW A O22 1 
HETATM 1044 O  O23 . HFW B 2 .   ? -21.419 -2.429  -9.682  0.33 11.56 ? 201 HFW A O23 1 
HETATM 1045 O  O24 . HFW B 2 .   ? -18.064 -1.287  -12.163 0.33 12.41 ? 201 HFW A O24 1 
HETATM 1046 O  O25 . HFW B 2 .   ? -17.395 -4.213  -12.402 0.33 11.02 ? 201 HFW A O25 1 
HETATM 1047 O  O26 . HFW B 2 .   ? -20.614 -7.260  -11.604 0.33 16.48 ? 201 HFW A O26 1 
HETATM 1048 O  O27 . HFW B 2 .   ? -23.279 -6.186  -11.092 0.33 13.77 ? 201 HFW A O27 1 
HETATM 1049 O  O28 . HFW B 2 .   ? -24.210 -2.004  -10.753 0.33 11.37 ? 201 HFW A O28 1 
HETATM 1050 O  O29 . HFW B 2 .   ? -21.924 -0.060  -11.057 0.33 12.53 ? 201 HFW A O29 1 
HETATM 1051 O  O30 . HFW B 2 .   ? -20.273 -0.174  -13.140 0.33 10.90 ? 201 HFW A O30 1 
HETATM 1052 O  O31 . HFW B 2 .   ? -17.809 0.263   -14.378 0.33 12.10 ? 201 HFW A O31 1 
HETATM 1053 O  O32 . HFW B 2 .   ? -17.674 -2.520  -14.499 0.33 10.29 ? 201 HFW A O32 1 
HETATM 1054 O  O33 . HFW B 2 .   ? -16.805 -5.193  -14.937 0.33 13.70 ? 201 HFW A O33 1 
HETATM 1055 O  O34 . HFW B 2 .   ? -19.102 -5.844  -13.503 0.33 12.40 ? 201 HFW A O34 1 
HETATM 1056 O  O35 . HFW B 2 .   ? -20.190 -8.424  -14.020 0.33 15.24 ? 201 HFW A O35 1 
HETATM 1057 O  O36 . HFW B 2 .   ? -22.572 -7.226  -13.453 0.33 12.96 ? 201 HFW A O36 1 
HETATM 1058 O  O37 . HFW B 2 .   ? -25.261 -6.795  -12.800 0.33 13.23 ? 201 HFW A O37 1 
HETATM 1059 O  O38 . HFW B 2 .   ? -24.476 -4.162  -12.348 0.33 12.13 ? 201 HFW A O38 1 
HETATM 1060 O  O39 . HFW B 2 .   ? -26.246 -2.022  -12.479 0.33 15.24 ? 201 HFW A O39 1 
HETATM 1061 O  O40 . HFW B 2 .   ? -23.972 -0.507  -12.821 0.33 12.98 ? 201 HFW A O40 1 
HETATM 1062 O  O41 . HFW B 2 .   ? -22.282 1.660   -13.209 0.33 12.49 ? 201 HFW A O41 1 
HETATM 1063 O  O42 . HFW B 2 .   ? -19.892 -3.127  -13.322 0.33 11.22 ? 201 HFW A O42 1 
HETATM 1064 O  O43 . HFW B 2 .   ? -21.712 -4.806  -12.880 0.33 12.10 ? 201 HFW A O43 1 
HETATM 1065 O  O44 . HFW B 2 .   ? -22.225 -2.375  -12.683 0.33 11.97 ? 201 HFW A O44 1 
HETATM 1066 O  O45 . HFW B 2 .   ? -21.785 -3.367  -14.939 0.33 13.92 ? 201 HFW A O45 1 
HETATM 1067 O  O46 . HFW B 2 .   ? -19.832 -1.262  -15.464 0.33 16.00 ? 201 HFW A O46 1 
HETATM 1068 O  O47 . HFW B 2 .   ? -19.217 -4.368  -15.685 0.33 14.90 ? 201 HFW A O47 1 
HETATM 1069 O  O48 . HFW B 2 .   ? -21.033 -6.129  -15.265 0.33 13.48 ? 201 HFW A O48 1 
HETATM 1070 O  O49 . HFW B 2 .   ? -23.915 -5.209  -14.648 0.33 13.38 ? 201 HFW A O49 1 
HETATM 1071 O  O50 . HFW B 2 .   ? -24.473 -2.643  -14.415 0.33 11.59 ? 201 HFW A O50 1 
HETATM 1072 O  O51 . HFW B 2 .   ? -22.216 -0.505  -14.823 0.33 15.20 ? 201 HFW A O51 1 
HETATM 1073 O  O52 . HFW B 2 .   ? -21.455 -0.219  -17.534 0.33 12.99 ? 201 HFW A O52 1 
HETATM 1074 O  O53 . HFW B 2 .   ? -20.771 -2.950  -17.292 0.33 15.28 ? 201 HFW A O53 1 
HETATM 1075 O  O54 . HFW B 2 .   ? -20.343 -5.635  -17.977 0.33 13.80 ? 201 HFW A O54 1 
HETATM 1076 O  O55 . HFW B 2 .   ? -22.704 -4.730  -16.936 0.33 14.25 ? 201 HFW A O55 1 
HETATM 1077 O  O56 . HFW B 2 .   ? -25.463 -3.972  -16.646 0.33 14.11 ? 201 HFW A O56 1 
HETATM 1078 O  O57 . HFW B 2 .   ? -23.209 -2.170  -16.707 0.33 15.41 ? 201 HFW A O57 1 
HETATM 1079 W  W1  . HFW B 2 .   ? -19.109 -1.706  -6.789  0.33 23.34 ? 201 HFW A W1  1 
HETATM 1080 W  W10 . HFW B 2 .   ? -18.061 -4.364  -14.109 0.33 11.70 ? 201 HFW A W10 1 
HETATM 1081 W  W11 . HFW B 2 .   ? -20.708 -6.861  -13.512 0.33 11.80 ? 201 HFW A W11 1 
HETATM 1082 W  W12 . HFW B 2 .   ? -23.790 -5.868  -12.767 0.33 12.79 ? 201 HFW A W12 1 
HETATM 1083 W  W13 . HFW B 2 .   ? -24.541 -2.287  -12.447 0.33 13.08 ? 201 HFW A W13 1 
HETATM 1084 W  W14 . HFW B 2 .   ? -22.137 -0.016  -12.982 0.33 13.94 ? 201 HFW A W14 1 
HETATM 1085 W  W15 . HFW B 2 .   ? -21.468 -1.448  -16.338 0.33 15.41 ? 201 HFW A W15 1 
HETATM 1086 W  W16 . HFW B 2 .   ? -20.835 -4.760  -16.601 0.33 13.01 ? 201 HFW A W16 1 
HETATM 1087 W  W17 . HFW B 2 .   ? -23.973 -3.752  -15.793 0.33 14.36 ? 201 HFW A W17 1 
HETATM 1088 W  W2  . HFW B 2 .   ? -18.360 -4.981  -7.007  0.33 10.86 ? 201 HFW A W2  1 
HETATM 1089 W  W3  . HFW B 2 .   ? -17.803 -1.233  -10.159 0.33 10.47 ? 201 HFW A W3  1 
HETATM 1090 W  W4  . HFW B 2 .   ? -17.106 -4.559  -10.500 0.33 9.98  ? 201 HFW A W4  1 
HETATM 1091 W  W5  . HFW B 2 .   ? -19.754 -6.961  -9.900  0.33 11.70 ? 201 HFW A W5  1 
HETATM 1092 W  W6  . HFW B 2 .   ? -22.885 -5.923  -9.101  0.33 11.69 ? 201 HFW A W6  1 
HETATM 1093 W  W7  . HFW B 2 .   ? -23.595 -2.389  -8.815  0.33 11.40 ? 201 HFW A W7  1 
HETATM 1094 W  W8  . HFW B 2 .   ? -21.138 -0.110  -9.310  0.33 12.13 ? 201 HFW A W8  1 
HETATM 1095 W  W9  . HFW B 2 .   ? -18.749 -1.101  -13.847 0.33 12.73 ? 201 HFW A W9  1 
HETATM 1096 HF HF1 . HFW B 2 .   ? -21.509 -4.014  -6.091  0.33 13.32 ? 201 HFW A HF1 1 
HETATM 1097 K  K   . K   C 3 .   ? -5.493  -17.547 -8.300  1.00 20.32 ? 202 K   A K   1 
HETATM 1098 K  K   . K   D 3 .   ? 10.810  6.337   -9.093  1.00 23.82 ? 203 K   A K   1 
HETATM 1099 O  O   . HOH E 4 .   ? -14.875 -5.068  -10.878 0.34 9.54  ? 301 HOH A O   1 
HETATM 1100 O  O   . HOH E 4 .   ? 11.956  -3.967  -2.853  0.67 27.08 ? 302 HOH A O   1 
HETATM 1101 O  O   . HOH E 4 .   ? 6.374   7.910   16.046  1.00 30.40 ? 303 HOH A O   1 
HETATM 1102 O  O   . HOH E 4 .   ? -2.472  -14.052 -7.500  1.00 9.10  ? 304 HOH A O   1 
HETATM 1103 O  O   . HOH E 4 .   ? -19.405 -10.283 -12.855 0.67 18.41 ? 305 HOH A O   1 
HETATM 1104 O  O   . HOH E 4 .   ? -18.041 1.774   -5.412  0.67 23.87 ? 306 HOH A O   1 
HETATM 1105 O  O   . HOH E 4 .   ? -18.457 -6.952  -18.387 0.67 24.35 ? 307 HOH A O   1 
HETATM 1106 O  O   . HOH E 4 .   ? 12.413  10.847  -0.284  1.00 32.21 ? 308 HOH A O   1 
HETATM 1107 O  O   . HOH E 4 .   ? -4.656  2.090   -7.101  1.00 32.05 ? 309 HOH A O   1 
HETATM 1108 O  O   . HOH E 4 .   ? -1.120  17.614  0.661   1.00 30.28 ? 310 HOH A O   1 
HETATM 1109 O  O   . HOH E 4 .   ? -8.702  10.500  7.292   1.00 39.29 ? 311 HOH A O   1 
HETATM 1110 O  O   . HOH E 4 .   ? 9.722   -5.896  -7.743  1.00 33.05 ? 312 HOH A O   1 
HETATM 1111 O  O   . HOH E 4 .   ? 4.796   -18.715 -3.496  1.00 36.34 ? 313 HOH A O   1 
HETATM 1112 O  O   . HOH E 4 .   ? 14.735  -0.941  -3.869  1.00 29.28 ? 314 HOH A O   1 
HETATM 1113 O  O   . HOH E 4 .   ? -0.494  4.956   -12.921 1.00 33.73 ? 315 HOH A O   1 
HETATM 1114 O  O   . HOH E 4 .   ? -8.030  7.245   10.581  1.00 28.06 ? 316 HOH A O   1 
HETATM 1115 O  O   . HOH E 4 .   ? 5.928   14.981  11.498  1.00 26.21 ? 317 HOH A O   1 
HETATM 1116 O  O   . HOH E 4 .   ? -2.978  -3.756  4.811   1.00 18.07 ? 318 HOH A O   1 
HETATM 1117 O  O   . HOH E 4 .   ? -2.021  -4.688  6.969   1.00 16.99 ? 319 HOH A O   1 
HETATM 1118 O  O   . HOH E 4 .   ? -14.081 -2.162  -10.838 1.00 27.80 ? 320 HOH A O   1 
HETATM 1119 O  O   . HOH E 4 .   ? -9.854  -11.857 -6.882  1.00 11.90 ? 321 HOH A O   1 
HETATM 1120 O  O   . HOH E 4 .   ? 16.417  9.008   4.273   1.00 35.51 ? 322 HOH A O   1 
HETATM 1121 O  O   . HOH E 4 .   ? 8.796   13.944  14.778  1.00 34.14 ? 323 HOH A O   1 
HETATM 1122 O  O   . HOH E 4 .   ? 10.264  1.336   -9.711  1.00 20.49 ? 324 HOH A O   1 
HETATM 1123 O  O   . HOH E 4 .   ? 9.013   -12.656 -6.139  1.00 38.17 ? 325 HOH A O   1 
HETATM 1124 O  O   . HOH E 4 .   ? -5.239  15.217  -3.582  1.00 21.01 ? 326 HOH A O   1 
HETATM 1125 O  O   . HOH E 4 .   ? 14.699  7.202   5.376   1.00 33.28 ? 327 HOH A O   1 
HETATM 1126 O  O   . HOH E 4 .   ? -18.470 -0.734  -3.106  1.00 25.74 ? 328 HOH A O   1 
HETATM 1127 O  O   . HOH E 4 .   ? -0.812  13.124  -11.791 1.00 25.87 ? 329 HOH A O   1 
HETATM 1128 O  O   . HOH E 4 .   ? -5.943  -17.110 4.082   1.00 14.58 ? 330 HOH A O   1 
HETATM 1129 O  O   . HOH E 4 .   ? -13.428 -5.341  2.572   1.00 12.95 ? 331 HOH A O   1 
HETATM 1130 O  O   . HOH E 4 .   ? -5.932  -6.671  -16.061 1.00 33.63 ? 332 HOH A O   1 
HETATM 1131 O  O   . HOH E 4 .   ? -3.692  -20.202 -6.631  1.00 29.53 ? 333 HOH A O   1 
HETATM 1132 O  O   . HOH E 4 .   ? 11.550  4.273   7.211   1.00 20.77 ? 334 HOH A O   1 
HETATM 1133 O  O   . HOH E 4 .   ? 6.483   -10.245 0.218   1.00 21.94 ? 335 HOH A O   1 
HETATM 1134 O  O   . HOH E 4 .   ? -1.564  15.542  -0.908  1.00 22.77 ? 336 HOH A O   1 
HETATM 1135 O  O   . HOH E 4 .   ? 10.156  -6.673  0.432   1.00 26.78 ? 337 HOH A O   1 
HETATM 1136 O  O   . HOH E 4 .   ? -11.313 3.772   6.874   1.00 21.78 ? 338 HOH A O   1 
HETATM 1137 O  O   . HOH E 4 .   ? -15.561 1.050   -7.956  1.00 25.87 ? 339 HOH A O   1 
HETATM 1138 O  O   . HOH E 4 .   ? -17.103 -8.400  -5.065  1.00 15.59 ? 340 HOH A O   1 
HETATM 1139 O  O   . HOH E 4 .   ? -5.634  -11.468 7.743   1.00 22.32 ? 341 HOH A O   1 
HETATM 1140 O  O   . HOH E 4 .   ? 1.652   -8.469  8.493   1.00 18.69 ? 342 HOH A O   1 
HETATM 1141 O  O   . HOH E 4 .   ? -3.618  12.183  -13.382 1.00 31.58 ? 343 HOH A O   1 
HETATM 1142 O  O   . HOH E 4 .   ? 11.435  -1.839  14.716  1.00 34.85 ? 344 HOH A O   1 
HETATM 1143 O  O   . HOH E 4 .   ? 8.256   4.256   13.993  1.00 31.32 ? 345 HOH A O   1 
HETATM 1144 O  O   . HOH E 4 .   ? -10.339 6.508   -1.023  1.00 21.29 ? 346 HOH A O   1 
HETATM 1145 O  O   . HOH E 4 .   ? -8.844  -0.189  -4.836  1.00 19.14 ? 347 HOH A O   1 
HETATM 1146 O  O   . HOH E 4 .   ? 7.122   -7.250  11.725  1.00 31.03 ? 348 HOH A O   1 
HETATM 1147 O  O   . HOH E 4 .   ? 2.008   2.933   14.796  1.00 25.24 ? 349 HOH A O   1 
HETATM 1148 O  O   . HOH E 4 .   ? -14.081 5.635   3.641   1.00 30.95 ? 350 HOH A O   1 
HETATM 1149 O  O   . HOH E 4 .   ? -8.504  4.761   -4.733  1.00 24.63 ? 351 HOH A O   1 
HETATM 1150 O  O   . HOH E 4 .   ? -1.188  -2.571  14.200  1.00 28.03 ? 352 HOH A O   1 
HETATM 1151 O  O   . HOH E 4 .   ? 6.338   0.091   -9.888  1.00 19.83 ? 353 HOH A O   1 
HETATM 1152 O  O   . HOH E 4 .   ? -11.759 1.509   2.821   1.00 23.10 ? 354 HOH A O   1 
HETATM 1153 O  O   . HOH E 4 .   ? -19.349 1.441   -16.792 1.00 28.79 ? 355 HOH A O   1 
HETATM 1154 O  O   . HOH E 4 .   ? -4.661  -14.968 -6.810  1.00 13.86 ? 356 HOH A O   1 
HETATM 1155 O  O   . HOH E 4 .   ? -10.827 -2.617  9.893   1.00 14.75 ? 357 HOH A O   1 
HETATM 1156 O  O   . HOH E 4 .   ? -15.299 -2.502  -7.529  1.00 16.12 ? 358 HOH A O   1 
HETATM 1157 O  O   . HOH E 4 .   ? 4.573   -9.427  2.027   1.00 20.28 ? 359 HOH A O   1 
HETATM 1158 O  O   . HOH E 4 .   ? 4.688   13.159  -4.894  1.00 22.60 ? 360 HOH A O   1 
HETATM 1159 O  O   . HOH E 4 .   ? -5.193  -2.386  -8.735  1.00 27.87 ? 361 HOH A O   1 
HETATM 1160 O  O   . HOH E 4 .   ? -8.290  -22.003 -7.272  1.00 22.64 ? 362 HOH A O   1 
HETATM 1161 O  O   . HOH E 4 .   ? -15.149 -8.704  -11.543 1.00 24.32 ? 363 HOH A O   1 
HETATM 1162 O  O   . HOH E 4 .   ? -0.156  -10.545 7.723   1.00 21.61 ? 364 HOH A O   1 
HETATM 1163 O  O   . HOH E 4 .   ? -2.149  -3.411  1.135   1.00 13.69 ? 365 HOH A O   1 
HETATM 1164 O  O   . HOH E 4 .   ? -4.172  -0.292  -6.114  1.00 24.87 ? 366 HOH A O   1 
HETATM 1165 O  O   . HOH E 4 .   ? -0.717  20.185  -2.784  1.00 24.40 ? 367 HOH A O   1 
HETATM 1166 O  O   . HOH E 4 .   ? -0.387  -10.639 11.422  1.00 36.01 ? 368 HOH A O   1 
HETATM 1167 O  O   . HOH E 4 .   ? -12.612 -16.194 -10.165 1.00 32.24 ? 369 HOH A O   1 
HETATM 1168 O  O   . HOH E 4 .   ? -1.822  13.921  -8.455  1.00 15.94 ? 370 HOH A O   1 
HETATM 1169 O  O   . HOH E 4 .   ? 11.932  8.134   -6.483  1.00 20.01 ? 371 HOH A O   1 
HETATM 1170 O  O   . HOH E 4 .   ? -9.821  -4.893  -14.015 1.00 22.81 ? 372 HOH A O   1 
HETATM 1171 O  O   . HOH E 4 .   ? 4.986   15.713  -4.396  1.00 22.45 ? 373 HOH A O   1 
HETATM 1172 O  O   . HOH E 4 .   ? -9.771  3.606   14.358  1.00 33.10 ? 374 HOH A O   1 
HETATM 1173 O  O   . HOH E 4 .   ? -1.355  -7.085  -9.788  1.00 21.60 ? 375 HOH A O   1 
HETATM 1174 O  O   . HOH E 4 .   ? -14.719 -6.036  -2.199  1.00 17.59 ? 376 HOH A O   1 
HETATM 1175 O  O   . HOH E 4 .   ? -0.126  17.314  -8.993  1.00 25.41 ? 377 HOH A O   1 
HETATM 1176 O  O   . HOH E 4 .   ? -10.099 7.999   1.336   1.00 24.31 ? 378 HOH A O   1 
HETATM 1177 O  O   . HOH E 4 .   ? -4.531  -19.730 -12.460 0.50 23.65 ? 379 HOH A O   1 
HETATM 1178 O  O   . HOH E 4 .   ? -15.854 -1.849  -4.880  1.00 22.84 ? 380 HOH A O   1 
HETATM 1179 O  O   . HOH E 4 .   ? 17.027  6.941   2.749   1.00 31.37 ? 381 HOH A O   1 
HETATM 1180 O  O   . HOH E 4 .   ? -0.346  -12.143 -13.782 1.00 30.62 ? 382 HOH A O   1 
HETATM 1181 O  O   . HOH E 4 .   ? 6.321   -16.130 -6.638  1.00 33.16 ? 383 HOH A O   1 
HETATM 1182 O  O   . HOH E 4 .   ? -3.127  11.088  13.490  1.00 26.99 ? 384 HOH A O   1 
HETATM 1183 O  O   . HOH E 4 .   ? -9.393  7.168   7.917   1.00 27.10 ? 385 HOH A O   1 
HETATM 1184 O  O   . HOH E 4 .   ? -0.438  -18.810 -12.873 1.00 29.46 ? 386 HOH A O   1 
HETATM 1185 O  O   . HOH E 4 .   ? -8.404  -13.901 -15.055 1.00 36.65 ? 387 HOH A O   1 
HETATM 1186 O  O   . HOH E 4 .   ? -7.753  13.971  -4.162  1.00 17.90 ? 388 HOH A O   1 
HETATM 1187 O  O   . HOH E 4 .   ? -3.523  1.026   -8.814  1.00 24.33 ? 389 HOH A O   1 
HETATM 1188 O  O   . HOH E 4 .   ? 3.660   20.465  -4.580  1.00 36.33 ? 390 HOH A O   1 
HETATM 1189 O  O   . HOH E 4 .   ? -3.390  -14.352 6.385   1.00 18.96 ? 391 HOH A O   1 
HETATM 1190 O  O   . HOH E 4 .   ? -7.909  -5.744  12.138  1.00 20.33 ? 392 HOH A O   1 
HETATM 1191 O  O   . HOH E 4 .   ? -1.068  -3.778  -6.641  1.00 20.54 ? 393 HOH A O   1 
HETATM 1192 O  O   . HOH E 4 .   ? 2.020   12.096  -14.067 1.00 22.25 ? 394 HOH A O   1 
HETATM 1193 O  O   . HOH E 4 .   ? -1.495  -5.416  15.214  1.00 32.46 ? 395 HOH A O   1 
HETATM 1194 O  O   . HOH E 4 .   ? -1.904  -16.327 -7.134  1.00 18.03 ? 396 HOH A O   1 
HETATM 1195 O  O   . HOH E 4 .   ? -4.496  -12.907 -13.933 1.00 32.66 ? 397 HOH A O   1 
HETATM 1196 O  O   . HOH E 4 .   ? -2.786  8.594   14.848  1.00 22.18 ? 398 HOH A O   1 
HETATM 1197 O  O   . HOH E 4 .   ? -15.128 -15.379 -4.493  1.00 19.48 ? 399 HOH A O   1 
HETATM 1198 O  O   . HOH E 4 .   ? -3.834  -1.764  17.430  1.00 33.85 ? 400 HOH A O   1 
HETATM 1199 O  O   . HOH E 4 .   ? 1.333   19.692  -8.917  1.00 31.17 ? 401 HOH A O   1 
HETATM 1200 O  O   . HOH E 4 .   ? -5.540  -8.802  12.028  1.00 19.33 ? 402 HOH A O   1 
HETATM 1201 O  O   . HOH E 4 .   ? 9.939   11.981  -2.025  1.00 18.56 ? 403 HOH A O   1 
HETATM 1202 O  O   . HOH E 4 .   ? 14.240  4.352   5.862   1.00 29.86 ? 404 HOH A O   1 
HETATM 1203 O  O   . HOH E 4 .   ? -17.525 -12.550 -5.662  1.00 17.96 ? 405 HOH A O   1 
HETATM 1204 O  O   . HOH E 4 .   ? -0.232  -6.629  6.137   1.00 15.35 ? 406 HOH A O   1 
HETATM 1205 O  O   . HOH E 4 .   ? -0.269  -4.090  -9.744  1.00 27.94 ? 407 HOH A O   1 
HETATM 1206 O  O   . HOH E 4 .   ? 6.846   13.639  3.078   1.00 18.44 ? 408 HOH A O   1 
HETATM 1207 O  O   . HOH E 4 .   ? -11.794 -2.450  -12.387 1.00 28.34 ? 409 HOH A O   1 
HETATM 1208 O  O   . HOH E 4 .   ? -5.488  -20.865 -2.973  1.00 14.27 ? 410 HOH A O   1 
HETATM 1209 O  O   . HOH E 4 .   ? -3.144  -18.215 -10.217 1.00 24.40 ? 411 HOH A O   1 
HETATM 1210 O  O   . HOH E 4 .   ? 3.945   8.583   -15.010 1.00 28.23 ? 412 HOH A O   1 
HETATM 1211 O  O   . HOH E 4 .   ? -11.390 -0.358  -1.465  1.00 19.80 ? 413 HOH A O   1 
HETATM 1212 O  O   . HOH E 4 .   ? 4.150   -16.610 -8.472  1.00 24.85 ? 414 HOH A O   1 
HETATM 1213 O  O   . HOH E 4 .   ? 7.214   14.048  -2.881  1.00 22.58 ? 415 HOH A O   1 
HETATM 1214 O  O   . HOH E 4 .   ? -9.914  -0.251  14.140  1.00 24.58 ? 416 HOH A O   1 
HETATM 1215 O  O   . HOH E 4 .   ? -13.371 9.396   6.116   1.00 32.67 ? 417 HOH A O   1 
HETATM 1216 O  O   . HOH E 4 .   ? 5.582   17.708  -0.103  1.00 29.98 ? 418 HOH A O   1 
HETATM 1217 O  O   . HOH E 4 .   ? -12.143 -1.025  -9.600  1.00 30.85 ? 419 HOH A O   1 
HETATM 1218 O  O   . HOH E 4 .   ? -0.692  11.502  -14.427 1.00 27.02 ? 420 HOH A O   1 
HETATM 1219 O  O   . HOH E 4 .   ? 2.729   -0.039  -12.983 1.00 31.55 ? 421 HOH A O   1 
HETATM 1220 O  O   . HOH E 4 .   ? 1.373   -17.848 -0.426  1.00 19.49 ? 422 HOH A O   1 
HETATM 1221 O  O   . HOH E 4 .   ? -12.929 2.255   5.366   1.00 18.96 ? 423 HOH A O   1 
HETATM 1222 O  O   . HOH E 4 .   ? -11.181 -13.706 -14.308 1.00 33.83 ? 424 HOH A O   1 
HETATM 1223 O  O   . HOH E 4 .   ? -15.971 1.830   -16.487 1.00 31.32 ? 425 HOH A O   1 
HETATM 1224 O  O   . HOH E 4 .   ? 1.449   12.280  16.576  1.00 29.92 ? 426 HOH A O   1 
HETATM 1225 O  O   . HOH E 4 .   ? 0.672   -19.279 -4.825  1.00 19.58 ? 427 HOH A O   1 
HETATM 1226 O  O   . HOH E 4 .   ? 4.326   -6.794  -12.751 1.00 31.89 ? 428 HOH A O   1 
HETATM 1227 O  O   . HOH E 4 .   ? -1.507  -18.710 -0.437  1.00 15.95 ? 429 HOH A O   1 
HETATM 1228 O  O   . HOH E 4 .   ? 1.765   -2.542  12.208  1.00 19.23 ? 430 HOH A O   1 
HETATM 1229 O  O   . HOH E 4 .   ? -10.302 -3.956  13.257  1.00 29.46 ? 431 HOH A O   1 
HETATM 1230 O  O   . HOH E 4 .   ? 16.413  10.932  -1.760  1.00 36.26 ? 432 HOH A O   1 
HETATM 1231 O  O   . HOH E 4 .   ? -9.781  -19.294 -10.107 1.00 30.69 ? 433 HOH A O   1 
HETATM 1232 O  O   . HOH E 4 .   ? 0.448   0.899   15.359  1.00 30.08 ? 434 HOH A O   1 
HETATM 1233 O  O   . HOH E 4 .   ? 0.808   -13.681 -15.689 1.00 43.01 ? 435 HOH A O   1 
HETATM 1234 O  O   . HOH E 4 .   ? -7.705  3.177   -6.907  1.00 27.56 ? 436 HOH A O   1 
HETATM 1235 O  O   . HOH E 4 .   ? -0.114  -18.164 -8.200  1.00 29.17 ? 437 HOH A O   1 
HETATM 1236 O  O   . HOH E 4 .   ? 2.539   -18.066 2.322   1.00 32.23 ? 438 HOH A O   1 
HETATM 1237 O  O   . HOH E 4 .   ? 5.010   1.843   14.812  1.00 32.46 ? 439 HOH A O   1 
HETATM 1238 O  O   . HOH E 4 .   ? -7.078  -19.326 -10.476 1.00 29.15 ? 440 HOH A O   1 
HETATM 1239 O  O   . HOH E 4 .   ? -6.469  -10.952 -13.765 0.33 18.21 ? 441 HOH A O   1 
HETATM 1240 O  O   . HOH E 4 .   ? 3.441   -17.126 -15.671 1.00 32.33 ? 442 HOH A O   1 
HETATM 1241 O  O   . HOH E 4 .   ? 5.112   -0.908  -11.989 1.00 27.98 ? 443 HOH A O   1 
HETATM 1242 O  O   . HOH E 4 .   ? -13.887 9.262   3.090   1.00 31.75 ? 444 HOH A O   1 
HETATM 1243 O  O   . HOH E 4 .   ? 3.498   15.764  -10.535 1.00 21.43 ? 445 HOH A O   1 
HETATM 1244 O  O   . HOH E 4 .   ? 3.175   -19.437 -1.929  1.00 37.73 ? 446 HOH A O   1 
HETATM 1245 O  O   . HOH E 4 .   ? -0.305  -20.756 -2.405  1.00 35.69 ? 447 HOH A O   1 
HETATM 1246 O  O   . HOH E 4 .   ? -4.804  -11.348 10.292  1.00 25.55 ? 448 HOH A O   1 
HETATM 1247 O  O   . HOH E 4 .   ? 0.842   -1.310  14.000  1.00 36.05 ? 449 HOH A O   1 
HETATM 1248 O  O   . HOH E 4 .   ? 6.275   17.855  -5.666  1.00 29.19 ? 450 HOH A O   1 
HETATM 1249 O  O   . HOH E 4 .   ? -2.348  -22.619 -3.226  1.00 35.66 ? 451 HOH A O   1 
HETATM 1250 O  O   . HOH E 4 .   ? -3.196  17.304  3.005   1.00 30.15 ? 452 HOH A O   1 
HETATM 1251 O  O   . HOH E 4 .   ? -6.837  11.901  7.639   1.00 27.83 ? 453 HOH A O   1 
HETATM 1252 O  O   . HOH E 4 .   ? -4.576  15.592  -0.837  1.00 21.88 ? 454 HOH A O   1 
HETATM 1253 O  O   . HOH E 4 .   ? -0.963  20.614  -5.726  1.00 29.94 ? 455 HOH A O   1 
HETATM 1254 O  O   . HOH E 4 .   ? -12.736 -18.954 -8.463  1.00 31.48 ? 456 HOH A O   1 
HETATM 1255 O  O   . HOH E 4 .   ? 9.957   12.213  19.832  1.00 34.33 ? 457 HOH A O   1 
HETATM 1256 O  O   . HOH E 4 .   ? 4.698   -20.048 -9.811  1.00 36.37 ? 458 HOH A O   1 
HETATM 1257 O  O   . HOH E 4 .   ? 1.503   14.603  -12.243 1.00 24.09 ? 459 HOH A O   1 
HETATM 1258 O  O   . HOH E 4 .   ? 4.602   -11.624 6.339   1.00 40.36 ? 460 HOH A O   1 
HETATM 1259 O  O   . HOH E 4 .   ? 5.620   -10.978 4.297   1.00 21.99 ? 461 HOH A O   1 
HETATM 1260 O  O   . HOH E 4 .   ? -1.759  -20.189 -8.858  1.00 28.37 ? 462 HOH A O   1 
HETATM 1261 O  O   . HOH E 4 .   ? 10.685  -9.919  -5.794  1.00 44.05 ? 463 HOH A O   1 
HETATM 1262 O  O   . HOH E 4 .   ? -5.656  -22.084 -5.317  1.00 27.76 ? 464 HOH A O   1 
HETATM 1263 O  O   . HOH E 4 .   ? 8.807   -8.746  -7.689  1.00 34.48 ? 465 HOH A O   1 
HETATM 1264 O  O   . HOH E 4 .   ? 1.494   -15.040 5.323   1.00 26.62 ? 466 HOH A O   1 
HETATM 1265 O  O   . HOH E 4 .   ? -8.446  -2.897  15.677  1.00 33.07 ? 467 HOH A O   1 
HETATM 1266 O  O   . HOH E 4 .   ? -0.997  -15.672 6.641   1.00 29.96 ? 468 HOH A O   1 
HETATM 1267 O  O   . HOH E 4 .   ? 2.125   -12.521 6.986   1.00 26.36 ? 469 HOH A O   1 
HETATM 1268 O  O   . HOH E 4 .   ? -1.124  -22.457 -7.262  0.50 35.07 ? 470 HOH A O   1 
HETATM 1269 O  O   . HOH E 4 .   ? 3.742   -22.257 -2.296  1.00 38.40 ? 471 HOH A O   1 
HETATM 1270 O  O   . HOH E 4 .   ? 2.839   -22.783 -4.873  1.00 38.10 ? 472 HOH A O   1 
# 
